data_2VBA
#
_entry.id   2VBA
#
_cell.length_a   58.950
_cell.length_b   139.480
_cell.length_c   212.170
_cell.angle_alpha   90.00
_cell.angle_beta   90.00
_cell.angle_gamma   90.00
#
_symmetry.space_group_name_H-M   'P 21 21 21'
#
loop_
_entity.id
_entity.type
_entity.pdbx_description
1 polymer '3-OXOACYL-[ACYL-CARRIER-PROTEIN] SYNTHASE 1'
2 non-polymer '2-PHENYLAMINO-4-METHYL-5-ACETYL THIAZOLE'
3 water water
#
_entity_poly.entity_id   1
_entity_poly.type   'polypeptide(L)'
_entity_poly.pdbx_seq_one_letter_code
;MKRAVITGLGIVSSIGNNQQEVLASLREGRSGITFSQELKDSGMRSHVWGNVKLDTTGLIDRKVVRFMSDASIYAFLSME
QAIADAGLSPEAYQNNPRVGLIAGSGGGSPRFQVFGADAMRGPRGLKAVGPYVVTKAMASGVSACLATPFKIHGVNYSIS
SACATSAHCIGNAVEQIQLGKQDIVFAGGGEELCWEMACEFDAMGALSTKYNDTPEKASRTYDAHRDGFVIAGGGGMVVV
EELEHALARGAHIYAEIVGYGATSDGADMVAPSGEGAVRCMKMAMHGVDTPIDYLNSHGTSTPVGDVKELAAIREVFGDK
SPAISATKAMTGHSLGAAGVQEAIYSLLMLEHGFIAPSINIEELDEQAAGLNIVTETTDRELTTVMSNSFGFGGTNATLV
MRKLKD
;
_entity_poly.pdbx_strand_id   A,B,C,D
#
# COMPACT_ATOMS: atom_id res chain seq x y z
N MET A 1 33.48 -8.01 -44.29
CA MET A 1 32.47 -7.37 -43.37
C MET A 1 33.11 -7.12 -42.02
N LYS A 2 32.75 -6.02 -41.34
CA LYS A 2 33.32 -5.74 -40.01
C LYS A 2 32.90 -6.81 -39.02
N ARG A 3 33.84 -7.18 -38.16
CA ARG A 3 33.66 -8.23 -37.15
C ARG A 3 33.40 -7.60 -35.79
N ALA A 4 32.59 -8.28 -34.98
CA ALA A 4 32.16 -7.77 -33.68
C ALA A 4 32.62 -8.71 -32.58
N VAL A 5 33.23 -8.13 -31.54
CA VAL A 5 33.70 -8.89 -30.40
C VAL A 5 33.09 -8.34 -29.11
N ILE A 6 33.16 -9.14 -28.06
CA ILE A 6 32.73 -8.71 -26.73
C ILE A 6 33.96 -8.40 -25.89
N THR A 7 34.04 -7.15 -25.39
CA THR A 7 35.21 -6.67 -24.67
C THR A 7 34.94 -6.35 -23.23
N GLY A 8 33.71 -6.54 -22.76
CA GLY A 8 33.41 -6.30 -21.36
C GLY A 8 32.06 -6.85 -21.05
N LEU A 9 31.85 -7.19 -19.78
CA LEU A 9 30.56 -7.67 -19.37
C LEU A 9 30.24 -7.25 -17.94
N GLY A 10 28.94 -7.18 -17.65
CA GLY A 10 28.47 -6.81 -16.33
C GLY A 10 27.14 -7.46 -16.10
N ILE A 11 26.87 -7.80 -14.84
CA ILE A 11 25.67 -8.59 -14.57
C ILE A 11 25.22 -8.43 -13.14
N VAL A 12 23.89 -8.35 -12.98
CA VAL A 12 23.30 -8.41 -11.65
C VAL A 12 22.18 -9.47 -11.79
N SER A 13 22.39 -10.61 -11.15
CA SER A 13 21.53 -11.76 -11.38
C SER A 13 21.11 -12.41 -10.09
N SER A 14 20.15 -13.31 -10.20
CA SER A 14 19.74 -14.12 -9.04
C SER A 14 20.89 -14.98 -8.51
N ILE A 15 21.89 -15.25 -9.34
CA ILE A 15 23.02 -16.10 -8.93
C ILE A 15 24.30 -15.28 -8.75
N GLY A 16 24.23 -13.95 -8.73
CA GLY A 16 25.41 -13.20 -8.34
C GLY A 16 25.32 -11.76 -8.80
N ASN A 17 25.97 -10.88 -8.03
CA ASN A 17 25.92 -9.44 -8.26
C ASN A 17 27.06 -8.92 -9.10
N ASN A 18 27.91 -9.82 -9.60
CA ASN A 18 29.03 -9.45 -10.47
C ASN A 18 29.52 -10.75 -11.10
N GLN A 19 30.47 -10.66 -12.01
CA GLN A 19 30.85 -11.89 -12.74
C GLN A 19 31.60 -12.87 -11.88
N GLN A 20 32.25 -12.42 -10.78
CA GLN A 20 32.93 -13.37 -9.89
C GLN A 20 31.91 -14.25 -9.17
N GLU A 21 30.86 -13.63 -8.63
CA GLU A 21 29.83 -14.40 -7.94
C GLU A 21 29.08 -15.30 -8.93
N VAL A 22 28.78 -14.78 -10.12
CA VAL A 22 28.08 -15.59 -11.10
C VAL A 22 28.93 -16.81 -11.49
N LEU A 23 30.21 -16.59 -11.74
CA LEU A 23 31.09 -17.72 -12.08
C LEU A 23 31.08 -18.79 -10.98
N ALA A 24 31.21 -18.37 -9.73
CA ALA A 24 31.18 -19.34 -8.65
C ALA A 24 29.86 -20.09 -8.58
N SER A 25 28.74 -19.38 -8.77
CA SER A 25 27.44 -20.07 -8.75
C SER A 25 27.34 -21.08 -9.88
N LEU A 26 27.78 -20.69 -11.07
CA LEU A 26 27.68 -21.60 -12.23
C LEU A 26 28.52 -22.85 -11.96
N ARG A 27 29.73 -22.68 -11.42
CA ARG A 27 30.59 -23.86 -11.14
C ARG A 27 29.99 -24.74 -10.06
N GLU A 28 29.28 -24.13 -9.10
CA GLU A 28 28.78 -24.88 -7.96
C GLU A 28 27.38 -25.45 -8.22
N GLY A 29 26.76 -25.06 -9.32
CA GLY A 29 25.36 -25.41 -9.58
C GLY A 29 24.41 -24.86 -8.53
N ARG A 30 24.69 -23.64 -8.08
CA ARG A 30 23.97 -23.04 -6.96
C ARG A 30 22.72 -22.31 -7.41
N SER A 31 21.58 -22.71 -6.85
CA SER A 31 20.31 -22.08 -7.17
C SER A 31 20.26 -20.63 -6.68
N GLY A 32 19.65 -19.77 -7.49
CA GLY A 32 19.32 -18.40 -7.05
C GLY A 32 17.86 -18.20 -6.67
N ILE A 33 17.11 -19.28 -6.52
CA ILE A 33 15.68 -19.18 -6.30
C ILE A 33 15.35 -19.23 -4.83
N THR A 34 14.48 -18.32 -4.40
CA THR A 34 14.05 -18.25 -3.01
C THR A 34 12.52 -18.12 -2.91
N PHE A 35 12.00 -18.38 -1.72
CA PHE A 35 10.59 -18.15 -1.43
C PHE A 35 10.34 -16.65 -1.40
N SER A 36 9.20 -16.22 -1.92
CA SER A 36 8.82 -14.80 -1.93
C SER A 36 7.54 -14.56 -1.17
N GLN A 37 7.63 -13.89 -0.01
CA GLN A 37 6.44 -13.52 0.70
C GLN A 37 5.62 -12.52 -0.12
N GLU A 38 6.28 -11.67 -0.92
CA GLU A 38 5.53 -10.73 -1.74
C GLU A 38 4.61 -11.45 -2.72
N LEU A 39 5.14 -12.46 -3.40
CA LEU A 39 4.28 -13.18 -4.35
C LEU A 39 3.14 -13.86 -3.61
N LYS A 40 3.44 -14.51 -2.49
CA LYS A 40 2.37 -15.15 -1.73
C LYS A 40 1.32 -14.15 -1.26
N ASP A 41 1.77 -13.01 -0.72
CA ASP A 41 0.84 -12.02 -0.19
C ASP A 41 -0.08 -11.48 -1.26
N SER A 42 0.41 -11.45 -2.51
CA SER A 42 -0.40 -10.90 -3.61
C SER A 42 -1.54 -11.82 -4.03
N GLY A 43 -1.58 -13.07 -3.54
CA GLY A 43 -2.65 -13.98 -3.95
C GLY A 43 -2.22 -14.97 -5.04
N MET A 44 -0.95 -14.94 -5.41
CA MET A 44 -0.45 -15.84 -6.46
C MET A 44 -0.35 -17.29 -5.95
N ARG A 45 -0.30 -18.23 -6.91
CA ARG A 45 -0.06 -19.62 -6.61
C ARG A 45 1.43 -19.94 -6.64
N SER A 46 2.19 -19.21 -7.47
CA SER A 46 3.62 -19.35 -7.49
C SER A 46 4.25 -18.44 -6.42
N HIS A 47 5.04 -19.01 -5.51
CA HIS A 47 5.61 -18.24 -4.38
C HIS A 47 7.13 -18.25 -4.39
N VAL A 48 7.71 -18.41 -5.59
CA VAL A 48 9.14 -18.54 -5.68
C VAL A 48 9.66 -17.61 -6.75
N TRP A 49 10.90 -17.12 -6.61
CA TRP A 49 11.44 -16.19 -7.61
C TRP A 49 12.94 -16.17 -7.57
N GLY A 50 13.51 -15.70 -8.68
CA GLY A 50 14.95 -15.52 -8.73
C GLY A 50 15.24 -14.04 -8.50
N ASN A 51 15.43 -13.71 -7.22
CA ASN A 51 15.59 -12.31 -6.83
C ASN A 51 17.03 -11.83 -6.86
N VAL A 52 17.19 -10.53 -7.05
CA VAL A 52 18.49 -9.91 -6.92
C VAL A 52 18.76 -9.65 -5.44
N LYS A 53 19.85 -10.22 -4.92
CA LYS A 53 20.16 -10.17 -3.50
C LYS A 53 21.20 -9.09 -3.27
N LEU A 54 20.74 -7.84 -3.34
CA LEU A 54 21.63 -6.69 -3.31
C LEU A 54 20.85 -5.51 -2.82
N ASP A 55 21.39 -4.80 -1.83
CA ASP A 55 20.77 -3.55 -1.40
C ASP A 55 21.28 -2.48 -2.36
N THR A 56 20.40 -1.96 -3.21
CA THR A 56 20.84 -0.99 -4.23
C THR A 56 20.83 0.46 -3.70
N THR A 57 20.46 0.66 -2.44
CA THR A 57 20.39 2.02 -1.87
C THR A 57 21.71 2.76 -2.04
N GLY A 58 21.64 3.95 -2.61
CA GLY A 58 22.83 4.80 -2.75
C GLY A 58 23.84 4.39 -3.80
N LEU A 59 23.60 3.31 -4.56
CA LEU A 59 24.54 2.91 -5.60
C LEU A 59 24.49 3.79 -6.83
N ILE A 60 23.39 4.52 -7.02
CA ILE A 60 23.23 5.39 -8.18
C ILE A 60 22.90 6.79 -7.68
N ASP A 61 23.53 7.81 -8.26
CA ASP A 61 23.31 9.18 -7.80
C ASP A 61 21.83 9.54 -7.84
N ARG A 62 21.38 10.30 -6.83
CA ARG A 62 19.98 10.66 -6.73
C ARG A 62 19.40 11.25 -8.02
N LYS A 63 20.11 12.17 -8.67
CA LYS A 63 19.51 12.83 -9.84
C LYS A 63 19.42 11.91 -11.07
N VAL A 64 20.12 10.80 -11.01
CA VAL A 64 20.09 9.80 -12.07
C VAL A 64 18.99 8.77 -11.77
N VAL A 65 18.97 8.26 -10.54
CA VAL A 65 18.09 7.16 -10.20
C VAL A 65 16.64 7.62 -10.07
N ARG A 66 16.41 8.94 -9.90
CA ARG A 66 15.04 9.41 -9.76
C ARG A 66 14.20 9.08 -11.00
N PHE A 67 14.83 8.90 -12.15
CA PHE A 67 14.11 8.58 -13.39
C PHE A 67 13.84 7.09 -13.58
N MET A 68 14.42 6.25 -12.73
CA MET A 68 14.58 4.82 -13.05
C MET A 68 13.61 3.89 -12.35
N SER A 69 13.15 2.87 -13.08
CA SER A 69 12.57 1.69 -12.46
C SER A 69 13.65 0.65 -12.16
N ASP A 70 13.28 -0.48 -11.55
CA ASP A 70 14.29 -1.46 -11.19
C ASP A 70 14.97 -2.06 -12.41
N ALA A 71 14.27 -2.23 -13.54
CA ALA A 71 14.96 -2.78 -14.73
C ALA A 71 16.13 -1.85 -15.08
N SER A 72 15.89 -0.54 -15.06
CA SER A 72 16.95 0.41 -15.35
C SER A 72 18.06 0.42 -14.30
N ILE A 73 17.70 0.31 -13.01
CA ILE A 73 18.72 0.21 -12.00
C ILE A 73 19.64 -0.99 -12.27
N TYR A 74 19.05 -2.17 -12.52
CA TYR A 74 19.89 -3.35 -12.71
C TYR A 74 20.74 -3.23 -13.98
N ALA A 75 20.15 -2.70 -15.05
CA ALA A 75 20.91 -2.51 -16.32
C ALA A 75 22.01 -1.48 -16.11
N PHE A 76 21.74 -0.45 -15.34
CA PHE A 76 22.75 0.61 -15.09
C PHE A 76 23.95 0.06 -14.32
N LEU A 77 23.67 -0.70 -13.25
CA LEU A 77 24.76 -1.32 -12.48
C LEU A 77 25.56 -2.28 -13.34
N SER A 78 24.86 -3.05 -14.18
CA SER A 78 25.55 -3.93 -15.10
C SER A 78 26.41 -3.16 -16.09
N MET A 79 25.91 -2.02 -16.58
CA MET A 79 26.71 -1.20 -17.50
C MET A 79 27.95 -0.64 -16.85
N GLU A 80 27.84 -0.19 -15.60
CA GLU A 80 29.04 0.28 -14.88
C GLU A 80 30.07 -0.83 -14.81
N GLN A 81 29.63 -2.06 -14.48
CA GLN A 81 30.55 -3.19 -14.42
C GLN A 81 31.18 -3.42 -15.79
N ALA A 82 30.37 -3.36 -16.84
CA ALA A 82 30.88 -3.66 -18.19
C ALA A 82 31.93 -2.65 -18.64
N ILE A 83 31.69 -1.37 -18.34
CA ILE A 83 32.62 -0.31 -18.68
C ILE A 83 33.96 -0.52 -17.98
N ALA A 84 33.91 -0.86 -16.70
CA ALA A 84 35.14 -1.08 -15.96
C ALA A 84 35.84 -2.31 -16.52
N ASP A 85 35.08 -3.37 -16.78
CA ASP A 85 35.66 -4.60 -17.34
C ASP A 85 36.31 -4.35 -18.71
N ALA A 86 35.71 -3.47 -19.52
CA ALA A 86 36.24 -3.16 -20.84
C ALA A 86 37.40 -2.16 -20.79
N GLY A 87 37.68 -1.59 -19.61
CA GLY A 87 38.81 -0.66 -19.53
C GLY A 87 38.52 0.64 -20.25
N LEU A 88 37.25 1.06 -20.27
CA LEU A 88 36.86 2.30 -20.98
C LEU A 88 36.77 3.49 -20.04
N SER A 89 37.62 4.49 -20.27
CA SER A 89 37.56 5.74 -19.52
C SER A 89 36.36 6.55 -20.00
N PRO A 90 35.91 7.52 -19.18
CA PRO A 90 34.84 8.41 -19.66
C PRO A 90 35.16 9.02 -21.01
N GLU A 91 36.41 9.40 -21.22
CA GLU A 91 36.82 10.04 -22.46
C GLU A 91 36.73 9.12 -23.68
N ALA A 92 36.82 7.82 -23.44
CA ALA A 92 36.74 6.84 -24.51
C ALA A 92 35.30 6.63 -25.00
N TYR A 93 34.29 6.68 -24.13
CA TYR A 93 32.95 6.30 -24.60
C TYR A 93 31.92 7.41 -24.52
N GLN A 94 32.17 8.46 -23.73
CA GLN A 94 31.20 9.56 -23.59
C GLN A 94 31.29 10.55 -24.74
N ASN A 95 30.14 11.15 -25.06
CA ASN A 95 30.09 12.22 -26.05
C ASN A 95 30.73 11.82 -27.37
N ASN A 96 30.44 10.60 -27.80
CA ASN A 96 31.14 10.00 -28.92
C ASN A 96 30.09 9.42 -29.86
N PRO A 97 29.90 10.05 -31.02
CA PRO A 97 28.86 9.56 -31.96
C PRO A 97 29.02 8.12 -32.43
N ARG A 98 30.21 7.55 -32.22
CA ARG A 98 30.51 6.16 -32.62
C ARG A 98 30.21 5.14 -31.54
N VAL A 99 29.62 5.60 -30.43
CA VAL A 99 29.33 4.71 -29.29
C VAL A 99 27.82 4.79 -29.00
N GLY A 100 27.18 3.62 -28.98
CA GLY A 100 25.74 3.54 -28.84
C GLY A 100 25.29 2.63 -27.71
N LEU A 101 23.96 2.52 -27.56
CA LEU A 101 23.37 1.73 -26.50
C LEU A 101 22.05 1.16 -27.02
N ILE A 102 21.95 -0.17 -26.96
CA ILE A 102 20.71 -0.86 -27.33
C ILE A 102 20.38 -1.82 -26.22
N ALA A 103 19.36 -1.48 -25.43
CA ALA A 103 19.08 -2.27 -24.23
C ALA A 103 17.62 -2.15 -23.91
N GLY A 104 17.01 -3.26 -23.52
CA GLY A 104 15.58 -3.28 -23.34
C GLY A 104 15.09 -4.06 -22.15
N SER A 105 13.77 -4.10 -22.01
CA SER A 105 13.11 -4.91 -21.03
C SER A 105 11.94 -5.59 -21.72
N GLY A 106 11.50 -6.69 -21.14
CA GLY A 106 10.32 -7.35 -21.68
C GLY A 106 9.00 -6.69 -21.30
N GLY A 107 8.95 -6.15 -20.09
CA GLY A 107 7.71 -5.62 -19.54
C GLY A 107 7.72 -4.13 -19.24
N GLY A 108 8.86 -3.47 -19.37
CA GLY A 108 8.95 -2.05 -18.98
C GLY A 108 8.91 -1.95 -17.47
N SER A 109 7.93 -1.21 -16.92
CA SER A 109 7.70 -1.27 -15.49
C SER A 109 6.22 -1.39 -15.15
N PRO A 110 5.71 -2.63 -15.06
CA PRO A 110 4.36 -2.81 -14.56
C PRO A 110 4.19 -2.15 -13.21
N ARG A 111 5.21 -2.21 -12.35
CA ARG A 111 5.09 -1.58 -11.05
C ARG A 111 4.80 -0.11 -11.16
N PHE A 112 5.54 0.61 -12.00
CA PHE A 112 5.31 2.06 -12.10
C PHE A 112 4.10 2.43 -12.95
N GLN A 113 3.71 1.58 -13.90
CA GLN A 113 2.44 1.84 -14.60
C GLN A 113 1.30 1.80 -13.57
N VAL A 114 1.32 0.79 -12.71
CA VAL A 114 0.29 0.63 -11.67
C VAL A 114 0.42 1.73 -10.62
N PHE A 115 1.65 2.11 -10.26
CA PHE A 115 1.83 3.19 -9.30
C PHE A 115 1.18 4.47 -9.82
N GLY A 116 1.38 4.79 -11.10
CA GLY A 116 0.84 6.04 -11.65
C GLY A 116 -0.67 6.02 -11.58
N ALA A 117 -1.27 4.91 -12.00
CA ALA A 117 -2.74 4.79 -12.00
C ALA A 117 -3.30 4.82 -10.58
N ASP A 118 -2.62 4.18 -9.65
CA ASP A 118 -3.11 4.16 -8.26
C ASP A 118 -3.02 5.58 -7.69
N ALA A 119 -1.90 6.25 -7.93
CA ALA A 119 -1.69 7.62 -7.43
C ALA A 119 -2.72 8.58 -8.00
N MET A 120 -3.01 8.43 -9.29
CA MET A 120 -3.93 9.34 -9.93
C MET A 120 -5.34 9.21 -9.33
N ARG A 121 -5.69 8.01 -8.84
CA ARG A 121 -7.00 7.72 -8.27
C ARG A 121 -7.11 8.07 -6.79
N GLY A 122 -6.02 8.56 -6.21
CA GLY A 122 -5.96 8.93 -4.80
C GLY A 122 -6.16 10.44 -4.61
N PRO A 123 -6.02 10.90 -3.36
CA PRO A 123 -6.38 12.26 -2.98
C PRO A 123 -5.46 13.34 -3.51
N ARG A 124 -4.28 12.94 -3.98
CA ARG A 124 -3.34 13.94 -4.49
C ARG A 124 -3.24 13.96 -6.00
N GLY A 125 -3.88 13.01 -6.69
CA GLY A 125 -3.93 13.07 -8.15
C GLY A 125 -2.54 13.21 -8.76
N LEU A 126 -2.39 14.17 -9.65
CA LEU A 126 -1.14 14.33 -10.40
C LEU A 126 0.06 14.60 -9.51
N LYS A 127 -0.16 15.21 -8.35
CA LYS A 127 0.95 15.48 -7.44
C LYS A 127 1.51 14.17 -6.85
N ALA A 128 0.65 13.17 -6.64
CA ALA A 128 1.14 11.86 -6.17
C ALA A 128 1.82 11.12 -7.32
N VAL A 129 1.35 11.29 -8.56
CA VAL A 129 1.98 10.62 -9.71
C VAL A 129 3.41 11.13 -9.81
N GLY A 130 3.58 12.46 -9.75
CA GLY A 130 4.89 13.06 -9.86
C GLY A 130 5.41 13.02 -11.29
N PRO A 131 6.58 13.63 -11.52
CA PRO A 131 7.08 13.87 -12.88
C PRO A 131 7.99 12.79 -13.44
N TYR A 132 8.13 11.68 -12.74
CA TYR A 132 9.10 10.67 -13.17
C TYR A 132 8.53 9.37 -13.69
N VAL A 133 7.20 9.26 -13.78
CA VAL A 133 6.62 7.97 -14.13
C VAL A 133 6.83 7.59 -15.59
N VAL A 134 6.84 8.56 -16.52
CA VAL A 134 7.04 8.17 -17.93
C VAL A 134 8.36 7.46 -18.13
N THR A 135 9.45 7.99 -17.56
CA THR A 135 10.74 7.38 -17.77
C THR A 135 10.85 6.04 -17.06
N LYS A 136 10.08 5.86 -16.00
CA LYS A 136 10.06 4.56 -15.33
C LYS A 136 9.24 3.53 -16.11
N ALA A 137 8.07 3.96 -16.62
CA ALA A 137 7.05 3.07 -17.16
C ALA A 137 7.14 2.79 -18.65
N MET A 138 7.79 3.68 -19.39
CA MET A 138 7.74 3.57 -20.87
C MET A 138 8.59 2.36 -21.30
N ALA A 139 8.26 1.82 -22.47
CA ALA A 139 8.92 0.61 -22.93
C ALA A 139 10.42 0.82 -23.14
N SER A 140 10.82 2.04 -23.47
CA SER A 140 12.24 2.36 -23.71
C SER A 140 12.95 2.87 -22.46
N GLY A 141 12.35 2.67 -21.27
CA GLY A 141 12.99 3.20 -20.06
C GLY A 141 14.43 2.78 -19.87
N VAL A 142 14.76 1.52 -20.16
CA VAL A 142 16.12 1.04 -19.89
C VAL A 142 17.14 1.80 -20.76
N SER A 143 16.84 1.99 -22.04
CA SER A 143 17.79 2.70 -22.87
C SER A 143 17.80 4.18 -22.50
N ALA A 144 16.63 4.80 -22.32
CA ALA A 144 16.59 6.21 -21.99
C ALA A 144 17.34 6.54 -20.71
N CYS A 145 17.14 5.73 -19.67
CA CYS A 145 17.71 6.03 -18.36
C CYS A 145 19.20 5.77 -18.25
N LEU A 146 19.75 5.03 -19.22
CA LEU A 146 21.21 4.78 -19.27
C LEU A 146 21.92 5.70 -20.26
N ALA A 147 21.28 5.98 -21.41
CA ALA A 147 21.96 6.80 -22.42
C ALA A 147 22.25 8.21 -21.93
N THR A 148 21.37 8.80 -21.11
CA THR A 148 21.65 10.16 -20.58
C THR A 148 22.84 10.20 -19.65
N PRO A 149 22.79 9.47 -18.52
CA PRO A 149 23.93 9.59 -17.59
C PRO A 149 25.26 9.10 -18.16
N PHE A 150 25.24 8.13 -19.08
CA PHE A 150 26.50 7.67 -19.66
C PHE A 150 26.90 8.51 -20.89
N LYS A 151 26.13 9.57 -21.18
CA LYS A 151 26.49 10.54 -22.22
C LYS A 151 26.67 9.85 -23.55
N ILE A 152 25.76 8.95 -23.91
CA ILE A 152 25.85 8.22 -25.16
C ILE A 152 25.38 9.12 -26.30
N HIS A 153 26.15 9.16 -27.41
CA HIS A 153 25.79 10.01 -28.54
C HIS A 153 25.37 9.22 -29.78
N GLY A 154 25.66 7.91 -29.81
CA GLY A 154 25.35 7.10 -30.97
C GLY A 154 23.92 6.59 -30.95
N VAL A 155 23.70 5.37 -31.42
CA VAL A 155 22.35 4.85 -31.39
C VAL A 155 21.82 4.73 -29.97
N ASN A 156 20.51 4.87 -29.80
CA ASN A 156 19.92 4.78 -28.46
C ASN A 156 18.48 4.34 -28.64
N TYR A 157 18.19 3.09 -28.33
CA TYR A 157 16.82 2.62 -28.32
C TYR A 157 16.77 1.27 -27.63
N SER A 158 15.54 0.79 -27.43
CA SER A 158 15.30 -0.49 -26.80
C SER A 158 14.74 -1.45 -27.83
N ILE A 159 15.07 -2.72 -27.76
CA ILE A 159 14.32 -3.75 -28.46
C ILE A 159 13.58 -4.54 -27.39
N SER A 160 12.37 -4.96 -27.72
CA SER A 160 11.65 -5.90 -26.86
C SER A 160 11.13 -7.02 -27.69
N SER A 161 11.23 -8.21 -27.12
CA SER A 161 10.84 -9.43 -27.79
C SER A 161 10.69 -10.52 -26.74
N ALA A 162 10.04 -10.16 -25.63
CA ALA A 162 9.79 -11.14 -24.55
C ALA A 162 11.12 -11.80 -24.15
N CYS A 163 11.19 -13.14 -24.08
CA CYS A 163 12.40 -13.83 -23.66
C CYS A 163 13.62 -13.56 -24.51
N ALA A 164 13.40 -13.09 -25.74
CA ALA A 164 14.53 -12.87 -26.64
C ALA A 164 15.06 -11.45 -26.59
N THR A 165 14.43 -10.58 -25.79
CA THR A 165 14.70 -9.13 -25.78
C THR A 165 16.18 -8.81 -25.85
N SER A 166 16.95 -9.21 -24.82
CA SER A 166 18.32 -8.70 -24.76
C SER A 166 19.24 -9.49 -25.70
N ALA A 167 18.80 -10.64 -26.23
CA ALA A 167 19.58 -11.31 -27.28
C ALA A 167 19.43 -10.55 -28.59
N HIS A 168 18.20 -10.14 -28.93
CA HIS A 168 18.06 -9.26 -30.10
C HIS A 168 18.80 -7.93 -29.91
N CYS A 169 18.89 -7.42 -28.68
CA CYS A 169 19.66 -6.20 -28.48
C CYS A 169 21.14 -6.45 -28.85
N ILE A 170 21.71 -7.57 -28.40
CA ILE A 170 23.09 -7.89 -28.76
C ILE A 170 23.22 -8.08 -30.26
N GLY A 171 22.28 -8.79 -30.89
CA GLY A 171 22.41 -9.00 -32.35
C GLY A 171 22.32 -7.69 -33.10
N ASN A 172 21.41 -6.81 -32.69
CA ASN A 172 21.30 -5.54 -33.37
C ASN A 172 22.55 -4.68 -33.16
N ALA A 173 23.19 -4.79 -31.99
CA ALA A 173 24.47 -4.13 -31.75
C ALA A 173 25.51 -4.65 -32.76
N VAL A 174 25.57 -5.96 -32.94
CA VAL A 174 26.46 -6.56 -33.94
C VAL A 174 26.15 -5.97 -35.31
N GLU A 175 24.88 -5.83 -35.67
CA GLU A 175 24.53 -5.26 -36.98
C GLU A 175 25.01 -3.83 -37.13
N GLN A 176 24.94 -3.03 -36.06
CA GLN A 176 25.46 -1.65 -36.15
C GLN A 176 26.95 -1.67 -36.47
N ILE A 177 27.68 -2.60 -35.85
CA ILE A 177 29.13 -2.72 -36.14
C ILE A 177 29.31 -3.17 -37.60
N GLN A 178 28.53 -4.17 -38.03
CA GLN A 178 28.66 -4.68 -39.41
C GLN A 178 28.37 -3.65 -40.47
N LEU A 179 27.42 -2.78 -40.19
CA LEU A 179 27.07 -1.69 -41.12
C LEU A 179 28.06 -0.54 -41.08
N GLY A 180 29.03 -0.59 -40.17
CA GLY A 180 30.06 0.44 -40.04
C GLY A 180 29.53 1.68 -39.33
N LYS A 181 28.38 1.58 -38.67
CA LYS A 181 27.76 2.78 -38.09
C LYS A 181 28.23 3.11 -36.68
N GLN A 182 28.72 2.11 -35.97
CA GLN A 182 29.19 2.28 -34.59
C GLN A 182 30.47 1.50 -34.41
N ASP A 183 31.33 1.99 -33.52
CA ASP A 183 32.52 1.23 -33.07
C ASP A 183 32.28 0.44 -31.79
N ILE A 184 31.46 0.98 -30.90
CA ILE A 184 31.07 0.28 -29.66
C ILE A 184 29.59 0.44 -29.51
N VAL A 185 28.91 -0.66 -29.15
CA VAL A 185 27.51 -0.57 -28.69
C VAL A 185 27.40 -1.34 -27.40
N PHE A 186 26.93 -0.67 -26.36
CA PHE A 186 26.56 -1.38 -25.13
C PHE A 186 25.23 -2.04 -25.34
N ALA A 187 25.16 -3.34 -25.12
CA ALA A 187 23.93 -4.06 -25.39
C ALA A 187 23.51 -4.92 -24.21
N GLY A 188 22.22 -4.96 -23.92
CA GLY A 188 21.79 -5.75 -22.79
C GLY A 188 20.36 -5.49 -22.42
N GLY A 189 20.06 -5.55 -21.12
CA GLY A 189 18.67 -5.36 -20.72
C GLY A 189 18.52 -5.49 -19.23
N GLY A 190 17.28 -5.29 -18.77
CA GLY A 190 16.94 -5.40 -17.37
C GLY A 190 15.51 -5.84 -17.23
N GLU A 191 15.17 -6.31 -16.05
CA GLU A 191 13.79 -6.70 -15.74
C GLU A 191 13.57 -6.53 -14.26
N GLU A 192 12.51 -5.83 -13.91
CA GLU A 192 12.12 -5.74 -12.49
C GLU A 192 11.45 -7.05 -12.08
N LEU A 193 11.38 -7.28 -10.78
CA LEU A 193 10.73 -8.45 -10.25
C LEU A 193 9.65 -7.96 -9.30
N CYS A 194 8.40 -8.29 -9.59
CA CYS A 194 7.29 -7.67 -8.90
C CYS A 194 6.04 -8.52 -9.06
N TRP A 195 5.16 -8.52 -8.08
CA TRP A 195 3.91 -9.25 -8.22
C TRP A 195 3.05 -8.66 -9.35
N GLU A 196 3.17 -7.35 -9.62
CA GLU A 196 2.31 -6.70 -10.62
C GLU A 196 2.45 -7.38 -11.95
N MET A 197 3.68 -7.74 -12.31
CA MET A 197 3.91 -8.46 -13.55
C MET A 197 3.80 -9.97 -13.37
N ALA A 198 4.37 -10.49 -12.28
CA ALA A 198 4.37 -11.94 -12.09
C ALA A 198 2.97 -12.53 -12.10
N CYS A 199 2.00 -11.82 -11.53
CA CYS A 199 0.65 -12.39 -11.41
C CYS A 199 0.03 -12.60 -12.80
N GLU A 200 0.48 -11.82 -13.81
CA GLU A 200 -0.07 -12.01 -15.15
C GLU A 200 0.37 -13.36 -15.72
N PHE A 201 1.62 -13.74 -15.45
CA PHE A 201 2.13 -15.04 -15.86
C PHE A 201 1.46 -16.17 -15.10
N ASP A 202 1.26 -16.00 -13.78
CA ASP A 202 0.60 -17.05 -13.01
C ASP A 202 -0.85 -17.21 -13.50
N ALA A 203 -1.50 -16.12 -13.88
CA ALA A 203 -2.90 -16.16 -14.35
C ALA A 203 -3.02 -16.93 -15.66
N MET A 204 -1.95 -17.03 -16.43
CA MET A 204 -2.02 -17.87 -17.64
C MET A 204 -1.43 -19.26 -17.40
N GLY A 205 -1.07 -19.58 -16.15
CA GLY A 205 -0.57 -20.91 -15.80
C GLY A 205 0.88 -21.16 -16.15
N ALA A 206 1.66 -20.10 -16.38
CA ALA A 206 3.02 -20.27 -16.90
C ALA A 206 4.04 -20.54 -15.82
N LEU A 207 3.73 -20.23 -14.56
CA LEU A 207 4.75 -20.30 -13.49
C LEU A 207 4.61 -21.58 -12.67
N SER A 208 5.74 -22.01 -12.11
CA SER A 208 5.79 -23.18 -11.23
C SER A 208 5.00 -22.94 -9.95
N THR A 209 4.14 -23.89 -9.57
CA THR A 209 3.35 -23.72 -8.36
C THR A 209 3.44 -24.88 -7.37
N LYS A 210 4.04 -25.99 -7.78
CA LYS A 210 3.98 -27.22 -6.95
C LYS A 210 5.16 -27.40 -6.00
N TYR A 211 6.12 -26.48 -6.06
CA TYR A 211 7.39 -26.61 -5.35
C TYR A 211 7.68 -25.44 -4.41
N ASN A 212 6.65 -24.75 -3.94
CA ASN A 212 6.88 -23.58 -3.11
C ASN A 212 7.60 -23.87 -1.80
N ASP A 213 7.43 -25.10 -1.30
CA ASP A 213 8.04 -25.48 -0.03
C ASP A 213 9.52 -25.83 -0.21
N THR A 214 9.95 -25.99 -1.47
CA THR A 214 11.35 -26.32 -1.78
C THR A 214 11.79 -25.46 -2.96
N PRO A 215 11.97 -24.15 -2.73
CA PRO A 215 12.14 -23.22 -3.86
C PRO A 215 13.26 -23.57 -4.79
N GLU A 216 14.36 -24.15 -4.27
CA GLU A 216 15.50 -24.44 -5.11
C GLU A 216 15.24 -25.55 -6.10
N LYS A 217 14.15 -26.29 -5.92
CA LYS A 217 13.79 -27.41 -6.79
C LYS A 217 12.70 -27.06 -7.80
N ALA A 218 12.17 -25.83 -7.76
CA ALA A 218 11.03 -25.48 -8.60
C ALA A 218 11.40 -25.42 -10.07
N SER A 219 12.55 -24.82 -10.38
CA SER A 219 12.98 -24.64 -11.77
C SER A 219 13.81 -25.85 -12.11
N ARG A 220 13.35 -26.63 -13.10
CA ARG A 220 13.81 -28.01 -13.26
C ARG A 220 13.68 -28.41 -14.73
N THR A 221 14.29 -27.59 -15.59
CA THR A 221 14.24 -27.79 -17.03
C THR A 221 14.59 -29.25 -17.38
N TYR A 222 13.76 -29.86 -18.21
CA TYR A 222 13.93 -31.25 -18.68
C TYR A 222 13.51 -32.32 -17.73
N ASP A 223 13.20 -31.96 -16.49
CA ASP A 223 12.69 -32.95 -15.53
C ASP A 223 11.22 -33.31 -15.86
N ALA A 224 10.86 -34.59 -15.67
CA ALA A 224 9.52 -35.06 -16.03
C ALA A 224 8.40 -34.39 -15.25
N HIS A 225 8.74 -33.79 -14.12
CA HIS A 225 7.73 -33.20 -13.26
C HIS A 225 7.84 -31.69 -13.19
N ARG A 226 8.43 -31.09 -14.24
CA ARG A 226 8.45 -29.62 -14.32
C ARG A 226 7.03 -29.10 -14.44
N ASP A 227 6.79 -27.87 -13.98
CA ASP A 227 5.44 -27.36 -14.00
C ASP A 227 5.39 -25.87 -14.23
N GLY A 228 6.35 -25.34 -15.01
CA GLY A 228 6.35 -23.91 -15.37
C GLY A 228 7.63 -23.22 -14.94
N PHE A 229 7.83 -22.02 -15.43
CA PHE A 229 9.06 -21.34 -15.12
C PHE A 229 9.00 -20.62 -13.78
N VAL A 230 10.16 -20.23 -13.29
CA VAL A 230 10.25 -19.46 -12.04
C VAL A 230 10.70 -18.06 -12.45
N ILE A 231 9.88 -17.07 -12.16
CA ILE A 231 10.18 -15.72 -12.66
C ILE A 231 11.37 -15.13 -11.88
N ALA A 232 12.15 -14.29 -12.56
CA ALA A 232 13.34 -13.72 -11.96
C ALA A 232 13.50 -12.29 -12.48
N GLY A 233 14.36 -11.53 -11.84
CA GLY A 233 14.73 -10.16 -12.30
C GLY A 233 16.21 -10.00 -12.33
N GLY A 234 16.66 -8.87 -12.83
CA GLY A 234 18.05 -8.56 -12.87
C GLY A 234 18.43 -7.80 -14.13
N GLY A 235 19.73 -7.73 -14.42
CA GLY A 235 20.22 -6.99 -15.55
C GLY A 235 21.48 -7.62 -16.12
N GLY A 236 21.86 -7.19 -17.31
CA GLY A 236 23.15 -7.57 -17.86
C GLY A 236 23.50 -6.59 -18.95
N MET A 237 24.81 -6.48 -19.22
CA MET A 237 25.27 -5.60 -20.30
C MET A 237 26.60 -6.16 -20.81
N VAL A 238 26.75 -6.14 -22.14
CA VAL A 238 28.02 -6.48 -22.75
C VAL A 238 28.48 -5.31 -23.60
N VAL A 239 29.79 -5.21 -23.78
CA VAL A 239 30.35 -4.20 -24.66
C VAL A 239 30.62 -4.88 -26.01
N VAL A 240 29.83 -4.53 -27.03
CA VAL A 240 30.03 -5.07 -28.38
C VAL A 240 30.89 -4.06 -29.13
N GLU A 241 31.98 -4.52 -29.72
CA GLU A 241 32.97 -3.62 -30.25
C GLU A 241 33.48 -4.14 -31.59
N GLU A 242 33.77 -3.20 -32.48
CA GLU A 242 34.35 -3.61 -33.75
C GLU A 242 35.77 -4.16 -33.48
N LEU A 243 36.15 -5.24 -34.18
CA LEU A 243 37.37 -5.95 -33.88
C LEU A 243 38.64 -5.09 -33.95
N GLU A 244 38.81 -4.35 -35.03
CA GLU A 244 40.07 -3.61 -35.18
C GLU A 244 40.16 -2.51 -34.14
N HIS A 245 39.02 -1.91 -33.81
CA HIS A 245 38.97 -0.89 -32.77
C HIS A 245 39.39 -1.47 -31.42
N ALA A 246 38.90 -2.67 -31.11
CA ALA A 246 39.21 -3.32 -29.86
C ALA A 246 40.71 -3.64 -29.77
N LEU A 247 41.24 -4.22 -30.84
CA LEU A 247 42.67 -4.57 -30.84
C LEU A 247 43.54 -3.33 -30.76
N ALA A 248 43.15 -2.26 -31.42
CA ALA A 248 43.98 -1.04 -31.47
C ALA A 248 44.07 -0.35 -30.11
N ARG A 249 43.05 -0.53 -29.27
CA ARG A 249 43.11 0.03 -27.91
C ARG A 249 43.59 -0.95 -26.83
N GLY A 250 44.00 -2.15 -27.24
CA GLY A 250 44.52 -3.18 -26.29
C GLY A 250 43.42 -3.76 -25.40
N ALA A 251 42.20 -3.88 -25.95
CA ALA A 251 41.05 -4.44 -25.19
C ALA A 251 41.29 -5.88 -24.84
N HIS A 252 40.70 -6.34 -23.75
CA HIS A 252 40.62 -7.76 -23.53
C HIS A 252 39.38 -8.25 -24.29
N ILE A 253 39.54 -9.29 -25.10
CA ILE A 253 38.45 -9.81 -25.91
C ILE A 253 38.02 -11.18 -25.40
N TYR A 254 36.76 -11.30 -25.00
CA TYR A 254 36.25 -12.59 -24.57
C TYR A 254 36.05 -13.50 -25.78
N ALA A 255 35.33 -13.00 -26.78
CA ALA A 255 34.92 -13.82 -27.90
C ALA A 255 34.46 -12.94 -29.03
N GLU A 256 34.43 -13.51 -30.23
CA GLU A 256 33.77 -12.87 -31.39
C GLU A 256 32.34 -13.38 -31.49
N ILE A 257 31.42 -12.48 -31.87
CA ILE A 257 30.06 -12.93 -32.18
C ILE A 257 30.10 -13.36 -33.65
N VAL A 258 30.16 -14.67 -33.86
CA VAL A 258 30.31 -15.20 -35.22
C VAL A 258 28.99 -15.57 -35.85
N GLY A 259 27.91 -15.58 -35.07
CA GLY A 259 26.60 -15.86 -35.65
C GLY A 259 25.48 -15.23 -34.88
N TYR A 260 24.46 -14.81 -35.59
CA TYR A 260 23.28 -14.21 -34.96
C TYR A 260 22.08 -14.63 -35.80
N GLY A 261 21.17 -15.39 -35.20
CA GLY A 261 19.94 -15.75 -35.87
C GLY A 261 18.79 -14.99 -35.26
N ALA A 262 17.84 -14.56 -36.10
CA ALA A 262 16.62 -13.93 -35.63
C ALA A 262 15.52 -14.37 -36.57
N THR A 263 14.53 -15.06 -36.03
CA THR A 263 13.46 -15.58 -36.88
C THR A 263 12.14 -15.47 -36.14
N SER A 264 11.09 -15.92 -36.84
CA SER A 264 9.73 -15.84 -36.30
C SER A 264 9.02 -17.15 -36.61
N ASP A 265 8.20 -17.59 -35.67
CA ASP A 265 7.45 -18.85 -35.85
C ASP A 265 6.30 -18.67 -36.83
N GLY A 266 5.55 -17.56 -36.69
CA GLY A 266 4.39 -17.37 -37.58
C GLY A 266 3.35 -18.44 -37.39
N ALA A 267 3.13 -18.90 -36.16
CA ALA A 267 2.29 -20.12 -35.94
C ALA A 267 1.35 -20.10 -34.74
N ASP A 268 1.52 -21.00 -33.79
CA ASP A 268 0.62 -20.99 -32.66
C ASP A 268 1.10 -19.88 -31.72
N MET A 269 0.24 -18.91 -31.44
CA MET A 269 0.63 -17.77 -30.59
C MET A 269 1.34 -18.11 -29.29
N VAL A 270 0.86 -19.15 -28.59
CA VAL A 270 1.33 -19.39 -27.22
C VAL A 270 2.37 -20.49 -27.03
N ALA A 271 2.62 -21.30 -28.07
CA ALA A 271 3.61 -22.38 -27.96
C ALA A 271 4.74 -22.12 -28.95
N PRO A 272 6.00 -22.52 -28.62
CA PRO A 272 7.02 -22.43 -29.68
C PRO A 272 6.71 -23.44 -30.77
N SER A 273 7.01 -23.11 -32.03
CA SER A 273 6.71 -24.04 -33.13
C SER A 273 7.75 -25.12 -33.31
N GLY A 274 8.97 -24.90 -32.83
CA GLY A 274 10.05 -25.87 -33.11
C GLY A 274 10.76 -25.49 -34.42
N GLU A 275 10.01 -25.43 -35.52
CA GLU A 275 10.60 -25.02 -36.80
C GLU A 275 11.25 -23.63 -36.79
N GLY A 276 10.63 -22.65 -36.13
CA GLY A 276 11.26 -21.32 -36.07
C GLY A 276 12.62 -21.39 -35.34
N ALA A 277 12.69 -22.23 -34.31
CA ALA A 277 13.93 -22.43 -33.56
C ALA A 277 14.99 -23.10 -34.43
N VAL A 278 14.59 -24.13 -35.20
CA VAL A 278 15.50 -24.75 -36.14
C VAL A 278 16.07 -23.72 -37.11
N ARG A 279 15.17 -22.95 -37.71
CA ARG A 279 15.66 -21.93 -38.63
C ARG A 279 16.59 -20.92 -37.97
N CYS A 280 16.28 -20.57 -36.73
CA CYS A 280 17.10 -19.58 -36.02
C CYS A 280 18.50 -20.11 -35.74
N MET A 281 18.56 -21.34 -35.22
CA MET A 281 19.87 -21.94 -34.94
C MET A 281 20.66 -22.08 -36.22
N LYS A 282 20.03 -22.57 -37.29
CA LYS A 282 20.80 -22.73 -38.53
C LYS A 282 21.28 -21.39 -39.07
N MET A 283 20.47 -20.35 -38.94
CA MET A 283 20.91 -19.04 -39.37
C MET A 283 22.15 -18.58 -38.60
N ALA A 284 22.15 -18.81 -37.28
CA ALA A 284 23.29 -18.40 -36.46
C ALA A 284 24.55 -19.21 -36.77
N MET A 285 24.37 -20.43 -37.26
CA MET A 285 25.50 -21.33 -37.52
C MET A 285 26.04 -21.17 -38.92
N HIS A 286 25.35 -20.39 -39.76
CA HIS A 286 25.73 -20.32 -41.16
C HIS A 286 27.14 -19.73 -41.29
N GLY A 287 28.02 -20.46 -41.98
CA GLY A 287 29.37 -19.98 -42.18
C GLY A 287 30.33 -20.20 -41.04
N VAL A 288 29.85 -20.76 -39.94
CA VAL A 288 30.70 -20.98 -38.76
C VAL A 288 31.42 -22.31 -38.96
N ASP A 289 32.75 -22.26 -39.09
CA ASP A 289 33.50 -23.45 -39.54
C ASP A 289 34.00 -24.35 -38.44
N THR A 290 33.46 -24.17 -37.24
CA THR A 290 33.82 -25.00 -36.09
C THR A 290 32.53 -25.55 -35.49
N PRO A 291 32.62 -26.70 -34.80
CA PRO A 291 31.42 -27.27 -34.19
C PRO A 291 30.98 -26.44 -32.98
N ILE A 292 29.71 -26.51 -32.67
CA ILE A 292 29.22 -25.94 -31.42
C ILE A 292 29.61 -26.87 -30.28
N ASP A 293 30.40 -26.38 -29.35
CA ASP A 293 30.87 -27.21 -28.26
C ASP A 293 29.87 -27.25 -27.10
N TYR A 294 29.15 -26.16 -26.86
CA TYR A 294 28.26 -26.03 -25.72
C TYR A 294 27.10 -25.17 -26.17
N LEU A 295 25.90 -25.58 -25.76
CA LEU A 295 24.68 -24.85 -26.05
C LEU A 295 23.97 -24.54 -24.73
N ASN A 296 23.78 -23.24 -24.51
CA ASN A 296 22.98 -22.79 -23.36
C ASN A 296 21.54 -22.69 -23.85
N SER A 297 20.71 -23.62 -23.41
CA SER A 297 19.38 -23.72 -24.01
C SER A 297 18.45 -22.64 -23.49
N HIS A 298 17.39 -22.39 -24.23
CA HIS A 298 16.33 -21.51 -23.76
C HIS A 298 15.67 -22.11 -22.51
N GLY A 299 15.34 -23.39 -22.59
CA GLY A 299 14.82 -24.24 -21.52
C GLY A 299 14.29 -23.57 -20.27
N THR A 300 13.02 -23.20 -20.27
CA THR A 300 12.46 -22.45 -19.15
C THR A 300 11.82 -23.28 -18.03
N SER A 301 11.71 -24.61 -18.21
CA SER A 301 11.07 -25.50 -17.25
C SER A 301 9.57 -25.62 -17.47
N THR A 302 9.16 -25.44 -18.71
CA THR A 302 7.73 -25.60 -19.07
C THR A 302 7.55 -26.94 -19.76
N PRO A 303 6.43 -27.63 -19.50
CA PRO A 303 6.17 -28.90 -20.21
C PRO A 303 6.34 -28.85 -21.73
N VAL A 304 5.67 -27.94 -22.41
CA VAL A 304 5.70 -27.96 -23.86
C VAL A 304 7.04 -27.43 -24.40
N GLY A 305 7.46 -26.26 -23.89
CA GLY A 305 8.62 -25.57 -24.41
C GLY A 305 9.91 -26.37 -24.34
N ASP A 306 10.15 -27.04 -23.21
CA ASP A 306 11.45 -27.69 -23.05
C ASP A 306 11.67 -28.75 -24.14
N VAL A 307 10.66 -29.57 -24.38
CA VAL A 307 10.92 -30.67 -25.32
C VAL A 307 10.78 -30.21 -26.77
N LYS A 308 10.04 -29.13 -27.02
CA LYS A 308 10.04 -28.55 -28.37
C LYS A 308 11.45 -28.07 -28.76
N GLU A 309 12.13 -27.42 -27.82
CA GLU A 309 13.51 -27.01 -28.08
C GLU A 309 14.42 -28.21 -28.28
N LEU A 310 14.23 -29.27 -27.50
CA LEU A 310 15.08 -30.46 -27.68
C LEU A 310 14.86 -31.07 -29.03
N ALA A 311 13.60 -31.14 -29.46
CA ALA A 311 13.33 -31.64 -30.81
C ALA A 311 14.01 -30.76 -31.88
N ALA A 312 14.02 -29.44 -31.68
CA ALA A 312 14.69 -28.56 -32.64
C ALA A 312 16.20 -28.79 -32.63
N ILE A 313 16.77 -28.96 -31.44
CA ILE A 313 18.19 -29.29 -31.31
C ILE A 313 18.53 -30.59 -32.04
N ARG A 314 17.68 -31.61 -31.88
CA ARG A 314 17.89 -32.85 -32.61
C ARG A 314 17.85 -32.65 -34.11
N GLU A 315 16.93 -31.83 -34.59
CA GLU A 315 16.86 -31.57 -36.02
C GLU A 315 18.11 -30.89 -36.54
N VAL A 316 18.62 -29.89 -35.79
CA VAL A 316 19.80 -29.16 -36.22
C VAL A 316 21.06 -30.01 -36.18
N PHE A 317 21.25 -30.77 -35.09
CA PHE A 317 22.55 -31.40 -34.82
C PHE A 317 22.58 -32.90 -35.05
N GLY A 318 21.43 -33.53 -35.25
CA GLY A 318 21.33 -34.99 -35.47
C GLY A 318 21.94 -35.72 -34.28
N ASP A 319 22.87 -36.62 -34.58
CA ASP A 319 23.49 -37.43 -33.53
C ASP A 319 24.71 -36.80 -32.93
N LYS A 320 24.98 -35.56 -33.29
CA LYS A 320 26.17 -34.88 -32.82
C LYS A 320 25.83 -33.65 -31.98
N SER A 321 24.97 -33.89 -30.98
CA SER A 321 24.56 -32.88 -29.99
C SER A 321 25.79 -32.19 -29.43
N PRO A 322 25.71 -30.86 -29.27
CA PRO A 322 26.68 -30.25 -28.36
C PRO A 322 26.38 -30.66 -26.92
N ALA A 323 27.30 -30.36 -26.01
CA ALA A 323 26.93 -30.39 -24.58
C ALA A 323 25.86 -29.31 -24.36
N ILE A 324 24.83 -29.65 -23.60
CA ILE A 324 23.71 -28.74 -23.37
C ILE A 324 23.45 -28.57 -21.87
N SER A 325 23.18 -27.33 -21.45
CA SER A 325 22.60 -27.21 -20.11
C SER A 325 21.68 -26.01 -20.12
N ALA A 326 20.67 -26.10 -19.26
CA ALA A 326 19.67 -25.05 -19.12
C ALA A 326 19.99 -24.34 -17.80
N THR A 327 20.66 -23.18 -17.90
CA THR A 327 21.02 -22.46 -16.67
C THR A 327 19.79 -21.89 -15.98
N LYS A 328 18.63 -21.83 -16.63
CA LYS A 328 17.43 -21.33 -15.92
C LYS A 328 17.01 -22.25 -14.77
N ALA A 329 17.48 -23.51 -14.75
CA ALA A 329 17.18 -24.37 -13.61
C ALA A 329 17.83 -23.79 -12.36
N MET A 330 18.96 -23.07 -12.52
CA MET A 330 19.57 -22.37 -11.40
C MET A 330 19.01 -20.97 -11.21
N THR A 331 18.83 -20.25 -12.31
CA THR A 331 18.66 -18.81 -12.20
C THR A 331 17.22 -18.34 -12.23
N GLY A 332 16.30 -19.18 -12.71
CA GLY A 332 14.97 -18.73 -13.10
C GLY A 332 15.02 -17.93 -14.40
N HIS A 333 13.85 -17.43 -14.79
CA HIS A 333 13.69 -16.79 -16.09
C HIS A 333 13.56 -15.28 -15.91
N SER A 334 14.62 -14.54 -16.23
CA SER A 334 14.62 -13.09 -16.06
C SER A 334 14.11 -12.30 -17.26
N LEU A 335 13.37 -12.99 -18.13
CA LEU A 335 12.55 -12.33 -19.14
C LEU A 335 13.42 -11.43 -20.01
N GLY A 336 13.23 -10.11 -19.99
CA GLY A 336 14.03 -9.20 -20.82
C GLY A 336 15.54 -9.28 -20.57
N ALA A 337 15.93 -9.68 -19.37
CA ALA A 337 17.36 -9.77 -19.03
C ALA A 337 17.95 -11.12 -19.39
N ALA A 338 17.14 -12.08 -19.80
CA ALA A 338 17.63 -13.46 -19.93
C ALA A 338 18.64 -13.58 -21.06
N GLY A 339 18.42 -12.92 -22.19
CA GLY A 339 19.33 -13.10 -23.32
C GLY A 339 20.75 -12.67 -23.01
N VAL A 340 20.90 -11.48 -22.43
CA VAL A 340 22.24 -11.00 -22.13
C VAL A 340 22.83 -11.77 -20.95
N GLN A 341 22.02 -12.09 -19.93
CA GLN A 341 22.59 -12.84 -18.81
C GLN A 341 23.09 -14.20 -19.29
N GLU A 342 22.32 -14.86 -20.15
CA GLU A 342 22.74 -16.19 -20.63
C GLU A 342 23.88 -16.13 -21.62
N ALA A 343 23.97 -15.04 -22.40
CA ALA A 343 25.17 -14.82 -23.20
C ALA A 343 26.37 -14.69 -22.26
N ILE A 344 26.20 -13.95 -21.16
CA ILE A 344 27.29 -13.81 -20.20
C ILE A 344 27.65 -15.15 -19.56
N TYR A 345 26.65 -15.96 -19.16
CA TYR A 345 27.01 -17.28 -18.56
C TYR A 345 27.81 -18.09 -19.59
N SER A 346 27.39 -18.04 -20.85
CA SER A 346 28.07 -18.76 -21.92
C SER A 346 29.49 -18.25 -22.15
N LEU A 347 29.67 -16.91 -22.11
CA LEU A 347 31.01 -16.32 -22.20
C LEU A 347 31.87 -16.70 -21.04
N LEU A 348 31.29 -16.82 -19.84
CA LEU A 348 32.11 -17.22 -18.68
C LEU A 348 32.55 -18.69 -18.80
N MET A 349 31.67 -19.54 -19.31
CA MET A 349 32.01 -20.93 -19.58
C MET A 349 33.12 -21.01 -20.61
N LEU A 350 33.03 -20.20 -21.66
CA LEU A 350 34.03 -20.17 -22.71
C LEU A 350 35.37 -19.67 -22.19
N GLU A 351 35.32 -18.59 -21.41
CA GLU A 351 36.54 -17.96 -20.88
C GLU A 351 37.22 -18.87 -19.84
N HIS A 352 36.44 -19.57 -19.02
CA HIS A 352 37.00 -20.34 -17.88
C HIS A 352 37.03 -21.83 -18.12
N GLY A 353 36.56 -22.27 -19.28
CA GLY A 353 36.73 -23.70 -19.65
C GLY A 353 35.93 -24.68 -18.82
N PHE A 354 34.63 -24.46 -18.72
CA PHE A 354 33.77 -25.43 -18.05
C PHE A 354 32.36 -25.32 -18.59
N ILE A 355 31.60 -26.38 -18.34
CA ILE A 355 30.17 -26.44 -18.67
C ILE A 355 29.43 -26.44 -17.36
N ALA A 356 28.53 -25.47 -17.21
CA ALA A 356 27.68 -25.41 -16.03
C ALA A 356 26.62 -26.51 -16.08
N PRO A 357 26.23 -27.06 -14.92
CA PRO A 357 25.25 -28.16 -14.91
C PRO A 357 23.84 -27.71 -15.16
N SER A 358 23.07 -28.63 -15.76
CA SER A 358 21.63 -28.53 -15.87
C SER A 358 21.06 -29.21 -14.63
N ILE A 359 20.63 -28.41 -13.63
CA ILE A 359 20.32 -29.00 -12.30
C ILE A 359 18.86 -29.44 -12.19
N ASN A 360 18.56 -30.17 -11.11
CA ASN A 360 17.19 -30.59 -10.77
C ASN A 360 16.55 -31.58 -11.72
N ILE A 361 17.36 -32.31 -12.51
CA ILE A 361 16.75 -33.36 -13.35
C ILE A 361 16.74 -34.65 -12.57
N GLU A 362 15.62 -34.92 -11.90
CA GLU A 362 15.52 -36.15 -11.11
C GLU A 362 15.01 -37.29 -11.96
N GLU A 363 14.15 -36.97 -12.91
CA GLU A 363 13.68 -37.94 -13.90
C GLU A 363 13.75 -37.22 -15.24
N LEU A 364 14.65 -37.64 -16.12
CA LEU A 364 14.71 -37.00 -17.42
C LEU A 364 13.43 -37.27 -18.24
N ASP A 365 12.93 -36.23 -18.89
CA ASP A 365 11.73 -36.36 -19.71
C ASP A 365 11.88 -37.48 -20.71
N GLU A 366 10.80 -38.27 -20.89
CA GLU A 366 10.79 -39.35 -21.88
C GLU A 366 11.17 -38.89 -23.29
N GLN A 367 10.99 -37.60 -23.58
CA GLN A 367 11.29 -37.06 -24.89
C GLN A 367 12.64 -36.36 -25.01
N ALA A 368 13.53 -36.59 -24.03
CA ALA A 368 14.88 -35.96 -24.00
C ALA A 368 16.05 -36.95 -24.18
N ALA A 369 15.80 -38.10 -24.80
CA ALA A 369 16.82 -39.15 -24.99
C ALA A 369 17.78 -38.84 -26.16
N GLY A 370 19.01 -39.34 -26.09
CA GLY A 370 19.96 -39.24 -27.18
C GLY A 370 20.68 -37.92 -27.34
N LEU A 371 20.61 -37.06 -26.34
CA LEU A 371 21.33 -35.78 -26.37
C LEU A 371 22.39 -35.81 -25.29
N ASN A 372 23.20 -34.76 -25.21
CA ASN A 372 24.18 -34.64 -24.14
C ASN A 372 23.83 -33.53 -23.18
N ILE A 373 22.86 -33.79 -22.33
CA ILE A 373 22.46 -32.83 -21.30
C ILE A 373 23.37 -33.05 -20.09
N VAL A 374 24.14 -32.04 -19.77
CA VAL A 374 25.17 -32.16 -18.77
C VAL A 374 24.63 -31.74 -17.43
N THR A 375 24.73 -32.65 -16.46
CA THR A 375 24.10 -32.43 -15.15
C THR A 375 25.08 -32.24 -14.01
N GLU A 376 26.37 -32.29 -14.32
CA GLU A 376 27.42 -32.08 -13.33
C GLU A 376 28.45 -31.14 -13.94
N THR A 377 28.96 -30.20 -13.15
CA THR A 377 29.97 -29.27 -13.66
C THR A 377 31.10 -30.05 -14.29
N THR A 378 31.47 -29.65 -15.51
CA THR A 378 32.45 -30.41 -16.27
C THR A 378 33.52 -29.46 -16.82
N ASP A 379 34.76 -29.64 -16.37
CA ASP A 379 35.85 -28.83 -16.95
C ASP A 379 36.12 -29.33 -18.36
N ARG A 380 36.18 -28.42 -19.32
CA ARG A 380 36.40 -28.80 -20.72
C ARG A 380 36.79 -27.52 -21.44
N GLU A 381 37.77 -27.63 -22.34
CA GLU A 381 38.17 -26.52 -23.19
C GLU A 381 37.09 -26.35 -24.25
N LEU A 382 36.46 -25.20 -24.25
CA LEU A 382 35.45 -24.88 -25.24
C LEU A 382 36.04 -23.88 -26.21
N THR A 383 35.53 -23.90 -27.42
CA THR A 383 35.94 -22.91 -28.43
C THR A 383 34.77 -22.13 -28.99
N THR A 384 33.63 -22.79 -29.21
CA THR A 384 32.46 -22.15 -29.83
C THR A 384 31.26 -22.53 -29.01
N VAL A 385 30.47 -21.52 -28.61
CA VAL A 385 29.28 -21.74 -27.81
C VAL A 385 28.07 -21.07 -28.44
N MET A 386 26.89 -21.59 -28.12
CA MET A 386 25.64 -21.08 -28.68
C MET A 386 24.68 -20.83 -27.53
N SER A 387 23.85 -19.81 -27.65
CA SER A 387 22.84 -19.53 -26.65
C SER A 387 21.52 -19.19 -27.35
N ASN A 388 20.43 -19.87 -26.95
CA ASN A 388 19.13 -19.73 -27.58
C ASN A 388 18.18 -18.90 -26.74
N SER A 389 17.35 -18.07 -27.39
CA SER A 389 16.33 -17.32 -26.68
C SER A 389 15.07 -17.38 -27.56
N PHE A 390 14.08 -18.14 -27.13
CA PHE A 390 12.91 -18.42 -27.97
C PHE A 390 11.71 -17.84 -27.26
N GLY A 391 11.41 -16.58 -27.63
CA GLY A 391 10.48 -15.74 -26.92
C GLY A 391 9.01 -15.96 -27.18
N PHE A 392 8.25 -15.73 -26.13
CA PHE A 392 6.84 -15.72 -26.21
C PHE A 392 6.33 -14.81 -27.37
N GLY A 393 5.37 -15.28 -28.15
CA GLY A 393 5.02 -14.58 -29.40
C GLY A 393 5.78 -15.09 -30.64
N GLY A 394 6.55 -16.15 -30.48
CA GLY A 394 7.18 -16.79 -31.64
C GLY A 394 8.34 -16.00 -32.16
N THR A 395 9.07 -15.34 -31.29
CA THR A 395 10.21 -14.57 -31.70
C THR A 395 11.49 -15.21 -31.20
N ASN A 396 12.42 -15.50 -32.12
CA ASN A 396 13.59 -16.31 -31.77
C ASN A 396 14.86 -15.54 -32.03
N ALA A 397 15.82 -15.69 -31.12
CA ALA A 397 17.19 -15.20 -31.32
C ALA A 397 18.17 -16.29 -30.91
N THR A 398 19.25 -16.44 -31.67
CA THR A 398 20.33 -17.32 -31.26
C THR A 398 21.63 -16.57 -31.47
N LEU A 399 22.54 -16.68 -30.50
CA LEU A 399 23.89 -16.08 -30.63
C LEU A 399 24.94 -17.19 -30.61
N VAL A 400 25.94 -17.09 -31.50
CA VAL A 400 27.09 -18.00 -31.49
C VAL A 400 28.33 -17.16 -31.24
N MET A 401 29.08 -17.58 -30.24
CA MET A 401 30.26 -16.87 -29.79
C MET A 401 31.46 -17.77 -29.87
N ARG A 402 32.60 -17.23 -30.31
CA ARG A 402 33.75 -18.08 -30.53
C ARG A 402 35.02 -17.40 -30.10
N LYS A 403 35.94 -18.15 -29.50
CA LYS A 403 37.25 -17.56 -29.21
C LYS A 403 37.92 -16.99 -30.45
N LEU A 404 38.70 -15.93 -30.27
CA LEU A 404 39.63 -15.47 -31.31
C LEU A 404 40.93 -16.26 -31.30
N MET B 1 25.31 -0.63 -52.07
CA MET B 1 24.53 -1.55 -51.17
C MET B 1 23.04 -1.59 -51.55
N LYS B 2 22.30 -2.54 -50.98
CA LYS B 2 20.88 -2.73 -51.34
C LYS B 2 20.05 -1.53 -50.93
N ARG B 3 19.10 -1.20 -51.79
CA ARG B 3 18.24 -0.03 -51.61
C ARG B 3 16.89 -0.46 -51.11
N ALA B 4 16.28 0.40 -50.29
CA ALA B 4 14.99 0.10 -49.66
C ALA B 4 13.94 1.09 -50.14
N VAL B 5 12.77 0.57 -50.52
CA VAL B 5 11.66 1.40 -50.96
C VAL B 5 10.43 1.08 -50.15
N ILE B 6 9.46 2.00 -50.17
CA ILE B 6 8.17 1.79 -49.52
C ILE B 6 7.16 1.46 -50.59
N THR B 7 6.49 0.32 -50.44
CA THR B 7 5.62 -0.18 -51.50
C THR B 7 4.18 -0.36 -51.04
N GLY B 8 3.89 0.03 -49.80
CA GLY B 8 2.52 -0.06 -49.32
C GLY B 8 2.44 0.66 -47.99
N LEU B 9 1.25 1.16 -47.66
CA LEU B 9 1.08 1.80 -46.38
C LEU B 9 -0.32 1.59 -45.84
N GLY B 10 -0.47 1.73 -44.53
CA GLY B 10 -1.75 1.56 -43.89
C GLY B 10 -1.73 2.38 -42.61
N ILE B 11 -2.90 2.86 -42.20
CA ILE B 11 -2.93 3.82 -41.11
C ILE B 11 -4.30 3.91 -40.48
N VAL B 12 -4.29 4.01 -39.14
CA VAL B 12 -5.49 4.27 -38.36
C VAL B 12 -5.11 5.41 -37.44
N SER B 13 -5.68 6.59 -37.68
CA SER B 13 -5.20 7.82 -37.02
C SER B 13 -6.36 8.70 -36.56
N SER B 14 -6.03 9.67 -35.73
CA SER B 14 -7.03 10.64 -35.34
C SER B 14 -7.64 11.38 -36.51
N ILE B 15 -6.93 11.44 -37.65
CA ILE B 15 -7.42 12.18 -38.82
C ILE B 15 -7.89 11.26 -39.95
N GLY B 16 -8.04 9.95 -39.69
CA GLY B 16 -8.64 9.08 -40.70
C GLY B 16 -8.28 7.65 -40.47
N ASN B 17 -9.17 6.77 -40.91
CA ASN B 17 -9.05 5.32 -40.66
C ASN B 17 -8.43 4.56 -41.82
N ASN B 18 -7.98 5.29 -42.85
CA ASN B 18 -7.30 4.73 -44.01
C ASN B 18 -6.65 5.88 -44.76
N GLN B 19 -5.87 5.56 -45.80
CA GLN B 19 -5.13 6.63 -46.43
C GLN B 19 -6.00 7.60 -47.16
N GLN B 20 -7.18 7.18 -47.62
CA GLN B 20 -8.08 8.11 -48.33
C GLN B 20 -8.59 9.18 -47.34
N GLU B 21 -9.02 8.74 -46.15
CA GLU B 21 -9.52 9.66 -45.15
C GLU B 21 -8.40 10.56 -44.67
N VAL B 22 -7.21 9.99 -44.45
CA VAL B 22 -6.08 10.79 -44.01
C VAL B 22 -5.73 11.86 -45.06
N LEU B 23 -5.67 11.47 -46.33
CA LEU B 23 -5.30 12.42 -47.37
C LEU B 23 -6.31 13.59 -47.35
N ALA B 24 -7.61 13.28 -47.24
CA ALA B 24 -8.62 14.36 -47.25
C ALA B 24 -8.39 15.27 -46.04
N SER B 25 -8.11 14.70 -44.87
CA SER B 25 -7.89 15.56 -43.70
C SER B 25 -6.66 16.43 -43.85
N LEU B 26 -5.56 15.86 -44.36
CA LEU B 26 -4.33 16.65 -44.56
C LEU B 26 -4.57 17.81 -45.53
N ARG B 27 -5.27 17.55 -46.62
CA ARG B 27 -5.56 18.62 -47.58
C ARG B 27 -6.49 19.69 -47.01
N GLU B 28 -7.41 19.30 -46.14
CA GLU B 28 -8.36 20.22 -45.56
C GLU B 28 -7.85 20.93 -44.31
N GLY B 29 -6.71 20.49 -43.78
CA GLY B 29 -6.23 21.06 -42.50
C GLY B 29 -7.14 20.71 -41.34
N ARG B 30 -7.74 19.52 -41.39
CA ARG B 30 -8.80 19.17 -40.45
C ARG B 30 -8.20 18.61 -39.17
N SER B 31 -8.62 19.13 -38.03
CA SER B 31 -8.18 18.62 -36.74
C SER B 31 -8.79 17.27 -36.42
N GLY B 32 -7.99 16.41 -35.80
CA GLY B 32 -8.50 15.14 -35.29
C GLY B 32 -8.70 15.16 -33.77
N ILE B 33 -8.63 16.35 -33.16
CA ILE B 33 -8.64 16.47 -31.70
C ILE B 33 -10.03 16.74 -31.18
N THR B 34 -10.39 16.02 -30.12
CA THR B 34 -11.73 16.15 -29.52
C THR B 34 -11.62 16.26 -28.01
N PHE B 35 -12.68 16.75 -27.39
CA PHE B 35 -12.79 16.72 -25.94
C PHE B 35 -12.92 15.28 -25.44
N SER B 36 -12.23 14.94 -24.34
CA SER B 36 -12.33 13.60 -23.75
C SER B 36 -12.94 13.64 -22.35
N GLN B 37 -14.14 13.11 -22.22
CA GLN B 37 -14.74 12.99 -20.90
C GLN B 37 -13.91 12.02 -20.02
N GLU B 38 -13.35 10.98 -20.64
CA GLU B 38 -12.49 10.03 -19.88
C GLU B 38 -11.31 10.75 -19.23
N LEU B 39 -10.61 11.59 -19.99
CA LEU B 39 -9.47 12.27 -19.36
C LEU B 39 -9.97 13.21 -18.27
N LYS B 40 -11.06 13.93 -18.51
CA LYS B 40 -11.58 14.84 -17.50
C LYS B 40 -11.99 14.07 -16.23
N ASP B 41 -12.68 12.96 -16.42
CA ASP B 41 -13.18 12.19 -15.27
C ASP B 41 -12.04 11.60 -14.43
N SER B 42 -10.89 11.34 -15.06
CA SER B 42 -9.76 10.80 -14.34
C SER B 42 -9.10 11.78 -13.40
N GLY B 43 -9.44 13.06 -13.51
CA GLY B 43 -8.82 14.10 -12.70
C GLY B 43 -7.69 14.85 -13.37
N MET B 44 -7.45 14.55 -14.65
CA MET B 44 -6.38 15.23 -15.39
C MET B 44 -6.70 16.70 -15.65
N ARG B 45 -5.68 17.48 -15.97
CA ARG B 45 -5.85 18.87 -16.35
C ARG B 45 -6.03 19.00 -17.87
N SER B 46 -5.51 18.03 -18.62
CA SER B 46 -5.65 18.01 -20.06
C SER B 46 -6.88 17.18 -20.39
N HIS B 47 -7.84 17.77 -21.11
CA HIS B 47 -9.11 17.07 -21.39
C HIS B 47 -9.33 16.88 -22.87
N VAL B 48 -8.24 16.86 -23.64
CA VAL B 48 -8.35 16.75 -25.08
C VAL B 48 -7.47 15.62 -25.58
N TRP B 49 -7.84 15.00 -26.70
CA TRP B 49 -7.01 13.92 -27.26
C TRP B 49 -7.27 13.70 -28.73
N GLY B 50 -6.32 13.08 -29.41
CA GLY B 50 -6.48 12.67 -30.80
C GLY B 50 -6.93 11.23 -30.82
N ASN B 51 -8.23 11.03 -30.76
CA ASN B 51 -8.79 9.70 -30.65
C ASN B 51 -9.02 9.06 -32.02
N VAL B 52 -8.97 7.73 -32.05
CA VAL B 52 -9.32 6.98 -33.25
C VAL B 52 -10.83 6.85 -33.25
N LYS B 53 -11.45 7.29 -34.34
CA LYS B 53 -12.91 7.32 -34.46
C LYS B 53 -13.31 6.14 -35.31
N LEU B 54 -13.27 4.96 -34.71
CA LEU B 54 -13.51 3.73 -35.45
C LEU B 54 -14.00 2.70 -34.48
N ASP B 55 -15.10 2.05 -34.83
CA ASP B 55 -15.57 0.92 -34.03
C ASP B 55 -14.82 -0.30 -34.50
N THR B 56 -13.94 -0.80 -33.63
CA THR B 56 -13.03 -1.89 -34.03
C THR B 56 -13.63 -3.24 -33.70
N THR B 57 -14.81 -3.25 -33.08
CA THR B 57 -15.42 -4.50 -32.67
C THR B 57 -15.65 -5.41 -33.88
N GLY B 58 -15.17 -6.64 -33.83
CA GLY B 58 -15.44 -7.57 -34.94
C GLY B 58 -14.54 -7.49 -36.16
N LEU B 59 -13.62 -6.53 -36.19
CA LEU B 59 -12.75 -6.38 -37.38
C LEU B 59 -11.60 -7.37 -37.47
N ILE B 60 -11.35 -8.08 -36.39
CA ILE B 60 -10.22 -9.01 -36.30
C ILE B 60 -10.75 -10.34 -35.77
N ASP B 61 -10.30 -11.45 -36.35
CA ASP B 61 -10.79 -12.77 -35.90
C ASP B 61 -10.62 -12.96 -34.38
N ARG B 62 -11.59 -13.59 -33.69
CA ARG B 62 -11.45 -13.73 -32.21
C ARG B 62 -10.17 -14.43 -31.73
N LYS B 63 -9.72 -15.42 -32.48
CA LYS B 63 -8.52 -16.17 -32.06
C LYS B 63 -7.28 -15.30 -32.09
N VAL B 64 -7.36 -14.21 -32.86
CA VAL B 64 -6.26 -13.28 -32.99
C VAL B 64 -6.44 -12.12 -32.00
N VAL B 65 -7.64 -11.55 -31.93
CA VAL B 65 -7.84 -10.33 -31.17
C VAL B 65 -7.82 -10.60 -29.67
N ARG B 66 -8.05 -11.85 -29.26
CA ARG B 66 -8.04 -12.14 -27.85
C ARG B 66 -6.70 -11.85 -27.15
N PHE B 67 -5.63 -11.81 -27.93
CA PHE B 67 -4.32 -11.52 -27.37
C PHE B 67 -3.96 -10.03 -27.33
N MET B 68 -4.78 -9.19 -27.93
CA MET B 68 -4.39 -7.84 -28.29
C MET B 68 -4.87 -6.74 -27.38
N SER B 69 -4.00 -5.78 -27.15
CA SER B 69 -4.42 -4.46 -26.62
C SER B 69 -4.69 -3.53 -27.82
N ASP B 70 -5.13 -2.29 -27.53
CA ASP B 70 -5.49 -1.38 -28.62
C ASP B 70 -4.30 -1.05 -29.52
N ALA B 71 -3.09 -0.95 -28.98
CA ALA B 71 -1.94 -0.67 -29.85
C ALA B 71 -1.83 -1.72 -30.93
N SER B 72 -2.02 -2.97 -30.54
CA SER B 72 -1.90 -4.09 -31.50
C SER B 72 -3.08 -4.13 -32.46
N ILE B 73 -4.29 -3.78 -31.97
CA ILE B 73 -5.42 -3.71 -32.87
C ILE B 73 -5.16 -2.66 -33.95
N TYR B 74 -4.71 -1.45 -33.56
CA TYR B 74 -4.48 -0.42 -34.56
C TYR B 74 -3.35 -0.80 -35.52
N ALA B 75 -2.27 -1.39 -35.01
CA ALA B 75 -1.17 -1.81 -35.88
C ALA B 75 -1.64 -2.91 -36.82
N PHE B 76 -2.44 -3.84 -36.32
CA PHE B 76 -2.91 -4.95 -37.14
C PHE B 76 -3.75 -4.45 -38.31
N LEU B 77 -4.70 -3.56 -38.02
CA LEU B 77 -5.54 -3.02 -39.10
C LEU B 77 -4.70 -2.24 -40.10
N SER B 78 -3.71 -1.49 -39.61
CA SER B 78 -2.78 -0.78 -40.50
C SER B 78 -2.01 -1.77 -41.36
N MET B 79 -1.57 -2.89 -40.77
CA MET B 79 -0.84 -3.90 -41.54
C MET B 79 -1.72 -4.51 -42.62
N GLU B 80 -2.98 -4.84 -42.29
CA GLU B 80 -3.87 -5.36 -43.32
C GLU B 80 -3.99 -4.37 -44.47
N GLN B 81 -4.15 -3.08 -44.14
CA GLN B 81 -4.25 -2.08 -45.19
C GLN B 81 -2.97 -2.05 -46.03
N ALA B 82 -1.81 -2.12 -45.35
CA ALA B 82 -0.53 -2.03 -46.06
C ALA B 82 -0.32 -3.21 -47.00
N ILE B 83 -0.71 -4.40 -46.57
CA ILE B 83 -0.57 -5.59 -47.44
C ILE B 83 -1.46 -5.45 -48.66
N ALA B 84 -2.69 -4.96 -48.48
CA ALA B 84 -3.59 -4.77 -49.63
C ALA B 84 -3.04 -3.70 -50.56
N ASP B 85 -2.53 -2.62 -49.99
CA ASP B 85 -2.01 -1.53 -50.80
C ASP B 85 -0.79 -1.98 -51.59
N ALA B 86 0.02 -2.84 -50.99
CA ALA B 86 1.24 -3.34 -51.63
C ALA B 86 0.91 -4.38 -52.69
N GLY B 87 -0.30 -4.95 -52.67
CA GLY B 87 -0.65 -6.02 -53.62
C GLY B 87 0.05 -7.33 -53.31
N LEU B 88 0.31 -7.60 -52.02
CA LEU B 88 1.02 -8.83 -51.65
C LEU B 88 0.05 -9.95 -51.34
N SER B 89 0.21 -11.07 -52.02
CA SER B 89 -0.64 -12.24 -51.72
C SER B 89 -0.03 -13.03 -50.56
N PRO B 90 -0.83 -13.84 -49.84
CA PRO B 90 -0.24 -14.68 -48.80
C PRO B 90 0.81 -15.62 -49.36
N GLU B 91 0.65 -16.08 -50.59
CA GLU B 91 1.66 -16.95 -51.19
C GLU B 91 3.03 -16.29 -51.19
N ALA B 92 3.05 -14.97 -51.36
CA ALA B 92 4.25 -14.20 -51.44
C ALA B 92 4.87 -13.88 -50.11
N TYR B 93 4.06 -13.52 -49.10
CA TYR B 93 4.68 -12.97 -47.89
C TYR B 93 4.61 -13.89 -46.69
N GLN B 94 3.72 -14.90 -46.71
CA GLN B 94 3.58 -15.80 -45.54
C GLN B 94 4.57 -16.95 -45.60
N ASN B 95 4.99 -17.42 -44.41
CA ASN B 95 5.92 -18.55 -44.35
C ASN B 95 7.14 -18.33 -45.21
N ASN B 96 7.66 -17.09 -45.16
CA ASN B 96 8.76 -16.71 -46.02
C ASN B 96 9.85 -16.16 -45.14
N PRO B 97 11.01 -16.84 -45.04
CA PRO B 97 12.05 -16.39 -44.12
C PRO B 97 12.62 -15.04 -44.46
N ARG B 98 12.34 -14.55 -45.67
CA ARG B 98 12.88 -13.24 -46.07
C ARG B 98 11.88 -12.11 -45.86
N VAL B 99 10.81 -12.38 -45.10
CA VAL B 99 9.79 -11.37 -44.79
C VAL B 99 9.70 -11.25 -43.28
N GLY B 100 9.84 -10.03 -42.78
CA GLY B 100 9.93 -9.78 -41.34
C GLY B 100 8.95 -8.69 -40.88
N LEU B 101 8.99 -8.43 -39.59
CA LEU B 101 8.08 -7.43 -38.98
C LEU B 101 8.83 -6.77 -37.83
N ILE B 102 8.93 -5.44 -37.88
CA ILE B 102 9.57 -4.70 -36.79
C ILE B 102 8.59 -3.56 -36.46
N ALA B 103 7.90 -3.68 -35.32
CA ALA B 103 6.83 -2.73 -35.00
C ALA B 103 6.68 -2.65 -33.51
N GLY B 104 6.49 -1.46 -32.97
CA GLY B 104 6.53 -1.28 -31.51
C GLY B 104 5.50 -0.30 -31.00
N SER B 105 5.50 -0.10 -29.69
CA SER B 105 4.71 0.92 -29.04
C SER B 105 5.59 1.63 -28.05
N GLY B 106 5.24 2.85 -27.70
CA GLY B 106 6.01 3.56 -26.69
C GLY B 106 5.73 3.09 -25.29
N GLY B 107 4.50 2.66 -25.03
CA GLY B 107 4.04 2.40 -23.68
C GLY B 107 3.55 0.99 -23.42
N GLY B 108 3.43 0.12 -24.44
CA GLY B 108 2.84 -1.21 -24.22
C GLY B 108 1.35 -1.08 -24.00
N SER B 109 0.85 -1.57 -22.87
CA SER B 109 -0.53 -1.31 -22.52
C SER B 109 -0.68 -1.00 -21.05
N PRO B 110 -0.53 0.27 -20.68
CA PRO B 110 -0.85 0.64 -19.30
C PRO B 110 -2.25 0.25 -18.90
N ARG B 111 -3.18 0.32 -19.84
CA ARG B 111 -4.56 -0.06 -19.50
C ARG B 111 -4.62 -1.51 -19.03
N PHE B 112 -4.00 -2.43 -19.77
CA PHE B 112 -4.11 -3.83 -19.35
C PHE B 112 -3.21 -4.17 -18.19
N GLN B 113 -2.08 -3.49 -18.05
CA GLN B 113 -1.29 -3.68 -16.87
C GLN B 113 -2.06 -3.32 -15.60
N VAL B 114 -2.75 -2.19 -15.65
CA VAL B 114 -3.52 -1.70 -14.51
C VAL B 114 -4.74 -2.59 -14.30
N PHE B 115 -5.35 -3.03 -15.39
CA PHE B 115 -6.46 -3.97 -15.27
C PHE B 115 -5.99 -5.22 -14.53
N GLY B 116 -4.83 -5.78 -14.91
CA GLY B 116 -4.34 -7.01 -14.26
C GLY B 116 -4.11 -6.77 -12.77
N ALA B 117 -3.48 -5.65 -12.42
CA ALA B 117 -3.20 -5.37 -11.00
C ALA B 117 -4.46 -5.10 -10.21
N ASP B 118 -5.39 -4.37 -10.81
CA ASP B 118 -6.66 -4.11 -10.13
C ASP B 118 -7.43 -5.42 -9.92
N ALA B 119 -7.48 -6.26 -10.95
CA ALA B 119 -8.22 -7.52 -10.85
C ALA B 119 -7.59 -8.41 -9.80
N MET B 120 -6.25 -8.50 -9.79
CA MET B 120 -5.55 -9.36 -8.86
C MET B 120 -5.79 -8.96 -7.42
N ARG B 121 -5.97 -7.66 -7.21
CA ARG B 121 -6.13 -7.15 -5.84
C ARG B 121 -7.55 -7.31 -5.29
N GLY B 122 -8.50 -7.73 -6.14
CA GLY B 122 -9.85 -8.00 -5.65
C GLY B 122 -9.97 -9.43 -5.16
N PRO B 123 -11.16 -9.81 -4.73
CA PRO B 123 -11.33 -11.10 -4.06
C PRO B 123 -11.08 -12.33 -4.93
N ARG B 124 -11.16 -12.18 -6.25
CA ARG B 124 -11.02 -13.34 -7.13
C ARG B 124 -9.59 -13.58 -7.63
N GLY B 125 -8.69 -12.63 -7.39
CA GLY B 125 -7.28 -12.87 -7.66
C GLY B 125 -7.02 -13.29 -9.11
N LEU B 126 -6.30 -14.39 -9.25
CA LEU B 126 -5.85 -14.85 -10.59
C LEU B 126 -7.01 -15.08 -11.54
N LYS B 127 -8.15 -15.51 -10.99
CA LYS B 127 -9.33 -15.80 -11.82
C LYS B 127 -9.90 -14.55 -12.46
N ALA B 128 -9.77 -13.42 -11.78
CA ALA B 128 -10.23 -12.16 -12.34
C ALA B 128 -9.26 -11.64 -13.40
N VAL B 129 -7.98 -11.93 -13.25
CA VAL B 129 -6.98 -11.46 -14.24
C VAL B 129 -7.17 -12.13 -15.60
N GLY B 130 -7.37 -13.44 -15.60
CA GLY B 130 -7.54 -14.21 -16.84
C GLY B 130 -6.21 -14.42 -17.53
N PRO B 131 -6.24 -15.20 -18.61
CA PRO B 131 -5.02 -15.72 -19.21
C PRO B 131 -4.45 -14.89 -20.35
N TYR B 132 -4.99 -13.70 -20.62
CA TYR B 132 -4.54 -12.95 -21.81
C TYR B 132 -3.77 -11.69 -21.55
N VAL B 133 -3.48 -11.37 -20.30
CA VAL B 133 -2.86 -10.07 -19.99
C VAL B 133 -1.41 -9.94 -20.48
N VAL B 134 -0.62 -11.03 -20.48
CA VAL B 134 0.80 -10.87 -20.86
C VAL B 134 0.98 -10.33 -22.28
N THR B 135 0.27 -10.90 -23.26
CA THR B 135 0.45 -10.45 -24.63
C THR B 135 -0.11 -9.05 -24.80
N LYS B 136 -1.10 -8.68 -23.98
CA LYS B 136 -1.64 -7.33 -24.04
C LYS B 136 -0.67 -6.32 -23.47
N ALA B 137 -0.05 -6.66 -22.34
CA ALA B 137 0.72 -5.73 -21.54
C ALA B 137 2.23 -5.73 -21.87
N MET B 138 2.74 -6.80 -22.49
CA MET B 138 4.20 -6.87 -22.70
C MET B 138 4.68 -5.83 -23.71
N ALA B 139 5.94 -5.39 -23.59
CA ALA B 139 6.41 -4.31 -24.45
C ALA B 139 6.43 -4.71 -25.94
N SER B 140 6.54 -6.00 -26.21
CA SER B 140 6.55 -6.51 -27.56
C SER B 140 5.19 -6.89 -28.13
N GLY B 141 4.11 -6.50 -27.45
CA GLY B 141 2.80 -6.92 -27.88
C GLY B 141 2.51 -6.63 -29.35
N VAL B 142 2.90 -5.45 -29.83
CA VAL B 142 2.58 -5.10 -31.20
C VAL B 142 3.23 -6.06 -32.20
N SER B 143 4.49 -6.43 -31.99
CA SER B 143 5.10 -7.37 -32.93
C SER B 143 4.56 -8.78 -32.73
N ALA B 144 4.44 -9.24 -31.48
CA ALA B 144 4.00 -10.61 -31.24
C ALA B 144 2.61 -10.84 -31.78
N CYS B 145 1.70 -9.89 -31.55
CA CYS B 145 0.31 -10.10 -31.92
C CYS B 145 0.07 -10.05 -33.41
N LEU B 146 1.04 -9.53 -34.17
CA LEU B 146 0.92 -9.46 -35.62
C LEU B 146 1.71 -10.55 -36.36
N ALA B 147 2.87 -10.92 -35.83
CA ALA B 147 3.72 -11.90 -36.52
C ALA B 147 3.03 -13.25 -36.64
N THR B 148 2.25 -13.64 -35.62
CA THR B 148 1.54 -14.92 -35.72
C THR B 148 0.46 -14.95 -36.77
N PRO B 149 -0.52 -14.04 -36.70
CA PRO B 149 -1.57 -14.16 -37.68
C PRO B 149 -1.12 -13.91 -39.11
N PHE B 150 -0.11 -13.06 -39.31
CA PHE B 150 0.38 -12.85 -40.64
C PHE B 150 1.42 -13.88 -41.09
N LYS B 151 1.72 -14.87 -40.24
CA LYS B 151 2.59 -16.01 -40.61
C LYS B 151 3.96 -15.50 -41.05
N ILE B 152 4.48 -14.54 -40.28
CA ILE B 152 5.82 -13.98 -40.53
C ILE B 152 6.89 -14.98 -40.09
N HIS B 153 7.88 -15.24 -40.96
CA HIS B 153 8.99 -16.13 -40.61
C HIS B 153 10.32 -15.44 -40.41
N GLY B 154 10.45 -14.19 -40.86
CA GLY B 154 11.73 -13.48 -40.74
C GLY B 154 11.87 -12.80 -39.38
N VAL B 155 12.49 -11.63 -39.36
CA VAL B 155 12.67 -10.94 -38.09
C VAL B 155 11.32 -10.63 -37.46
N ASN B 156 11.28 -10.59 -36.12
CA ASN B 156 10.05 -10.28 -35.44
C ASN B 156 10.46 -9.69 -34.12
N TYR B 157 10.36 -8.38 -33.96
CA TYR B 157 10.59 -7.77 -32.65
C TYR B 157 10.04 -6.36 -32.66
N SER B 158 10.06 -5.73 -31.47
CA SER B 158 9.59 -4.37 -31.35
C SER B 158 10.77 -3.48 -31.01
N ILE B 159 10.89 -2.33 -31.61
CA ILE B 159 11.78 -1.31 -31.06
C ILE B 159 10.93 -0.33 -30.30
N SER B 160 11.47 0.24 -29.23
CA SER B 160 10.79 1.36 -28.53
C SER B 160 11.81 2.44 -28.25
N SER B 161 11.34 3.66 -28.38
CA SER B 161 12.22 4.83 -28.21
C SER B 161 11.30 6.01 -28.08
N ALA B 162 10.25 5.84 -27.28
CA ALA B 162 9.30 6.93 -26.98
C ALA B 162 8.79 7.49 -28.31
N CYS B 163 8.86 8.80 -28.52
CA CYS B 163 8.31 9.41 -29.72
C CYS B 163 8.99 8.99 -31.02
N ALA B 164 10.17 8.39 -30.92
CA ALA B 164 10.92 7.95 -32.09
C ALA B 164 10.62 6.49 -32.44
N THR B 165 9.82 5.82 -31.63
CA THR B 165 9.64 4.35 -31.74
C THR B 165 9.49 3.85 -33.16
N SER B 166 8.47 4.31 -33.85
CA SER B 166 8.17 3.65 -35.12
C SER B 166 9.03 4.21 -36.27
N ALA B 167 9.69 5.36 -36.04
CA ALA B 167 10.73 5.82 -36.99
C ALA B 167 11.97 4.90 -36.88
N HIS B 168 12.40 4.55 -35.66
CA HIS B 168 13.51 3.58 -35.55
C HIS B 168 13.08 2.21 -36.10
N CYS B 169 11.79 1.84 -35.97
CA CYS B 169 11.36 0.58 -36.57
C CYS B 169 11.57 0.61 -38.08
N ILE B 170 11.17 1.72 -38.72
CA ILE B 170 11.36 1.83 -40.16
C ILE B 170 12.88 1.82 -40.52
N GLY B 171 13.67 2.56 -39.79
CA GLY B 171 15.12 2.57 -40.09
C GLY B 171 15.74 1.20 -39.89
N ASN B 172 15.33 0.46 -38.85
CA ASN B 172 15.86 -0.88 -38.66
C ASN B 172 15.40 -1.82 -39.79
N ALA B 173 14.19 -1.63 -40.29
CA ALA B 173 13.74 -2.38 -41.46
C ALA B 173 14.65 -2.09 -42.68
N VAL B 174 15.00 -0.81 -42.89
CA VAL B 174 15.95 -0.47 -43.93
C VAL B 174 17.27 -1.20 -43.71
N GLU B 175 17.77 -1.24 -42.47
CA GLU B 175 19.01 -1.96 -42.21
C GLU B 175 18.94 -3.42 -42.56
N GLN B 176 17.81 -4.07 -42.27
CA GLN B 176 17.68 -5.49 -42.64
C GLN B 176 17.78 -5.69 -44.14
N ILE B 177 17.21 -4.77 -44.91
CA ILE B 177 17.35 -4.82 -46.38
C ILE B 177 18.82 -4.59 -46.76
N GLN B 178 19.45 -3.57 -46.16
CA GLN B 178 20.85 -3.27 -46.48
C GLN B 178 21.83 -4.39 -46.17
N LEU B 179 21.54 -5.11 -45.10
CA LEU B 179 22.36 -6.27 -44.73
C LEU B 179 22.10 -7.47 -45.59
N GLY B 180 21.12 -7.39 -46.48
CA GLY B 180 20.75 -8.51 -47.35
C GLY B 180 19.93 -9.61 -46.66
N LYS B 181 19.47 -9.35 -45.45
CA LYS B 181 18.82 -10.39 -44.64
C LYS B 181 17.34 -10.58 -44.95
N GLN B 182 16.68 -9.53 -45.42
CA GLN B 182 15.25 -9.56 -45.68
C GLN B 182 14.96 -8.89 -47.00
N ASP B 183 13.92 -9.39 -47.68
CA ASP B 183 13.38 -8.72 -48.88
C ASP B 183 12.25 -7.75 -48.56
N ILE B 184 11.47 -8.06 -47.53
CA ILE B 184 10.37 -7.19 -47.10
C ILE B 184 10.38 -7.19 -45.58
N VAL B 185 10.23 -5.99 -44.99
CA VAL B 185 9.98 -5.91 -43.56
C VAL B 185 8.79 -4.95 -43.39
N PHE B 186 7.74 -5.43 -42.73
CA PHE B 186 6.63 -4.57 -42.36
C PHE B 186 7.09 -3.79 -41.15
N ALA B 187 6.99 -2.46 -41.21
CA ALA B 187 7.51 -1.63 -40.14
C ALA B 187 6.51 -0.59 -39.69
N GLY B 188 6.39 -0.39 -38.38
CA GLY B 188 5.42 0.56 -37.91
C GLY B 188 5.21 0.51 -36.43
N GLY B 189 3.96 0.73 -36.00
CA GLY B 189 3.73 0.77 -34.56
C GLY B 189 2.30 1.10 -34.24
N GLY B 190 2.01 1.09 -32.94
CA GLY B 190 0.68 1.39 -32.47
C GLY B 190 0.78 1.99 -31.09
N GLU B 191 -0.29 2.67 -30.66
CA GLU B 191 -0.35 3.25 -29.33
C GLU B 191 -1.79 3.30 -28.89
N GLU B 192 -2.08 2.81 -27.69
CA GLU B 192 -3.43 2.95 -27.14
C GLU B 192 -3.61 4.35 -26.60
N LEU B 193 -4.85 4.74 -26.37
CA LEU B 193 -5.14 6.05 -25.81
C LEU B 193 -5.96 5.81 -24.55
N CYS B 194 -5.47 6.28 -23.41
CA CYS B 194 -6.10 5.91 -22.12
C CYS B 194 -5.62 6.88 -21.04
N TRP B 195 -6.48 7.15 -20.08
CA TRP B 195 -6.06 8.01 -18.95
C TRP B 195 -4.88 7.38 -18.20
N GLU B 196 -4.81 6.04 -18.13
CA GLU B 196 -3.78 5.37 -17.34
C GLU B 196 -2.40 5.82 -17.77
N MET B 197 -2.18 5.95 -19.08
CA MET B 197 -0.92 6.45 -19.59
C MET B 197 -0.88 7.98 -19.68
N ALA B 198 -1.98 8.58 -20.14
CA ALA B 198 -1.98 10.02 -20.34
C ALA B 198 -1.69 10.79 -19.07
N CYS B 199 -2.17 10.28 -17.93
CA CYS B 199 -1.97 11.03 -16.69
C CYS B 199 -0.48 11.11 -16.34
N GLU B 200 0.35 10.16 -16.82
CA GLU B 200 1.78 10.22 -16.54
C GLU B 200 2.42 11.43 -17.26
N PHE B 201 1.93 11.73 -18.46
CA PHE B 201 2.40 12.90 -19.18
C PHE B 201 1.89 14.19 -18.59
N ASP B 202 0.64 14.18 -18.13
CA ASP B 202 0.08 15.40 -17.54
C ASP B 202 0.87 15.68 -16.24
N ALA B 203 1.22 14.62 -15.50
CA ALA B 203 1.94 14.79 -14.24
C ALA B 203 3.33 15.41 -14.44
N MET B 204 3.89 15.28 -15.65
CA MET B 204 5.17 15.91 -15.93
C MET B 204 4.98 17.30 -16.56
N GLY B 205 3.73 17.74 -16.70
CA GLY B 205 3.39 19.04 -17.28
C GLY B 205 3.51 19.12 -18.79
N ALA B 206 3.50 17.97 -19.46
CA ALA B 206 3.79 17.89 -20.90
C ALA B 206 2.59 18.17 -21.79
N LEU B 207 1.38 18.02 -21.24
CA LEU B 207 0.17 18.11 -22.05
C LEU B 207 -0.48 19.50 -22.02
N SER B 208 -1.16 19.82 -23.11
CA SER B 208 -1.93 21.05 -23.20
C SER B 208 -3.08 21.07 -22.20
N THR B 209 -3.26 22.18 -21.48
CA THR B 209 -4.33 22.26 -20.49
C THR B 209 -5.21 23.52 -20.61
N LYS B 210 -4.81 24.49 -21.44
CA LYS B 210 -5.48 25.81 -21.45
C LYS B 210 -6.58 25.91 -22.50
N TYR B 211 -6.73 24.88 -23.33
CA TYR B 211 -7.63 24.97 -24.48
C TYR B 211 -8.70 23.89 -24.46
N ASN B 212 -9.08 23.40 -23.28
CA ASN B 212 -10.01 22.30 -23.21
C ASN B 212 -11.36 22.66 -23.78
N ASP B 213 -11.75 23.95 -23.69
CA ASP B 213 -13.06 24.39 -24.20
C ASP B 213 -13.06 24.50 -25.74
N THR B 214 -11.89 24.48 -26.37
CA THR B 214 -11.79 24.57 -27.82
C THR B 214 -10.78 23.51 -28.28
N PRO B 215 -11.18 22.22 -28.25
CA PRO B 215 -10.21 21.15 -28.45
C PRO B 215 -9.43 21.22 -29.74
N GLU B 216 -10.04 21.73 -30.81
CA GLU B 216 -9.33 21.75 -32.09
C GLU B 216 -8.21 22.79 -32.15
N LYS B 217 -8.14 23.67 -31.14
CA LYS B 217 -7.13 24.72 -31.09
C LYS B 217 -6.01 24.42 -30.12
N ALA B 218 -6.09 23.29 -29.41
CA ALA B 218 -5.12 23.00 -28.35
C ALA B 218 -3.74 22.67 -28.88
N SER B 219 -3.69 21.88 -29.96
CA SER B 219 -2.39 21.51 -30.56
C SER B 219 -2.05 22.59 -31.57
N ARG B 220 -0.96 23.31 -31.35
CA ARG B 220 -0.71 24.58 -32.06
C ARG B 220 0.78 24.85 -32.19
N THR B 221 1.48 23.89 -32.79
CA THR B 221 2.92 23.96 -32.92
C THR B 221 3.31 25.29 -33.54
N TYR B 222 4.31 25.91 -32.93
CA TYR B 222 4.91 27.20 -33.36
C TYR B 222 4.08 28.41 -32.99
N ASP B 223 2.85 28.24 -32.50
CA ASP B 223 2.08 29.39 -32.04
C ASP B 223 2.69 29.91 -30.73
N ALA B 224 2.66 31.23 -30.56
CA ALA B 224 3.25 31.83 -29.38
C ALA B 224 2.66 31.39 -28.05
N HIS B 225 1.42 30.90 -28.09
CA HIS B 225 0.69 30.53 -26.89
C HIS B 225 0.45 29.04 -26.78
N ARG B 226 1.27 28.26 -27.47
CA ARG B 226 1.27 26.81 -27.24
C ARG B 226 1.57 26.48 -25.77
N ASP B 227 1.05 25.33 -25.30
CA ASP B 227 1.21 24.99 -23.88
C ASP B 227 1.32 23.49 -23.65
N GLY B 228 1.87 22.77 -24.62
CA GLY B 228 2.08 21.32 -24.46
C GLY B 228 1.39 20.52 -25.54
N PHE B 229 1.74 19.25 -25.61
CA PHE B 229 1.19 18.43 -26.66
C PHE B 229 -0.19 17.89 -26.32
N VAL B 230 -0.88 17.39 -27.35
CA VAL B 230 -2.17 16.74 -27.18
C VAL B 230 -1.94 15.26 -27.47
N ILE B 231 -2.20 14.41 -26.48
CA ILE B 231 -1.92 13.01 -26.65
C ILE B 231 -2.89 12.36 -27.63
N ALA B 232 -2.41 11.34 -28.34
CA ALA B 232 -3.25 10.69 -29.36
C ALA B 232 -2.92 9.21 -29.39
N GLY B 233 -3.78 8.44 -30.07
CA GLY B 233 -3.53 7.00 -30.24
C GLY B 233 -3.69 6.65 -31.70
N GLY B 234 -3.33 5.42 -32.06
CA GLY B 234 -3.52 4.96 -33.42
C GLY B 234 -2.42 4.00 -33.85
N GLY B 235 -2.35 3.76 -35.15
CA GLY B 235 -1.32 2.85 -35.64
C GLY B 235 -0.92 3.22 -37.06
N GLY B 236 0.15 2.61 -37.51
CA GLY B 236 0.52 2.74 -38.93
C GLY B 236 1.48 1.63 -39.29
N MET B 237 1.56 1.34 -40.58
CA MET B 237 2.47 0.30 -41.05
C MET B 237 2.88 0.64 -42.46
N VAL B 238 4.16 0.45 -42.76
CA VAL B 238 4.64 0.60 -44.13
C VAL B 238 5.32 -0.71 -44.54
N VAL B 239 5.29 -0.97 -45.85
CA VAL B 239 6.01 -2.15 -46.39
C VAL B 239 7.36 -1.66 -46.90
N VAL B 240 8.42 -2.04 -46.20
CA VAL B 240 9.79 -1.68 -46.59
C VAL B 240 10.33 -2.86 -47.41
N GLU B 241 10.79 -2.58 -48.61
CA GLU B 241 11.10 -3.64 -49.55
C GLU B 241 12.42 -3.40 -50.27
N GLU B 242 13.17 -4.45 -50.54
CA GLU B 242 14.39 -4.29 -51.31
C GLU B 242 14.00 -3.90 -52.75
N LEU B 243 14.76 -2.99 -53.34
CA LEU B 243 14.36 -2.40 -54.61
C LEU B 243 14.21 -3.41 -55.75
N GLU B 244 15.18 -4.29 -55.93
CA GLU B 244 15.05 -5.22 -57.04
C GLU B 244 13.86 -6.16 -56.87
N HIS B 245 13.59 -6.57 -55.63
CA HIS B 245 12.45 -7.40 -55.34
C HIS B 245 11.14 -6.66 -55.68
N ALA B 246 11.06 -5.38 -55.33
CA ALA B 246 9.89 -4.57 -55.63
C ALA B 246 9.69 -4.46 -57.14
N LEU B 247 10.77 -4.15 -57.85
CA LEU B 247 10.66 -3.95 -59.30
C LEU B 247 10.25 -5.25 -59.97
N ALA B 248 10.76 -6.37 -59.48
CA ALA B 248 10.49 -7.65 -60.12
C ALA B 248 9.03 -8.08 -60.03
N ARG B 249 8.35 -7.62 -58.98
CA ARG B 249 6.91 -7.95 -58.83
C ARG B 249 6.00 -6.83 -59.31
N GLY B 250 6.56 -5.80 -59.96
CA GLY B 250 5.70 -4.72 -60.45
C GLY B 250 5.06 -3.94 -59.30
N ALA B 251 5.79 -3.75 -58.22
CA ALA B 251 5.27 -3.02 -57.08
C ALA B 251 4.97 -1.58 -57.44
N HIS B 252 4.03 -1.00 -56.73
CA HIS B 252 3.87 0.44 -56.74
C HIS B 252 4.81 0.99 -55.67
N ILE B 253 5.75 1.84 -56.09
CA ILE B 253 6.76 2.35 -55.19
C ILE B 253 6.44 3.81 -54.86
N TYR B 254 6.19 4.09 -53.58
CA TYR B 254 5.95 5.47 -53.18
C TYR B 254 7.27 6.24 -53.23
N ALA B 255 8.30 5.69 -52.61
CA ALA B 255 9.55 6.42 -52.43
C ALA B 255 10.62 5.44 -52.02
N GLU B 256 11.86 5.88 -52.24
CA GLU B 256 13.02 5.22 -51.68
C GLU B 256 13.37 5.85 -50.33
N ILE B 257 13.76 5.04 -49.35
CA ILE B 257 14.30 5.58 -48.10
C ILE B 257 15.78 5.82 -48.34
N VAL B 258 16.12 7.07 -48.61
CA VAL B 258 17.49 7.38 -48.99
C VAL B 258 18.33 7.85 -47.81
N GLY B 259 17.70 8.06 -46.65
CA GLY B 259 18.47 8.41 -45.46
C GLY B 259 17.78 8.01 -44.19
N TYR B 260 18.59 7.61 -43.21
CA TYR B 260 18.09 7.24 -41.91
C TYR B 260 19.12 7.67 -40.89
N GLY B 261 18.76 8.62 -40.05
CA GLY B 261 19.62 9.08 -38.97
C GLY B 261 19.10 8.51 -37.64
N ALA B 262 20.01 8.14 -36.76
CA ALA B 262 19.62 7.68 -35.41
C ALA B 262 20.75 8.11 -34.50
N THR B 263 20.45 8.98 -33.53
CA THR B 263 21.49 9.49 -32.64
C THR B 263 20.92 9.62 -31.23
N SER B 264 21.77 10.06 -30.32
CA SER B 264 21.42 10.19 -28.91
C SER B 264 21.97 11.50 -28.39
N ASP B 265 21.22 12.17 -27.54
CA ASP B 265 21.68 13.44 -26.97
C ASP B 265 22.69 13.24 -25.85
N GLY B 266 22.47 12.24 -25.02
CA GLY B 266 23.35 12.04 -23.89
C GLY B 266 23.40 13.23 -22.94
N ALA B 267 22.24 13.83 -22.70
CA ALA B 267 22.14 15.16 -22.04
C ALA B 267 20.97 15.16 -21.07
N ASP B 268 19.73 15.40 -21.54
CA ASP B 268 18.55 15.55 -20.63
C ASP B 268 17.54 14.47 -20.90
N MET B 269 16.89 13.99 -19.84
CA MET B 269 15.87 12.95 -19.95
C MET B 269 14.64 13.29 -20.76
N VAL B 270 14.21 14.55 -20.71
CA VAL B 270 12.89 14.88 -21.24
C VAL B 270 12.90 16.05 -22.23
N ALA B 271 14.00 16.81 -22.22
CA ALA B 271 14.15 17.93 -23.14
C ALA B 271 15.20 17.61 -24.20
N PRO B 272 14.99 18.03 -25.47
CA PRO B 272 16.00 17.78 -26.49
C PRO B 272 17.20 18.73 -26.36
N SER B 273 18.38 18.26 -26.76
CA SER B 273 19.60 19.08 -26.72
C SER B 273 19.82 19.96 -27.96
N GLY B 274 19.24 19.62 -29.11
CA GLY B 274 19.60 20.34 -30.34
C GLY B 274 20.80 19.73 -31.07
N GLU B 275 21.94 19.61 -30.39
CA GLU B 275 23.14 19.00 -30.92
C GLU B 275 22.90 17.58 -31.49
N GLY B 276 22.17 16.77 -30.74
CA GLY B 276 21.84 15.43 -31.22
C GLY B 276 20.95 15.46 -32.47
N ALA B 277 20.01 16.40 -32.49
CA ALA B 277 19.11 16.56 -33.64
C ALA B 277 19.87 17.00 -34.89
N VAL B 278 20.81 17.94 -34.72
CA VAL B 278 21.64 18.36 -35.85
C VAL B 278 22.39 17.14 -36.43
N ARG B 279 23.00 16.34 -35.55
CA ARG B 279 23.76 15.19 -36.05
C ARG B 279 22.81 14.19 -36.73
N CYS B 280 21.60 14.05 -36.19
CA CYS B 280 20.64 13.07 -36.74
C CYS B 280 20.21 13.49 -38.15
N MET B 281 19.84 14.76 -38.30
CA MET B 281 19.47 15.24 -39.63
C MET B 281 20.62 15.15 -40.62
N LYS B 282 21.82 15.53 -40.18
CA LYS B 282 22.97 15.46 -41.09
C LYS B 282 23.25 14.00 -41.49
N MET B 283 23.08 13.06 -40.55
CA MET B 283 23.30 11.65 -40.86
C MET B 283 22.31 11.18 -41.92
N ALA B 284 21.03 11.59 -41.80
CA ALA B 284 20.03 11.17 -42.76
C ALA B 284 20.24 11.80 -44.14
N MET B 285 20.94 12.93 -44.17
CA MET B 285 21.18 13.65 -45.44
C MET B 285 22.48 13.29 -46.09
N HIS B 286 23.33 12.55 -45.39
CA HIS B 286 24.63 12.27 -45.94
C HIS B 286 24.54 11.46 -47.25
N GLY B 287 25.18 11.95 -48.31
CA GLY B 287 25.11 11.28 -49.59
C GLY B 287 23.81 11.53 -50.37
N VAL B 288 22.84 12.23 -49.79
CA VAL B 288 21.59 12.48 -50.48
C VAL B 288 21.82 13.71 -51.34
N ASP B 289 21.73 13.54 -52.67
CA ASP B 289 22.23 14.56 -53.58
C ASP B 289 21.16 15.53 -54.07
N THR B 290 20.03 15.56 -53.37
CA THR B 290 18.92 16.45 -53.72
C THR B 290 18.50 17.23 -52.47
N PRO B 291 17.94 18.43 -52.65
CA PRO B 291 17.54 19.19 -51.45
C PRO B 291 16.26 18.66 -50.82
N ILE B 292 16.07 18.98 -49.54
CA ILE B 292 14.83 18.61 -48.88
C ILE B 292 13.76 19.62 -49.31
N ASP B 293 12.69 19.13 -49.92
CA ASP B 293 11.62 20.00 -50.40
C ASP B 293 10.57 20.26 -49.31
N TYR B 294 10.44 19.35 -48.35
CA TYR B 294 9.45 19.46 -47.31
C TYR B 294 9.95 18.68 -46.11
N LEU B 295 9.79 19.29 -44.95
CA LEU B 295 10.21 18.68 -43.68
C LEU B 295 8.99 18.64 -42.75
N ASN B 296 8.64 17.41 -42.36
CA ASN B 296 7.56 17.17 -41.41
C ASN B 296 8.24 17.15 -40.06
N SER B 297 8.04 18.23 -39.29
CA SER B 297 8.84 18.37 -38.10
C SER B 297 8.31 17.46 -36.97
N HIS B 298 9.14 17.26 -35.96
CA HIS B 298 8.68 16.57 -34.75
C HIS B 298 7.59 17.43 -34.07
N GLY B 299 7.90 18.72 -33.92
CA GLY B 299 6.92 19.78 -33.59
C GLY B 299 5.70 19.36 -32.79
N THR B 300 5.88 19.15 -31.48
CA THR B 300 4.77 18.62 -30.67
C THR B 300 3.83 19.66 -30.04
N SER B 301 4.17 20.95 -30.16
CA SER B 301 3.40 22.04 -29.53
C SER B 301 3.85 22.32 -28.11
N THR B 302 5.13 22.10 -27.85
CA THR B 302 5.72 22.37 -26.54
C THR B 302 6.55 23.66 -26.65
N PRO B 303 6.51 24.51 -25.60
CA PRO B 303 7.33 25.73 -25.58
C PRO B 303 8.80 25.51 -25.94
N VAL B 304 9.50 24.63 -25.23
CA VAL B 304 10.94 24.45 -25.47
C VAL B 304 11.23 23.63 -26.73
N GLY B 305 10.53 22.51 -26.87
CA GLY B 305 10.84 21.56 -27.91
C GLY B 305 10.69 22.14 -29.30
N ASP B 306 9.61 22.89 -29.55
CA ASP B 306 9.32 23.32 -30.93
C ASP B 306 10.48 24.16 -31.44
N VAL B 307 10.98 25.07 -30.59
CA VAL B 307 12.01 26.01 -31.06
C VAL B 307 13.41 25.40 -31.00
N LYS B 308 13.64 24.42 -30.12
CA LYS B 308 14.91 23.69 -30.15
C LYS B 308 15.09 23.00 -31.52
N GLU B 309 14.03 22.40 -32.02
CA GLU B 309 14.11 21.75 -33.32
C GLU B 309 14.32 22.78 -34.42
N LEU B 310 13.65 23.93 -34.32
CA LEU B 310 13.85 24.93 -35.39
C LEU B 310 15.28 25.47 -35.41
N ALA B 311 15.89 25.63 -34.23
CA ALA B 311 17.28 26.08 -34.20
C ALA B 311 18.18 25.03 -34.84
N ALA B 312 17.88 23.74 -34.60
CA ALA B 312 18.65 22.67 -35.22
C ALA B 312 18.48 22.70 -36.76
N ILE B 313 17.25 22.88 -37.21
CA ILE B 313 16.99 22.97 -38.65
C ILE B 313 17.78 24.14 -39.27
N ARG B 314 17.80 25.29 -38.61
CA ARG B 314 18.55 26.40 -39.18
C ARG B 314 20.03 26.05 -39.28
N GLU B 315 20.54 25.35 -38.28
CA GLU B 315 21.95 24.98 -38.31
C GLU B 315 22.27 24.00 -39.45
N VAL B 316 21.40 23.02 -39.63
CA VAL B 316 21.60 22.02 -40.68
C VAL B 316 21.50 22.65 -42.06
N PHE B 317 20.51 23.49 -42.27
CA PHE B 317 20.18 23.93 -43.63
C PHE B 317 20.76 25.28 -44.02
N GLY B 318 21.31 26.01 -43.05
CA GLY B 318 21.97 27.27 -43.35
C GLY B 318 20.98 28.19 -44.01
N ASP B 319 21.34 28.76 -45.17
CA ASP B 319 20.47 29.69 -45.88
C ASP B 319 19.54 29.07 -46.92
N LYS B 320 19.31 27.76 -46.83
CA LYS B 320 18.36 27.11 -47.72
C LYS B 320 17.50 26.08 -46.94
N SER B 321 16.74 26.57 -45.97
CA SER B 321 15.83 25.70 -45.22
C SER B 321 14.62 25.32 -46.07
N PRO B 322 14.10 24.13 -45.79
CA PRO B 322 12.96 23.61 -46.54
C PRO B 322 11.63 24.18 -46.05
N ALA B 323 10.59 23.98 -46.85
CA ALA B 323 9.22 24.15 -46.36
C ALA B 323 9.01 23.22 -45.18
N ILE B 324 8.28 23.68 -44.16
CA ILE B 324 8.08 22.93 -42.92
C ILE B 324 6.62 22.97 -42.56
N SER B 325 6.08 21.82 -42.09
CA SER B 325 4.84 21.92 -41.33
C SER B 325 4.85 20.88 -40.23
N ALA B 326 4.09 21.18 -39.19
CA ALA B 326 3.94 20.26 -38.06
C ALA B 326 2.56 19.65 -38.09
N THR B 327 2.46 18.42 -38.59
CA THR B 327 1.15 17.80 -38.69
C THR B 327 0.56 17.46 -37.33
N LYS B 328 1.37 17.49 -36.25
CA LYS B 328 0.78 17.26 -34.94
C LYS B 328 -0.22 18.34 -34.54
N ALA B 329 -0.14 19.53 -35.15
CA ALA B 329 -1.16 20.53 -34.85
C ALA B 329 -2.56 20.04 -35.26
N MET B 330 -2.64 19.17 -36.28
CA MET B 330 -3.91 18.54 -36.66
C MET B 330 -4.14 17.23 -35.87
N THR B 331 -3.11 16.39 -35.71
CA THR B 331 -3.33 14.98 -35.32
C THR B 331 -3.13 14.71 -33.83
N GLY B 332 -2.43 15.61 -33.14
CA GLY B 332 -1.91 15.25 -31.82
C GLY B 332 -0.69 14.35 -31.93
N HIS B 333 -0.20 13.92 -30.77
CA HIS B 333 1.02 13.17 -30.64
C HIS B 333 0.73 11.73 -30.28
N SER B 334 0.91 10.80 -31.24
CA SER B 334 0.55 9.40 -31.01
C SER B 334 1.71 8.57 -30.56
N LEU B 335 2.74 9.24 -30.06
CA LEU B 335 3.77 8.57 -29.26
C LEU B 335 4.45 7.46 -30.10
N GLY B 336 4.31 6.18 -29.74
CA GLY B 336 4.92 5.09 -30.52
C GLY B 336 4.46 4.99 -31.96
N ALA B 337 3.26 5.49 -32.26
CA ALA B 337 2.76 5.49 -33.63
C ALA B 337 3.17 6.72 -34.44
N ALA B 338 3.77 7.72 -33.81
CA ALA B 338 3.97 9.00 -34.50
C ALA B 338 4.93 8.87 -35.69
N GLY B 339 6.04 8.15 -35.50
CA GLY B 339 7.07 8.08 -36.56
C GLY B 339 6.52 7.51 -37.85
N VAL B 340 5.78 6.40 -37.76
CA VAL B 340 5.23 5.79 -38.95
C VAL B 340 4.07 6.59 -39.50
N GLN B 341 3.20 7.11 -38.63
CA GLN B 341 2.10 7.90 -39.16
C GLN B 341 2.64 9.14 -39.89
N GLU B 342 3.65 9.80 -39.34
CA GLU B 342 4.21 11.00 -39.98
C GLU B 342 5.01 10.67 -41.22
N ALA B 343 5.68 9.52 -41.24
CA ALA B 343 6.26 9.04 -42.50
C ALA B 343 5.16 8.88 -43.55
N ILE B 344 4.02 8.30 -43.15
CA ILE B 344 2.91 8.13 -44.08
C ILE B 344 2.36 9.49 -44.54
N TYR B 345 2.18 10.45 -43.62
CA TYR B 345 1.67 11.75 -44.09
C TYR B 345 2.64 12.34 -45.12
N SER B 346 3.94 12.21 -44.84
CA SER B 346 4.98 12.73 -45.72
C SER B 346 4.96 12.02 -47.09
N LEU B 347 4.76 10.71 -47.09
CA LEU B 347 4.65 9.94 -48.32
C LEU B 347 3.39 10.33 -49.09
N LEU B 348 2.29 10.62 -48.40
CA LEU B 348 1.10 11.07 -49.11
C LEU B 348 1.30 12.45 -49.75
N MET B 349 2.01 13.32 -49.03
CA MET B 349 2.36 14.63 -49.60
C MET B 349 3.25 14.47 -50.85
N LEU B 350 4.22 13.56 -50.76
CA LEU B 350 5.10 13.30 -51.89
C LEU B 350 4.33 12.69 -53.08
N GLU B 351 3.48 11.72 -52.79
CA GLU B 351 2.72 11.01 -53.83
C GLU B 351 1.70 11.93 -54.52
N HIS B 352 1.04 12.79 -53.75
CA HIS B 352 -0.04 13.60 -54.28
C HIS B 352 0.35 15.02 -54.56
N GLY B 353 1.58 15.39 -54.25
CA GLY B 353 2.14 16.70 -54.65
C GLY B 353 1.51 17.87 -53.90
N PHE B 354 1.55 17.81 -52.58
CA PHE B 354 1.05 18.95 -51.79
C PHE B 354 1.78 18.99 -50.46
N ILE B 355 1.75 20.16 -49.82
CA ILE B 355 2.20 20.30 -48.44
C ILE B 355 1.02 20.57 -47.56
N ALA B 356 0.86 19.75 -46.51
CA ALA B 356 -0.20 19.92 -45.55
C ALA B 356 0.10 21.13 -44.67
N PRO B 357 -0.92 21.85 -44.21
CA PRO B 357 -0.67 23.07 -43.43
C PRO B 357 -0.32 22.78 -41.98
N SER B 358 0.48 23.69 -41.42
CA SER B 358 0.76 23.77 -40.01
C SER B 358 -0.33 24.66 -39.42
N ILE B 359 -1.33 24.03 -38.77
CA ILE B 359 -2.54 24.77 -38.39
C ILE B 359 -2.42 25.42 -37.01
N ASN B 360 -3.36 26.33 -36.73
CA ASN B 360 -3.51 26.96 -35.41
C ASN B 360 -2.40 27.93 -35.04
N ILE B 361 -1.69 28.46 -36.04
CA ILE B 361 -0.70 29.49 -35.76
C ILE B 361 -1.38 30.85 -35.84
N GLU B 362 -1.80 31.34 -34.69
CA GLU B 362 -2.44 32.64 -34.64
C GLU B 362 -1.41 33.74 -34.52
N GLU B 363 -0.30 33.44 -33.88
CA GLU B 363 0.82 34.37 -33.74
C GLU B 363 2.07 33.50 -33.79
N LEU B 364 2.87 33.65 -34.85
CA LEU B 364 4.04 32.81 -34.96
C LEU B 364 5.08 33.14 -33.91
N ASP B 365 5.66 32.11 -33.29
CA ASP B 365 6.72 32.31 -32.32
C ASP B 365 7.86 33.12 -32.95
N GLU B 366 8.46 34.03 -32.18
CA GLU B 366 9.56 34.85 -32.70
C GLU B 366 10.71 34.00 -33.24
N GLN B 367 10.92 32.82 -32.63
CA GLN B 367 12.04 31.95 -33.01
C GLN B 367 11.76 31.14 -34.27
N ALA B 368 10.57 31.27 -34.83
CA ALA B 368 10.27 30.65 -36.11
C ALA B 368 10.32 31.62 -37.27
N ALA B 369 10.67 32.88 -37.01
CA ALA B 369 10.68 33.90 -38.06
C ALA B 369 11.64 33.55 -39.17
N GLY B 370 11.24 33.85 -40.40
CA GLY B 370 12.11 33.68 -41.56
C GLY B 370 12.09 32.27 -42.13
N LEU B 371 11.36 31.35 -41.51
CA LEU B 371 11.26 30.00 -42.05
C LEU B 371 9.96 29.86 -42.78
N ASN B 372 9.94 28.99 -43.79
CA ASN B 372 8.72 28.79 -44.56
C ASN B 372 7.88 27.70 -43.86
N ILE B 373 7.25 28.10 -42.74
CA ILE B 373 6.29 27.28 -42.06
C ILE B 373 4.99 27.45 -42.81
N VAL B 374 4.59 26.39 -43.50
CA VAL B 374 3.46 26.46 -44.42
C VAL B 374 2.17 26.38 -43.65
N THR B 375 1.29 27.38 -43.81
CA THR B 375 0.07 27.46 -43.03
C THR B 375 -1.20 27.32 -43.85
N GLU B 376 -1.07 27.13 -45.15
CA GLU B 376 -2.21 26.84 -46.00
C GLU B 376 -1.82 25.69 -46.89
N THR B 377 -2.76 24.79 -47.17
CA THR B 377 -2.46 23.68 -48.08
C THR B 377 -1.91 24.21 -49.39
N THR B 378 -0.80 23.64 -49.87
CA THR B 378 -0.10 24.18 -51.02
C THR B 378 0.21 23.06 -51.99
N ASP B 379 -0.27 23.15 -53.23
CA ASP B 379 0.16 22.19 -54.25
C ASP B 379 1.60 22.46 -54.67
N ARG B 380 2.40 21.41 -54.64
CA ARG B 380 3.82 21.55 -54.97
C ARG B 380 4.32 20.20 -55.39
N GLU B 381 5.06 20.14 -56.49
CA GLU B 381 5.69 18.89 -56.93
C GLU B 381 6.93 18.60 -56.09
N LEU B 382 6.78 17.84 -55.05
CA LEU B 382 7.88 17.49 -54.17
C LEU B 382 8.67 16.30 -54.74
N THR B 383 9.94 16.27 -54.40
CA THR B 383 10.81 15.11 -54.78
C THR B 383 11.41 14.41 -53.57
N THR B 384 11.85 15.18 -52.56
CA THR B 384 12.54 14.63 -51.39
C THR B 384 11.92 15.24 -50.16
N VAL B 385 11.59 14.37 -49.21
CA VAL B 385 10.99 14.82 -47.95
C VAL B 385 11.72 14.25 -46.74
N MET B 386 11.61 14.95 -45.62
CA MET B 386 12.28 14.55 -44.40
C MET B 386 11.27 14.55 -43.28
N SER B 387 11.41 13.59 -42.36
CA SER B 387 10.54 13.53 -41.19
C SER B 387 11.34 13.27 -39.94
N ASN B 388 11.19 14.15 -38.92
CA ASN B 388 11.95 14.06 -37.69
C ASN B 388 11.14 13.47 -36.53
N SER B 389 11.79 12.63 -35.71
CA SER B 389 11.15 12.09 -34.50
C SER B 389 12.16 12.16 -33.36
N PHE B 390 11.91 13.02 -32.39
CA PHE B 390 12.93 13.26 -31.36
C PHE B 390 12.30 12.93 -30.02
N GLY B 391 12.57 11.72 -29.50
CA GLY B 391 11.92 11.15 -28.34
C GLY B 391 12.49 11.48 -26.97
N PHE B 392 11.64 11.39 -25.95
CA PHE B 392 12.11 11.43 -24.54
C PHE B 392 13.24 10.46 -24.34
N GLY B 393 14.19 10.84 -23.50
CA GLY B 393 15.38 10.05 -23.30
C GLY B 393 16.47 10.45 -24.26
N GLY B 394 16.26 11.52 -25.04
CA GLY B 394 17.30 12.02 -25.92
C GLY B 394 17.55 11.09 -27.07
N THR B 395 16.52 10.43 -27.59
CA THR B 395 16.70 9.52 -28.71
C THR B 395 16.12 10.10 -29.98
N ASN B 396 16.91 10.14 -31.05
CA ASN B 396 16.50 10.84 -32.25
C ASN B 396 16.50 9.94 -33.45
N ALA B 397 15.49 10.15 -34.31
CA ALA B 397 15.45 9.46 -35.62
C ALA B 397 15.03 10.45 -36.67
N THR B 398 15.62 10.34 -37.84
CA THR B 398 15.18 11.15 -38.99
C THR B 398 15.10 10.18 -40.19
N LEU B 399 14.07 10.34 -41.01
CA LEU B 399 13.94 9.60 -42.27
C LEU B 399 13.92 10.56 -43.43
N VAL B 400 14.62 10.20 -44.50
CA VAL B 400 14.54 10.98 -45.74
C VAL B 400 14.04 10.05 -46.83
N MET B 401 13.01 10.51 -47.55
CA MET B 401 12.34 9.69 -48.53
C MET B 401 12.30 10.44 -49.84
N ARG B 402 12.54 9.74 -50.96
CA ARG B 402 12.69 10.41 -52.22
C ARG B 402 12.01 9.64 -53.33
N LYS B 403 11.41 10.34 -54.28
CA LYS B 403 10.85 9.64 -55.44
C LYS B 403 11.95 8.84 -56.16
N LEU B 404 11.53 7.73 -56.72
CA LEU B 404 12.39 6.94 -57.61
C LEU B 404 12.10 7.34 -59.08
N MET C 1 -8.14 8.18 54.93
CA MET C 1 -8.15 7.46 53.60
C MET C 1 -6.73 7.07 53.19
N LYS C 2 -6.57 5.93 52.52
CA LYS C 2 -5.24 5.49 52.04
C LYS C 2 -4.69 6.46 51.02
N ARG C 3 -3.37 6.63 51.04
CA ARG C 3 -2.71 7.64 50.23
C ARG C 3 -1.96 6.94 49.08
N ALA C 4 -1.89 7.61 47.93
CA ALA C 4 -1.31 7.05 46.73
C ALA C 4 -0.12 7.87 46.31
N VAL C 5 1.02 7.21 46.07
CA VAL C 5 2.23 7.89 45.63
C VAL C 5 2.75 7.30 44.33
N ILE C 6 3.58 8.06 43.62
CA ILE C 6 4.22 7.55 42.41
C ILE C 6 5.64 7.16 42.73
N THR C 7 5.95 5.89 42.44
CA THR C 7 7.23 5.34 42.84
C THR C 7 8.11 4.91 41.64
N GLY C 8 7.64 5.15 40.42
CA GLY C 8 8.42 4.78 39.26
C GLY C 8 7.76 5.38 38.04
N LEU C 9 8.58 5.71 37.04
CA LEU C 9 8.07 6.25 35.81
C LEU C 9 8.77 5.65 34.61
N GLY C 10 8.10 5.68 33.46
CA GLY C 10 8.73 5.21 32.21
C GLY C 10 8.06 5.95 31.07
N ILE C 11 8.81 6.21 30.02
CA ILE C 11 8.29 7.10 28.96
C ILE C 11 8.98 6.86 27.65
N VAL C 12 8.20 6.83 26.57
CA VAL C 12 8.74 6.87 25.21
C VAL C 12 7.98 7.97 24.52
N SER C 13 8.67 9.06 24.22
CA SER C 13 7.97 10.25 23.76
C SER C 13 8.69 10.90 22.60
N SER C 14 8.01 11.85 21.96
CA SER C 14 8.67 12.59 20.87
C SER C 14 9.92 13.35 21.34
N ILE C 15 10.04 13.60 22.64
CA ILE C 15 11.21 14.36 23.16
C ILE C 15 12.18 13.48 23.97
N GLY C 16 12.03 12.16 23.94
CA GLY C 16 13.04 11.30 24.52
C GLY C 16 12.51 9.90 24.80
N ASN C 17 13.43 8.93 24.78
CA ASN C 17 13.09 7.51 24.89
C ASN C 17 13.24 6.98 26.32
N ASN C 18 13.55 7.86 27.28
CA ASN C 18 13.53 7.51 28.70
C ASN C 18 13.49 8.83 29.48
N GLN C 19 13.39 8.76 30.81
CA GLN C 19 13.20 10.01 31.56
C GLN C 19 14.40 10.93 31.53
N GLN C 20 15.61 10.38 31.37
CA GLN C 20 16.79 11.24 31.32
C GLN C 20 16.77 12.06 30.02
N GLU C 21 16.49 11.39 28.89
CA GLU C 21 16.48 12.09 27.61
C GLU C 21 15.38 13.17 27.65
N VAL C 22 14.23 12.81 28.24
CA VAL C 22 13.12 13.75 28.36
C VAL C 22 13.50 14.95 29.24
N LEU C 23 14.17 14.70 30.37
CA LEU C 23 14.58 15.79 31.23
C LEU C 23 15.46 16.78 30.48
N ALA C 24 16.44 16.28 29.72
CA ALA C 24 17.29 17.20 28.97
C ALA C 24 16.47 18.00 27.96
N SER C 25 15.56 17.34 27.23
CA SER C 25 14.76 18.06 26.24
C SER C 25 13.93 19.15 26.91
N LEU C 26 13.30 18.84 28.05
CA LEU C 26 12.44 19.81 28.74
C LEU C 26 13.26 21.01 29.17
N ARG C 27 14.45 20.78 29.73
CA ARG C 27 15.26 21.93 30.17
C ARG C 27 15.72 22.79 29.01
N GLU C 28 15.89 22.17 27.85
CA GLU C 28 16.43 22.86 26.69
C GLU C 28 15.34 23.44 25.82
N GLY C 29 14.07 23.21 26.17
CA GLY C 29 13.02 23.69 25.28
C GLY C 29 13.06 23.07 23.90
N ARG C 30 13.48 21.81 23.82
CA ARG C 30 13.71 21.18 22.52
C ARG C 30 12.44 20.61 21.92
N SER C 31 12.18 20.91 20.66
CA SER C 31 11.03 20.37 19.97
C SER C 31 11.21 18.92 19.59
N GLY C 32 10.15 18.14 19.74
CA GLY C 32 10.08 16.76 19.23
C GLY C 32 9.38 16.67 17.88
N ILE C 33 9.08 17.81 17.23
CA ILE C 33 8.25 17.75 16.03
C ILE C 33 9.08 17.72 14.76
N THR C 34 8.67 16.87 13.81
CA THR C 34 9.37 16.75 12.55
C THR C 34 8.38 16.73 11.39
N PHE C 35 8.89 16.97 10.18
CA PHE C 35 8.13 16.80 8.97
C PHE C 35 7.84 15.31 8.74
N SER C 36 6.61 15.00 8.30
CA SER C 36 6.25 13.64 8.02
C SER C 36 5.87 13.46 6.54
N GLN C 37 6.72 12.74 5.80
CA GLN C 37 6.37 12.38 4.44
C GLN C 37 5.15 11.48 4.39
N GLU C 38 4.96 10.62 5.40
CA GLU C 38 3.77 9.77 5.42
C GLU C 38 2.50 10.60 5.45
N LEU C 39 2.44 11.60 6.35
CA LEU C 39 1.23 12.41 6.40
C LEU C 39 1.03 13.16 5.08
N LYS C 40 2.11 13.72 4.52
CA LYS C 40 1.95 14.41 3.24
C LYS C 40 1.45 13.46 2.15
N ASP C 41 2.07 12.29 2.06
CA ASP C 41 1.73 11.32 1.00
C ASP C 41 0.27 10.88 1.09
N SER C 42 -0.28 10.87 2.31
CA SER C 42 -1.65 10.41 2.50
C SER C 42 -2.69 11.39 2.01
N GLY C 43 -2.29 12.61 1.63
CA GLY C 43 -3.24 13.62 1.17
C GLY C 43 -3.66 14.61 2.24
N MET C 44 -3.07 14.52 3.42
CA MET C 44 -3.38 15.47 4.50
C MET C 44 -2.85 16.89 4.24
N ARG C 45 -3.40 17.87 4.95
CA ARG C 45 -2.90 19.22 4.93
C ARG C 45 -1.87 19.48 6.01
N SER C 46 -1.96 18.73 7.11
CA SER C 46 -0.96 18.80 8.18
C SER C 46 0.16 17.80 7.88
N HIS C 47 1.42 18.28 7.84
CA HIS C 47 2.53 17.41 7.45
C HIS C 47 3.58 17.30 8.54
N VAL C 48 3.15 17.50 9.78
CA VAL C 48 4.11 17.53 10.88
C VAL C 48 3.61 16.62 11.99
N TRP C 49 4.54 16.03 12.76
CA TRP C 49 4.11 15.15 13.85
C TRP C 49 5.16 15.01 14.91
N GLY C 50 4.74 14.58 16.09
CA GLY C 50 5.69 14.31 17.17
C GLY C 50 5.94 12.81 17.23
N ASN C 51 6.91 12.37 16.44
CA ASN C 51 7.22 10.96 16.31
C ASN C 51 8.17 10.44 17.36
N VAL C 52 8.05 9.16 17.66
CA VAL C 52 9.02 8.50 18.51
C VAL C 52 10.25 8.21 17.68
N LYS C 53 11.41 8.65 18.15
CA LYS C 53 12.67 8.44 17.40
C LYS C 53 13.35 7.19 17.95
N LEU C 54 12.75 6.06 17.65
CA LEU C 54 13.26 4.79 18.11
C LEU C 54 12.68 3.78 17.15
N ASP C 55 13.53 2.92 16.62
CA ASP C 55 13.06 1.81 15.82
C ASP C 55 12.73 0.70 16.81
N THR C 56 11.44 0.38 16.94
CA THR C 56 11.05 -0.60 17.93
C THR C 56 11.20 -2.05 17.46
N THR C 57 11.67 -2.25 16.22
CA THR C 57 11.78 -3.61 15.67
C THR C 57 12.63 -4.47 16.60
N GLY C 58 12.10 -5.61 17.01
CA GLY C 58 12.86 -6.56 17.81
C GLY C 58 13.12 -6.17 19.25
N LEU C 59 12.54 -5.06 19.71
CA LEU C 59 12.77 -4.66 21.11
C LEU C 59 11.93 -5.43 22.13
N ILE C 60 10.90 -6.11 21.62
CA ILE C 60 10.04 -6.95 22.45
C ILE C 60 10.04 -8.38 21.91
N ASP C 61 10.07 -9.35 22.80
CA ASP C 61 10.09 -10.74 22.39
C ASP C 61 9.03 -11.05 21.33
N ARG C 62 9.40 -11.85 20.33
CA ARG C 62 8.52 -12.12 19.20
C ARG C 62 7.15 -12.64 19.61
N LYS C 63 7.10 -13.55 20.59
CA LYS C 63 5.81 -14.18 20.95
C LYS C 63 4.90 -13.24 21.75
N VAL C 64 5.48 -12.17 22.29
CA VAL C 64 4.70 -11.14 22.99
C VAL C 64 4.26 -10.06 21.99
N VAL C 65 5.18 -9.60 21.15
CA VAL C 65 4.89 -8.47 20.26
C VAL C 65 3.96 -8.86 19.11
N ARG C 66 3.81 -10.15 18.86
CA ARG C 66 2.94 -10.58 17.77
C ARG C 66 1.49 -10.12 17.99
N PHE C 67 1.11 -9.89 19.25
CA PHE C 67 -0.26 -9.46 19.59
C PHE C 67 -0.45 -7.97 19.57
N MET C 68 0.63 -7.21 19.42
CA MET C 68 0.63 -5.78 19.76
C MET C 68 0.57 -4.81 18.59
N SER C 69 -0.20 -3.73 18.75
CA SER C 69 -0.08 -2.56 17.90
C SER C 69 0.96 -1.58 18.50
N ASP C 70 1.23 -0.47 17.80
CA ASP C 70 2.23 0.45 18.32
C ASP C 70 1.88 1.06 19.67
N ALA C 71 0.59 1.32 19.94
CA ALA C 71 0.24 1.91 21.25
C ALA C 71 0.72 0.96 22.34
N SER C 72 0.46 -0.33 22.16
CA SER C 72 0.89 -1.35 23.12
C SER C 72 2.39 -1.45 23.22
N ILE C 73 3.06 -1.38 22.07
CA ILE C 73 4.54 -1.44 22.10
C ILE C 73 5.10 -0.27 22.92
N TYR C 74 4.61 0.96 22.70
CA TYR C 74 5.16 2.09 23.44
C TYR C 74 4.82 1.98 24.92
N ALA C 75 3.60 1.54 25.26
CA ALA C 75 3.23 1.40 26.66
C ALA C 75 4.07 0.29 27.33
N PHE C 76 4.35 -0.80 26.60
CA PHE C 76 5.12 -1.92 27.15
C PHE C 76 6.54 -1.45 27.46
N LEU C 77 7.15 -0.74 26.51
CA LEU C 77 8.52 -0.25 26.74
C LEU C 77 8.55 0.71 27.92
N SER C 78 7.49 1.54 28.03
CA SER C 78 7.40 2.47 29.16
C SER C 78 7.25 1.69 30.47
N MET C 79 6.42 0.64 30.46
CA MET C 79 6.23 -0.17 31.66
C MET C 79 7.51 -0.86 32.11
N GLU C 80 8.29 -1.39 31.17
CA GLU C 80 9.58 -1.95 31.57
C GLU C 80 10.41 -0.90 32.33
N GLN C 81 10.47 0.32 31.79
CA GLN C 81 11.25 1.36 32.46
C GLN C 81 10.67 1.66 33.83
N ALA C 82 9.34 1.72 33.96
CA ALA C 82 8.72 2.10 35.24
C ALA C 82 8.98 1.04 36.32
N ILE C 83 8.93 -0.23 35.92
CA ILE C 83 9.23 -1.32 36.84
C ILE C 83 10.67 -1.23 37.36
N ALA C 84 11.60 -0.98 36.44
CA ALA C 84 13.01 -0.88 36.86
C ALA C 84 13.18 0.36 37.76
N ASP C 85 12.53 1.46 37.38
CA ASP C 85 12.68 2.70 38.16
C ASP C 85 12.11 2.52 39.57
N ALA C 86 11.03 1.74 39.69
CA ALA C 86 10.39 1.51 40.98
C ALA C 86 11.15 0.49 41.82
N GLY C 87 12.12 -0.21 41.23
CA GLY C 87 12.91 -1.22 41.98
C GLY C 87 12.09 -2.46 42.27
N LEU C 88 11.13 -2.79 41.41
CA LEU C 88 10.27 -3.96 41.63
C LEU C 88 10.81 -5.20 40.94
N SER C 89 11.17 -6.22 41.72
CA SER C 89 11.57 -7.51 41.14
C SER C 89 10.36 -8.27 40.64
N PRO C 90 10.54 -9.27 39.76
CA PRO C 90 9.41 -10.10 39.34
C PRO C 90 8.63 -10.65 40.52
N GLU C 91 9.33 -11.09 41.57
CA GLU C 91 8.68 -11.63 42.73
C GLU C 91 7.79 -10.59 43.42
N ALA C 92 8.17 -9.32 43.33
CA ALA C 92 7.42 -8.25 43.98
C ALA C 92 6.09 -7.94 43.29
N TYR C 93 6.02 -7.99 41.96
CA TYR C 93 4.83 -7.49 41.27
C TYR C 93 4.11 -8.56 40.45
N GLN C 94 4.76 -9.66 40.10
CA GLN C 94 4.10 -10.67 39.23
C GLN C 94 3.28 -11.66 40.03
N ASN C 95 2.21 -12.20 39.42
CA ASN C 95 1.39 -13.23 40.08
C ASN C 95 0.90 -12.76 41.43
N ASN C 96 0.51 -11.50 41.50
CA ASN C 96 0.19 -10.85 42.78
C ASN C 96 -1.19 -10.18 42.69
N PRO C 97 -2.21 -10.76 43.34
CA PRO C 97 -3.57 -10.19 43.23
C PRO C 97 -3.69 -8.73 43.62
N ARG C 98 -2.70 -8.22 44.35
CA ARG C 98 -2.79 -6.84 44.79
C ARG C 98 -2.07 -5.87 43.87
N VAL C 99 -1.65 -6.34 42.67
CA VAL C 99 -0.96 -5.47 41.71
C VAL C 99 -1.74 -5.51 40.41
N GLY C 100 -2.09 -4.32 39.91
CA GLY C 100 -2.95 -4.25 38.75
C GLY C 100 -2.39 -3.34 37.66
N LEU C 101 -3.19 -3.17 36.61
CA LEU C 101 -2.78 -2.41 35.44
C LEU C 101 -4.01 -1.70 34.86
N ILE C 102 -3.95 -0.37 34.72
CA ILE C 102 -5.05 0.37 34.11
C ILE C 102 -4.33 1.29 33.09
N ALA C 103 -4.49 0.97 31.81
CA ALA C 103 -3.76 1.72 30.79
C ALA C 103 -4.55 1.64 29.51
N GLY C 104 -4.57 2.74 28.77
CA GLY C 104 -5.43 2.81 27.59
C GLY C 104 -4.85 3.57 26.44
N SER C 105 -5.63 3.67 25.38
CA SER C 105 -5.29 4.48 24.21
C SER C 105 -6.54 5.26 23.82
N GLY C 106 -6.37 6.40 23.17
CA GLY C 106 -7.50 7.15 22.66
C GLY C 106 -8.17 6.50 21.46
N GLY C 107 -7.37 5.85 20.62
CA GLY C 107 -7.83 5.37 19.30
C GLY C 107 -7.78 3.87 19.09
N GLY C 108 -7.17 3.11 19.99
CA GLY C 108 -6.96 1.65 19.72
C GLY C 108 -5.89 1.53 18.66
N SER C 109 -6.19 0.86 17.55
CA SER C 109 -5.26 0.85 16.42
C SER C 109 -6.04 1.05 15.14
N PRO C 110 -6.24 2.31 14.73
CA PRO C 110 -6.81 2.54 13.42
C PRO C 110 -6.04 1.83 12.34
N ARG C 111 -4.71 1.81 12.44
CA ARG C 111 -3.90 1.13 11.44
C ARG C 111 -4.29 -0.35 11.30
N PHE C 112 -4.46 -1.07 12.42
CA PHE C 112 -4.79 -2.49 12.29
C PHE C 112 -6.25 -2.75 12.02
N GLN C 113 -7.14 -1.85 12.42
CA GLN C 113 -8.53 -2.00 11.99
C GLN C 113 -8.60 -1.89 10.44
N VAL C 114 -7.91 -0.91 9.86
CA VAL C 114 -7.86 -0.72 8.42
C VAL C 114 -7.13 -1.86 7.73
N PHE C 115 -6.01 -2.32 8.31
CA PHE C 115 -5.27 -3.42 7.74
C PHE C 115 -6.17 -4.66 7.62
N GLY C 116 -6.93 -4.95 8.68
CA GLY C 116 -7.78 -6.17 8.63
C GLY C 116 -8.78 -6.07 7.50
N ALA C 117 -9.44 -4.93 7.39
CA ALA C 117 -10.46 -4.75 6.34
C ALA C 117 -9.85 -4.76 4.96
N ASP C 118 -8.69 -4.15 4.81
CA ASP C 118 -8.01 -4.15 3.50
C ASP C 118 -7.62 -5.57 3.10
N ALA C 119 -7.06 -6.32 4.05
CA ALA C 119 -6.61 -7.70 3.82
C ALA C 119 -7.82 -8.57 3.45
N MET C 120 -8.90 -8.40 4.19
CA MET C 120 -10.09 -9.23 3.97
C MET C 120 -10.64 -9.06 2.55
N ARG C 121 -10.51 -7.86 1.99
CA ARG C 121 -11.10 -7.51 0.69
C ARG C 121 -10.22 -7.94 -0.48
N GLY C 122 -9.03 -8.49 -0.20
CA GLY C 122 -8.13 -8.93 -1.26
C GLY C 122 -8.28 -10.38 -1.57
N PRO C 123 -7.39 -10.92 -2.42
CA PRO C 123 -7.51 -12.26 -2.96
C PRO C 123 -7.29 -13.39 -1.94
N ARG C 124 -6.78 -13.07 -0.74
CA ARG C 124 -6.57 -14.12 0.25
C ARG C 124 -7.55 -14.07 1.41
N GLY C 125 -8.38 -13.04 1.49
CA GLY C 125 -9.42 -13.03 2.54
C GLY C 125 -8.85 -13.25 3.93
N LEU C 126 -9.48 -14.16 4.68
CA LEU C 126 -9.07 -14.40 6.07
C LEU C 126 -7.61 -14.73 6.24
N LYS C 127 -7.01 -15.40 5.26
CA LYS C 127 -5.59 -15.75 5.39
C LYS C 127 -4.70 -14.53 5.39
N ALA C 128 -5.11 -13.46 4.70
CA ALA C 128 -4.33 -12.24 4.71
C ALA C 128 -4.49 -11.49 6.04
N VAL C 129 -5.67 -11.58 6.65
CA VAL C 129 -5.94 -10.91 7.92
C VAL C 129 -5.01 -11.52 8.99
N GLY C 130 -4.97 -12.85 9.08
CA GLY C 130 -4.18 -13.51 10.09
C GLY C 130 -4.84 -13.49 11.46
N PRO C 131 -4.24 -14.17 12.44
CA PRO C 131 -4.89 -14.40 13.72
C PRO C 131 -4.61 -13.39 14.80
N TYR C 132 -3.94 -12.28 14.50
CA TYR C 132 -3.50 -11.36 15.56
C TYR C 132 -4.14 -9.99 15.56
N VAL C 133 -5.15 -9.78 14.72
CA VAL C 133 -5.67 -8.45 14.55
C VAL C 133 -6.54 -8.01 15.73
N VAL C 134 -7.31 -8.92 16.36
CA VAL C 134 -8.20 -8.47 17.44
C VAL C 134 -7.45 -7.79 18.57
N THR C 135 -6.36 -8.40 19.04
CA THR C 135 -5.61 -7.81 20.16
C THR C 135 -4.92 -6.52 19.75
N LYS C 136 -4.64 -6.37 18.46
CA LYS C 136 -4.06 -5.11 17.97
C LYS C 136 -5.11 -4.02 17.89
N ALA C 137 -6.31 -4.35 17.40
CA ALA C 137 -7.34 -3.37 17.02
C ALA C 137 -8.28 -3.03 18.16
N MET C 138 -8.42 -3.94 19.14
CA MET C 138 -9.50 -3.75 20.12
C MET C 138 -9.14 -2.58 21.04
N ALA C 139 -10.17 -1.95 21.60
CA ALA C 139 -9.98 -0.74 22.40
C ALA C 139 -9.11 -0.99 23.65
N SER C 140 -9.15 -2.21 24.16
CA SER C 140 -8.38 -2.60 25.34
C SER C 140 -7.02 -3.20 25.03
N GLY C 141 -6.54 -3.05 23.80
CA GLY C 141 -5.25 -3.64 23.44
C GLY C 141 -4.12 -3.30 24.40
N VAL C 142 -4.01 -2.04 24.82
CA VAL C 142 -2.90 -1.65 25.67
C VAL C 142 -2.93 -2.41 26.99
N SER C 143 -4.08 -2.55 27.64
CA SER C 143 -4.07 -3.28 28.90
C SER C 143 -3.91 -4.79 28.67
N ALA C 144 -4.60 -5.34 27.69
CA ALA C 144 -4.52 -6.78 27.44
C ALA C 144 -3.08 -7.20 27.12
N CYS C 145 -2.44 -6.42 26.25
CA CYS C 145 -1.12 -6.81 25.72
C CYS C 145 0.00 -6.65 26.74
N LEU C 146 -0.26 -5.93 27.85
CA LEU C 146 0.71 -5.76 28.92
C LEU C 146 0.43 -6.65 30.12
N ALA C 147 -0.84 -6.81 30.49
CA ALA C 147 -1.15 -7.54 31.72
C ALA C 147 -0.72 -8.96 31.54
N THR C 148 -0.81 -9.44 30.31
CA THR C 148 -0.48 -10.80 30.05
C THR C 148 1.05 -11.10 30.26
N PRO C 149 1.96 -10.46 29.50
CA PRO C 149 3.41 -10.72 29.69
C PRO C 149 3.99 -10.25 31.02
N PHE C 150 3.37 -9.25 31.65
CA PHE C 150 3.86 -8.80 32.96
C PHE C 150 3.25 -9.61 34.10
N LYS C 151 2.41 -10.61 33.76
CA LYS C 151 1.86 -11.53 34.76
C LYS C 151 1.09 -10.78 35.83
N ILE C 152 0.26 -9.84 35.39
CA ILE C 152 -0.55 -9.05 36.31
C ILE C 152 -1.76 -9.88 36.77
N HIS C 153 -2.02 -9.89 38.07
CA HIS C 153 -3.17 -10.64 38.61
C HIS C 153 -4.31 -9.77 39.15
N GLY C 154 -4.06 -8.49 39.39
CA GLY C 154 -5.05 -7.59 39.96
C GLY C 154 -5.98 -7.02 38.89
N VAL C 155 -6.38 -5.78 39.06
CA VAL C 155 -7.22 -5.16 38.03
C VAL C 155 -6.51 -5.12 36.67
N ASN C 156 -7.31 -5.16 35.60
CA ASN C 156 -6.75 -5.15 34.26
C ASN C 156 -7.86 -4.64 33.34
N TYR C 157 -7.74 -3.40 32.93
CA TYR C 157 -8.64 -2.83 31.94
C TYR C 157 -8.07 -1.52 31.41
N SER C 158 -8.71 -1.01 30.36
CA SER C 158 -8.29 0.26 29.77
C SER C 158 -9.37 1.28 30.04
N ILE C 159 -9.01 2.51 30.34
CA ILE C 159 -9.98 3.59 30.28
C ILE C 159 -9.66 4.32 29.00
N SER C 160 -10.70 4.80 28.31
CA SER C 160 -10.49 5.73 27.18
C SER C 160 -11.37 6.94 27.35
N SER C 161 -10.81 8.08 27.03
CA SER C 161 -11.48 9.37 27.17
C SER C 161 -10.72 10.38 26.33
N ALA C 162 -10.34 9.95 25.13
CA ALA C 162 -9.70 10.84 24.15
C ALA C 162 -8.45 11.45 24.83
N CYS C 163 -8.28 12.76 24.80
CA CYS C 163 -7.09 13.41 25.36
C CYS C 163 -6.89 13.21 26.85
N ALA C 164 -7.95 12.82 27.54
CA ALA C 164 -7.85 12.59 28.98
C ALA C 164 -7.52 11.13 29.39
N THR C 165 -7.42 10.25 28.41
CA THR C 165 -7.35 8.79 28.64
C THR C 165 -6.43 8.43 29.79
N SER C 166 -5.12 8.75 29.64
CA SER C 166 -4.18 8.21 30.60
C SER C 166 -4.16 8.99 31.90
N ALA C 167 -4.76 10.19 31.93
CA ALA C 167 -4.97 10.88 33.19
C ALA C 167 -6.07 10.19 34.00
N HIS C 168 -7.16 9.80 33.33
CA HIS C 168 -8.20 9.02 34.02
C HIS C 168 -7.67 7.66 34.45
N CYS C 169 -6.75 7.09 33.66
CA CYS C 169 -6.13 5.82 34.08
C CYS C 169 -5.40 6.01 35.43
N ILE C 170 -4.61 7.08 35.54
CA ILE C 170 -3.90 7.33 36.80
C ILE C 170 -4.91 7.61 37.91
N GLY C 171 -5.94 8.42 37.66
CA GLY C 171 -6.90 8.67 38.72
C GLY C 171 -7.62 7.43 39.17
N ASN C 172 -8.00 6.57 38.22
CA ASN C 172 -8.63 5.32 38.61
C ASN C 172 -7.68 4.43 39.42
N ALA C 173 -6.38 4.43 39.10
CA ALA C 173 -5.39 3.70 39.89
C ALA C 173 -5.38 4.22 41.33
N VAL C 174 -5.41 5.55 41.48
CA VAL C 174 -5.51 6.16 42.83
C VAL C 174 -6.76 5.65 43.54
N GLU C 175 -7.89 5.60 42.84
CA GLU C 175 -9.11 5.10 43.46
C GLU C 175 -8.99 3.66 43.92
N GLN C 176 -8.28 2.81 43.16
CA GLN C 176 -8.12 1.43 43.60
C GLN C 176 -7.34 1.38 44.90
N ILE C 177 -6.34 2.25 45.04
CA ILE C 177 -5.57 2.34 46.28
C ILE C 177 -6.49 2.82 47.42
N GLN C 178 -7.27 3.87 47.16
CA GLN C 178 -8.15 4.45 48.20
C GLN C 178 -9.19 3.44 48.67
N LEU C 179 -9.67 2.62 47.74
CA LEU C 179 -10.66 1.60 48.10
C LEU C 179 -10.02 0.40 48.81
N GLY C 180 -8.68 0.40 48.94
CA GLY C 180 -7.99 -0.71 49.60
C GLY C 180 -7.90 -1.95 48.73
N LYS C 181 -8.19 -1.83 47.43
CA LYS C 181 -8.27 -3.01 46.57
C LYS C 181 -6.95 -3.44 45.98
N GLN C 182 -6.01 -2.50 45.82
CA GLN C 182 -4.71 -2.79 45.21
C GLN C 182 -3.65 -2.08 46.01
N ASP C 183 -2.44 -2.67 46.03
CA ASP C 183 -1.28 -2.01 46.60
C ASP C 183 -0.46 -1.24 45.56
N ILE C 184 -0.42 -1.78 44.33
CA ILE C 184 0.27 -1.13 43.21
C ILE C 184 -0.64 -1.23 42.00
N VAL C 185 -0.78 -0.13 41.26
CA VAL C 185 -1.39 -0.21 39.95
C VAL C 185 -0.50 0.52 38.98
N PHE C 186 -0.08 -0.18 37.91
CA PHE C 186 0.64 0.47 36.82
C PHE C 186 -0.40 1.22 36.00
N ALA C 187 -0.18 2.51 35.78
CA ALA C 187 -1.18 3.31 35.08
C ALA C 187 -0.52 4.11 33.97
N GLY C 188 -1.18 4.23 32.82
CA GLY C 188 -0.59 4.96 31.74
C GLY C 188 -1.31 4.73 30.44
N GLY C 189 -0.57 4.76 29.34
CA GLY C 189 -1.25 4.65 28.07
C GLY C 189 -0.27 4.67 26.93
N GLY C 190 -0.80 4.52 25.72
CA GLY C 190 0.01 4.60 24.53
C GLY C 190 -0.83 5.07 23.37
N GLU C 191 -0.17 5.51 22.30
CA GLU C 191 -0.89 5.96 21.11
C GLU C 191 -0.01 5.72 19.92
N GLU C 192 -0.56 5.09 18.89
CA GLU C 192 0.19 4.95 17.65
C GLU C 192 0.14 6.24 16.88
N LEU C 193 1.04 6.40 15.92
CA LEU C 193 1.09 7.57 15.09
C LEU C 193 0.98 7.12 13.65
N CYS C 194 -0.05 7.55 12.96
CA CYS C 194 -0.40 6.97 11.65
C CYS C 194 -1.31 7.90 10.87
N TRP C 195 -1.22 7.93 9.53
CA TRP C 195 -2.13 8.75 8.76
C TRP C 195 -3.58 8.29 8.96
N GLU C 196 -3.81 6.99 9.22
CA GLU C 196 -5.17 6.44 9.28
C GLU C 196 -5.97 7.19 10.33
N MET C 197 -5.35 7.45 11.47
CA MET C 197 -6.00 8.22 12.50
C MET C 197 -5.83 9.75 12.31
N ALA C 198 -4.62 10.18 11.96
CA ALA C 198 -4.36 11.61 11.85
C ALA C 198 -5.29 12.29 10.83
N CYS C 199 -5.63 11.60 9.73
CA CYS C 199 -6.41 12.24 8.71
C CYS C 199 -7.81 12.57 9.21
N GLU C 200 -8.30 11.84 10.21
CA GLU C 200 -9.63 12.09 10.77
C GLU C 200 -9.61 13.41 11.53
N PHE C 201 -8.52 13.69 12.24
CA PHE C 201 -8.37 14.98 12.90
C PHE C 201 -8.19 16.13 11.92
N ASP C 202 -7.40 15.88 10.86
CA ASP C 202 -7.25 16.93 9.85
C ASP C 202 -8.58 17.22 9.16
N ALA C 203 -9.40 16.19 8.95
CA ALA C 203 -10.68 16.36 8.28
C ALA C 203 -11.65 17.18 9.12
N MET C 204 -11.44 17.25 10.44
CA MET C 204 -12.26 18.14 11.26
C MET C 204 -11.60 19.52 11.46
N GLY C 205 -10.43 19.74 10.85
CA GLY C 205 -9.75 21.02 10.94
C GLY C 205 -8.98 21.21 12.23
N ALA C 206 -8.66 20.11 12.93
CA ALA C 206 -8.06 20.23 14.25
C ALA C 206 -6.55 20.38 14.27
N LEU C 207 -5.89 20.04 13.14
CA LEU C 207 -4.43 19.96 13.12
C LEU C 207 -3.81 21.21 12.51
N SER C 208 -2.59 21.54 12.94
CA SER C 208 -1.86 22.65 12.36
C SER C 208 -1.53 22.37 10.88
N THR C 209 -1.71 23.38 10.03
CA THR C 209 -1.42 23.18 8.59
C THR C 209 -0.55 24.29 7.98
N LYS C 210 -0.32 25.40 8.70
CA LYS C 210 0.34 26.55 8.07
C LYS C 210 1.85 26.59 8.29
N TYR C 211 2.38 25.61 9.03
CA TYR C 211 3.77 25.67 9.47
C TYR C 211 4.56 24.44 9.02
N ASN C 212 4.10 23.79 7.94
CA ASN C 212 4.77 22.55 7.53
C ASN C 212 6.22 22.72 7.13
N ASP C 213 6.56 23.91 6.65
CA ASP C 213 7.94 24.19 6.26
C ASP C 213 8.87 24.45 7.44
N THR C 214 8.28 24.68 8.61
CA THR C 214 9.06 24.93 9.82
C THR C 214 8.46 24.10 10.94
N PRO C 215 8.64 22.77 10.88
CA PRO C 215 7.88 21.88 11.78
C PRO C 215 8.00 22.21 13.24
N GLU C 216 9.16 22.67 13.67
CA GLU C 216 9.37 22.91 15.12
C GLU C 216 8.62 24.12 15.63
N LYS C 217 8.06 24.91 14.71
CA LYS C 217 7.29 26.10 15.07
C LYS C 217 5.78 25.89 14.99
N ALA C 218 5.35 24.71 14.55
CA ALA C 218 3.91 24.49 14.31
C ALA C 218 3.07 24.45 15.59
N SER C 219 3.58 23.78 16.63
CA SER C 219 2.89 23.67 17.89
C SER C 219 3.31 24.90 18.73
N ARG C 220 2.36 25.74 19.11
CA ARG C 220 2.73 27.09 19.57
C ARG C 220 1.60 27.62 20.47
N THR C 221 1.29 26.82 21.49
CA THR C 221 0.23 27.12 22.43
C THR C 221 0.37 28.55 22.94
N TYR C 222 -0.75 29.29 22.93
CA TYR C 222 -0.85 30.68 23.39
C TYR C 222 -0.33 31.72 22.39
N ASP C 223 0.33 31.29 21.33
CA ASP C 223 0.74 32.26 20.31
C ASP C 223 -0.47 32.73 19.52
N ALA C 224 -0.47 34.01 19.17
CA ALA C 224 -1.58 34.62 18.44
C ALA C 224 -1.87 33.95 17.10
N HIS C 225 -0.89 33.28 16.52
CA HIS C 225 -1.07 32.69 15.18
C HIS C 225 -1.07 31.16 15.21
N ARG C 226 -1.40 30.59 16.37
CA ARG C 226 -1.62 29.15 16.47
C ARG C 226 -2.76 28.72 15.53
N ASP C 227 -2.68 27.47 15.05
CA ASP C 227 -3.65 27.02 14.05
C ASP C 227 -3.99 25.56 14.17
N GLY C 228 -3.93 25.01 15.38
CA GLY C 228 -4.31 23.62 15.58
C GLY C 228 -3.18 22.82 16.19
N PHE C 229 -3.49 21.64 16.68
CA PHE C 229 -2.49 20.87 17.36
C PHE C 229 -1.63 20.08 16.40
N VAL C 230 -0.51 19.57 16.90
CA VAL C 230 0.37 18.73 16.12
C VAL C 230 0.26 17.32 16.73
N ILE C 231 -0.15 16.34 15.92
CA ILE C 231 -0.41 15.01 16.43
C ILE C 231 0.92 14.32 16.76
N ALA C 232 0.87 13.47 17.77
CA ALA C 232 2.06 12.77 18.25
C ALA C 232 1.69 11.36 18.70
N GLY C 233 2.70 10.53 18.87
CA GLY C 233 2.49 9.17 19.38
C GLY C 233 3.50 8.92 20.48
N GLY C 234 3.36 7.79 21.17
CA GLY C 234 4.29 7.38 22.21
C GLY C 234 3.57 6.73 23.37
N GLY C 235 4.25 6.62 24.50
CA GLY C 235 3.66 5.92 25.63
C GLY C 235 4.19 6.47 26.94
N GLY C 236 3.54 6.11 28.04
CA GLY C 236 4.09 6.42 29.34
C GLY C 236 3.46 5.50 30.36
N MET C 237 4.14 5.28 31.48
CA MET C 237 3.56 4.46 32.57
C MET C 237 4.12 5.00 33.87
N VAL C 238 3.27 5.05 34.90
CA VAL C 238 3.72 5.35 36.24
C VAL C 238 3.32 4.22 37.16
N VAL C 239 4.07 4.08 38.26
CA VAL C 239 3.73 3.08 39.28
C VAL C 239 3.02 3.82 40.39
N VAL C 240 1.73 3.56 40.52
CA VAL C 240 0.93 4.18 41.56
C VAL C 240 0.88 3.18 42.73
N GLU C 241 1.25 3.61 43.92
CA GLU C 241 1.45 2.67 45.01
C GLU C 241 0.87 3.23 46.30
N GLU C 242 0.30 2.35 47.11
CA GLU C 242 -0.19 2.79 48.40
C GLU C 242 1.00 3.22 49.27
N LEU C 243 0.81 4.27 50.04
CA LEU C 243 1.93 4.86 50.76
C LEU C 243 2.65 3.92 51.72
N GLU C 244 1.89 3.26 52.60
CA GLU C 244 2.58 2.39 53.57
C GLU C 244 3.34 1.28 52.87
N HIS C 245 2.77 0.77 51.79
CA HIS C 245 3.45 -0.27 50.99
C HIS C 245 4.78 0.26 50.40
N ALA C 246 4.76 1.48 49.89
CA ALA C 246 5.97 2.07 49.33
C ALA C 246 7.00 2.26 50.43
N LEU C 247 6.57 2.78 51.57
CA LEU C 247 7.54 3.07 52.62
C LEU C 247 8.13 1.77 53.17
N ALA C 248 7.30 0.74 53.30
CA ALA C 248 7.77 -0.52 53.93
C ALA C 248 8.88 -1.16 53.09
N ARG C 249 8.89 -0.93 51.78
CA ARG C 249 9.91 -1.55 50.92
C ARG C 249 11.04 -0.60 50.55
N GLY C 250 11.02 0.58 51.13
CA GLY C 250 12.06 1.58 50.87
C GLY C 250 12.00 2.20 49.48
N ALA C 251 10.81 2.34 48.91
CA ALA C 251 10.65 2.87 47.56
C ALA C 251 11.13 4.31 47.49
N HIS C 252 11.62 4.71 46.31
CA HIS C 252 11.81 6.13 46.03
C HIS C 252 10.45 6.69 45.63
N ILE C 253 10.03 7.77 46.28
CA ILE C 253 8.74 8.39 46.02
C ILE C 253 8.94 9.72 45.32
N TYR C 254 8.37 9.86 44.11
CA TYR C 254 8.42 11.15 43.42
C TYR C 254 7.47 12.14 44.08
N ALA C 255 6.22 11.72 44.28
CA ALA C 255 5.20 12.62 44.79
C ALA C 255 4.02 11.81 45.20
N GLU C 256 3.18 12.43 46.03
CA GLU C 256 1.87 11.92 46.34
C GLU C 256 0.85 12.51 45.38
N ILE C 257 -0.12 11.68 44.94
CA ILE C 257 -1.26 12.23 44.17
C ILE C 257 -2.25 12.75 45.19
N VAL C 258 -2.25 14.06 45.41
CA VAL C 258 -3.06 14.64 46.48
C VAL C 258 -4.42 15.11 45.95
N GLY C 259 -4.60 15.13 44.62
CA GLY C 259 -5.90 15.45 44.11
C GLY C 259 -6.13 14.84 42.75
N TYR C 260 -7.39 14.55 42.47
CA TYR C 260 -7.80 13.97 41.17
C TYR C 260 -9.19 14.46 40.89
N GLY C 261 -9.31 15.25 39.84
CA GLY C 261 -10.64 15.70 39.37
C GLY C 261 -11.02 14.95 38.11
N ALA C 262 -12.31 14.63 37.97
CA ALA C 262 -12.85 14.06 36.75
C ALA C 262 -14.27 14.56 36.62
N THR C 263 -14.54 15.25 35.53
CA THR C 263 -15.85 15.86 35.31
C THR C 263 -16.22 15.78 33.84
N SER C 264 -17.39 16.31 33.52
CA SER C 264 -17.91 16.28 32.16
C SER C 264 -18.53 17.62 31.85
N ASP C 265 -18.41 18.06 30.61
CA ASP C 265 -18.98 19.35 30.21
C ASP C 265 -20.47 19.25 29.91
N GLY C 266 -20.91 18.14 29.29
CA GLY C 266 -22.33 18.00 28.93
C GLY C 266 -22.80 19.13 28.03
N ALA C 267 -21.98 19.50 27.04
CA ALA C 267 -22.17 20.72 26.24
C ALA C 267 -21.79 20.47 24.77
N ASP C 268 -20.52 20.56 24.38
CA ASP C 268 -20.10 20.40 22.96
C ASP C 268 -19.26 19.16 22.76
N MET C 269 -19.47 18.49 21.63
CA MET C 269 -18.69 17.28 21.33
C MET C 269 -17.21 17.49 21.17
N VAL C 270 -16.80 18.63 20.63
CA VAL C 270 -15.42 18.78 20.19
C VAL C 270 -14.81 20.13 20.55
N ALA C 271 -15.42 20.82 21.51
CA ALA C 271 -14.87 22.08 22.04
C ALA C 271 -15.16 22.09 23.52
N PRO C 272 -14.25 22.63 24.34
CA PRO C 272 -14.48 22.64 25.78
C PRO C 272 -15.42 23.75 26.18
N SER C 273 -16.17 23.54 27.27
CA SER C 273 -17.09 24.55 27.80
C SER C 273 -16.39 25.51 28.77
N GLY C 274 -15.27 25.10 29.36
CA GLY C 274 -14.67 25.93 30.42
C GLY C 274 -15.26 25.63 31.80
N GLU C 275 -16.59 25.60 31.87
CA GLU C 275 -17.28 25.30 33.12
C GLU C 275 -16.88 23.93 33.72
N GLY C 276 -16.80 22.91 32.86
CA GLY C 276 -16.42 21.59 33.32
C GLY C 276 -14.99 21.59 33.83
N ALA C 277 -14.10 22.32 33.15
CA ALA C 277 -12.70 22.38 33.55
C ALA C 277 -12.55 23.08 34.90
N VAL C 278 -13.33 24.14 35.12
CA VAL C 278 -13.30 24.80 36.44
C VAL C 278 -13.67 23.80 37.53
N ARG C 279 -14.76 23.06 37.34
CA ARG C 279 -15.17 22.09 38.37
C ARG C 279 -14.10 21.03 38.55
N CYS C 280 -13.45 20.62 37.45
CA CYS C 280 -12.46 19.58 37.53
C CYS C 280 -11.24 20.03 38.35
N MET C 281 -10.73 21.23 38.05
CA MET C 281 -9.59 21.74 38.83
C MET C 281 -9.95 21.95 40.29
N LYS C 282 -11.16 22.49 40.54
CA LYS C 282 -11.58 22.67 41.94
C LYS C 282 -11.65 21.33 42.67
N MET C 283 -12.16 20.30 41.98
CA MET C 283 -12.28 19.00 42.63
C MET C 283 -10.89 18.47 42.98
N ALA C 284 -9.93 18.64 42.08
CA ALA C 284 -8.56 18.19 42.35
C ALA C 284 -7.89 18.96 43.46
N MET C 285 -8.41 20.15 43.78
CA MET C 285 -7.79 20.98 44.82
C MET C 285 -8.46 20.84 46.17
N HIS C 286 -9.49 20.03 46.27
CA HIS C 286 -10.22 19.91 47.56
C HIS C 286 -9.26 19.35 48.62
N GLY C 287 -9.15 20.04 49.74
CA GLY C 287 -8.23 19.57 50.77
C GLY C 287 -6.76 19.80 50.48
N VAL C 288 -6.44 20.44 49.36
CA VAL C 288 -5.06 20.77 49.01
C VAL C 288 -4.83 22.23 49.40
N ASP C 289 -4.10 22.43 50.50
CA ASP C 289 -3.92 23.80 51.06
C ASP C 289 -2.55 24.40 50.80
N THR C 290 -1.73 23.68 50.04
CA THR C 290 -0.48 24.24 49.55
C THR C 290 -0.81 24.89 48.21
N PRO C 291 -0.09 25.96 47.85
CA PRO C 291 -0.34 26.62 46.55
C PRO C 291 0.13 25.74 45.39
N ILE C 292 -0.55 25.87 44.24
CA ILE C 292 -0.02 25.26 43.02
C ILE C 292 1.15 26.08 42.56
N ASP C 293 2.33 25.47 42.53
CA ASP C 293 3.54 26.18 42.11
C ASP C 293 3.72 26.16 40.59
N TYR C 294 3.12 25.18 39.92
CA TYR C 294 3.28 25.04 38.48
C TYR C 294 2.09 24.26 37.96
N LEU C 295 1.57 24.74 36.83
CA LEU C 295 0.47 24.10 36.16
C LEU C 295 0.88 23.76 34.72
N ASN C 296 0.86 22.45 34.43
CA ASN C 296 1.13 21.94 33.08
C ASN C 296 -0.23 21.93 32.37
N SER C 297 -0.45 22.89 31.48
CA SER C 297 -1.79 23.04 30.91
C SER C 297 -2.06 21.97 29.86
N HIS C 298 -3.34 21.77 29.56
CA HIS C 298 -3.72 20.88 28.46
C HIS C 298 -3.20 21.51 27.15
N GLY C 299 -3.49 22.80 26.96
CA GLY C 299 -2.82 23.67 25.99
C GLY C 299 -2.35 23.04 24.70
N THR C 300 -3.29 22.74 23.79
CA THR C 300 -2.95 21.95 22.60
C THR C 300 -2.53 22.77 21.39
N SER C 301 -2.63 24.10 21.44
CA SER C 301 -2.27 24.98 20.31
C SER C 301 -3.46 25.21 19.38
N THR C 302 -4.65 25.20 19.97
CA THR C 302 -5.88 25.42 19.19
C THR C 302 -6.40 26.82 19.54
N PRO C 303 -6.92 27.56 18.54
CA PRO C 303 -7.52 28.88 18.83
C PRO C 303 -8.53 28.91 20.01
N VAL C 304 -9.52 28.04 19.98
CA VAL C 304 -10.56 28.09 21.01
C VAL C 304 -10.09 27.48 22.33
N GLY C 305 -9.45 26.32 22.24
CA GLY C 305 -9.14 25.56 23.40
C GLY C 305 -8.16 26.25 24.33
N ASP C 306 -7.12 26.86 23.77
CA ASP C 306 -6.06 27.38 24.62
C ASP C 306 -6.65 28.43 25.56
N VAL C 307 -7.44 29.34 25.01
CA VAL C 307 -7.99 30.45 25.84
C VAL C 307 -9.20 30.06 26.70
N LYS C 308 -9.91 28.99 26.33
CA LYS C 308 -10.97 28.50 27.21
C LYS C 308 -10.34 27.94 28.49
N GLU C 309 -9.23 27.21 28.36
CA GLU C 309 -8.56 26.71 29.55
C GLU C 309 -7.96 27.84 30.37
N LEU C 310 -7.38 28.84 29.72
CA LEU C 310 -6.87 29.97 30.50
C LEU C 310 -7.98 30.68 31.27
N ALA C 311 -9.16 30.82 30.66
CA ALA C 311 -10.28 31.39 31.38
C ALA C 311 -10.68 30.53 32.59
N ALA C 312 -10.67 29.20 32.43
CA ALA C 312 -10.96 28.32 33.54
C ALA C 312 -9.92 28.49 34.67
N ILE C 313 -8.64 28.56 34.30
CA ILE C 313 -7.58 28.78 35.28
C ILE C 313 -7.79 30.12 36.02
N ARG C 314 -8.12 31.18 35.27
CA ARG C 314 -8.38 32.47 35.92
C ARG C 314 -9.55 32.33 36.92
N GLU C 315 -10.60 31.58 36.53
CA GLU C 315 -11.74 31.46 37.45
C GLU C 315 -11.33 30.71 38.74
N VAL C 316 -10.51 29.68 38.59
CA VAL C 316 -10.13 28.86 39.74
C VAL C 316 -9.19 29.64 40.66
N PHE C 317 -8.20 30.32 40.09
CA PHE C 317 -7.13 30.91 40.91
C PHE C 317 -7.22 32.40 41.13
N GLY C 318 -7.98 33.10 40.28
CA GLY C 318 -8.13 34.56 40.40
C GLY C 318 -6.79 35.25 40.37
N ASP C 319 -6.57 36.13 41.34
CA ASP C 319 -5.35 36.94 41.36
C ASP C 319 -4.10 36.22 41.82
N LYS C 320 -4.26 34.98 42.22
CA LYS C 320 -3.15 34.20 42.73
C LYS C 320 -2.97 33.01 41.79
N SER C 321 -2.72 33.29 40.51
CA SER C 321 -2.59 32.18 39.54
C SER C 321 -1.15 31.66 39.43
N PRO C 322 -1.02 30.36 39.16
CA PRO C 322 0.30 29.72 39.16
C PRO C 322 1.14 30.00 37.91
N ALA C 323 2.42 29.68 37.98
CA ALA C 323 3.25 29.58 36.76
C ALA C 323 2.66 28.50 35.84
N ILE C 324 2.59 28.78 34.55
CA ILE C 324 1.97 27.88 33.60
C ILE C 324 2.92 27.63 32.43
N SER C 325 3.00 26.39 31.96
CA SER C 325 3.52 26.21 30.61
C SER C 325 2.82 25.09 29.92
N ALA C 326 2.83 25.10 28.61
CA ALA C 326 2.18 24.10 27.78
C ALA C 326 3.28 23.29 27.12
N THR C 327 3.56 22.11 27.68
CA THR C 327 4.65 21.31 27.10
C THR C 327 4.30 20.76 25.71
N LYS C 328 3.03 20.81 25.29
CA LYS C 328 2.69 20.38 23.93
C LYS C 328 3.35 21.23 22.88
N ALA C 329 3.71 22.48 23.21
CA ALA C 329 4.43 23.28 22.23
C ALA C 329 5.76 22.61 21.84
N MET C 330 6.35 21.83 22.75
CA MET C 330 7.54 21.02 22.43
C MET C 330 7.15 19.65 21.87
N THR C 331 6.16 19.00 22.47
CA THR C 331 6.03 17.54 22.29
C THR C 331 4.98 17.16 21.25
N GLY C 332 4.08 18.09 20.92
CA GLY C 332 2.87 17.71 20.21
C GLY C 332 1.89 17.03 21.15
N HIS C 333 0.76 16.62 20.58
CA HIS C 333 -0.38 16.08 21.34
C HIS C 333 -0.47 14.56 21.11
N SER C 334 -0.06 13.76 22.11
CA SER C 334 -0.04 12.30 21.97
C SER C 334 -1.33 11.64 22.40
N LEU C 335 -2.42 12.42 22.48
CA LEU C 335 -3.78 11.87 22.58
C LEU C 335 -3.93 11.00 23.82
N GLY C 336 -4.13 9.68 23.67
CA GLY C 336 -4.25 8.81 24.85
C GLY C 336 -3.03 8.74 25.74
N ALA C 337 -1.85 9.05 25.18
CA ALA C 337 -0.63 9.03 25.98
C ALA C 337 -0.35 10.38 26.68
N ALA C 338 -1.13 11.42 26.38
CA ALA C 338 -0.73 12.73 26.83
C ALA C 338 -0.82 12.90 28.34
N GLY C 339 -1.87 12.35 28.94
CA GLY C 339 -2.09 12.49 30.39
C GLY C 339 -0.91 11.96 31.20
N VAL C 340 -0.48 10.74 30.90
CA VAL C 340 0.63 10.16 31.65
C VAL C 340 1.95 10.81 31.27
N GLN C 341 2.15 11.11 29.98
CA GLN C 341 3.45 11.76 29.63
C GLN C 341 3.55 13.11 30.33
N GLU C 342 2.45 13.86 30.39
CA GLU C 342 2.51 15.19 31.02
C GLU C 342 2.58 15.11 32.52
N ALA C 343 1.98 14.07 33.11
CA ALA C 343 2.22 13.82 34.54
C ALA C 343 3.68 13.58 34.75
N ILE C 344 4.31 12.80 33.86
CA ILE C 344 5.72 12.52 34.00
C ILE C 344 6.57 13.80 33.81
N TYR C 345 6.25 14.65 32.83
CA TYR C 345 7.02 15.89 32.70
C TYR C 345 6.89 16.72 33.97
N SER C 346 5.68 16.77 34.53
CA SER C 346 5.43 17.52 35.75
C SER C 346 6.20 16.93 36.95
N LEU C 347 6.26 15.61 37.04
CA LEU C 347 7.04 14.94 38.09
C LEU C 347 8.53 15.20 37.92
N LEU C 348 9.01 15.30 36.67
CA LEU C 348 10.45 15.60 36.49
C LEU C 348 10.75 17.05 36.90
N MET C 349 9.83 17.95 36.59
CA MET C 349 9.97 19.35 37.04
C MET C 349 9.98 19.41 38.57
N LEU C 350 9.12 18.64 39.20
CA LEU C 350 9.08 18.60 40.65
C LEU C 350 10.34 17.99 41.25
N GLU C 351 10.82 16.89 40.67
CA GLU C 351 11.98 16.17 41.21
C GLU C 351 13.24 16.98 41.01
N HIS C 352 13.34 17.68 39.88
CA HIS C 352 14.59 18.34 39.52
C HIS C 352 14.54 19.87 39.74
N GLY C 353 13.39 20.39 40.17
CA GLY C 353 13.31 21.80 40.55
C GLY C 353 13.41 22.81 39.40
N PHE C 354 12.58 22.66 38.38
CA PHE C 354 12.57 23.65 37.31
C PHE C 354 11.22 23.63 36.65
N ILE C 355 10.94 24.73 35.94
CA ILE C 355 9.75 24.84 35.11
C ILE C 355 10.20 24.84 33.66
N ALA C 356 9.67 23.89 32.88
CA ALA C 356 9.94 23.81 31.44
C ALA C 356 9.23 24.97 30.74
N PRO C 357 9.85 25.49 29.67
CA PRO C 357 9.30 26.64 28.97
C PRO C 357 8.13 26.31 28.09
N SER C 358 7.24 27.31 27.93
CA SER C 358 6.16 27.29 26.96
C SER C 358 6.76 27.93 25.71
N ILE C 359 7.11 27.09 24.72
CA ILE C 359 7.91 27.61 23.58
C ILE C 359 7.05 28.13 22.45
N ASN C 360 7.69 28.83 21.50
CA ASN C 360 7.04 29.30 20.27
C ASN C 360 6.02 30.40 20.45
N ILE C 361 6.07 31.12 21.56
CA ILE C 361 5.16 32.24 21.75
C ILE C 361 5.85 33.48 21.18
N GLU C 362 5.59 33.72 19.90
CA GLU C 362 6.18 34.89 19.23
C GLU C 362 5.38 36.15 19.50
N GLU C 363 4.07 36.00 19.66
CA GLU C 363 3.15 37.07 20.03
C GLU C 363 2.13 36.45 20.97
N LEU C 364 2.14 36.84 22.23
CA LEU C 364 1.23 36.26 23.18
C LEU C 364 -0.20 36.67 22.85
N ASP C 365 -1.12 35.70 22.88
CA ASP C 365 -2.54 36.01 22.65
C ASP C 365 -3.00 37.07 23.64
N GLU C 366 -3.75 38.05 23.16
CA GLU C 366 -4.16 39.14 24.05
C GLU C 366 -4.99 38.64 25.24
N GLN C 367 -5.68 37.53 25.05
CA GLN C 367 -6.49 37.00 26.15
C GLN C 367 -5.63 36.48 27.29
N ALA C 368 -4.36 36.20 27.01
CA ALA C 368 -3.44 35.65 28.01
C ALA C 368 -2.70 36.72 28.83
N ALA C 369 -3.01 38.00 28.58
CA ALA C 369 -2.26 39.06 29.23
C ALA C 369 -2.36 38.96 30.75
N GLY C 370 -1.25 39.16 31.45
CA GLY C 370 -1.26 39.18 32.90
C GLY C 370 -0.94 37.86 33.58
N LEU C 371 -1.07 36.75 32.84
CA LEU C 371 -0.79 35.43 33.40
C LEU C 371 0.67 35.10 33.39
N ASN C 372 1.09 34.25 34.32
CA ASN C 372 2.49 33.89 34.43
C ASN C 372 2.82 32.68 33.54
N ILE C 373 2.75 32.89 32.24
CA ILE C 373 3.11 31.84 31.28
C ILE C 373 4.64 31.90 31.12
N VAL C 374 5.31 30.84 31.55
CA VAL C 374 6.76 30.80 31.61
C VAL C 374 7.31 30.40 30.26
N THR C 375 8.17 31.26 29.71
CA THR C 375 8.68 31.06 28.35
C THR C 375 10.17 30.75 28.27
N GLU C 376 10.85 30.73 29.41
CA GLU C 376 12.25 30.35 29.48
C GLU C 376 12.39 29.37 30.63
N THR C 377 13.25 28.37 30.48
CA THR C 377 13.47 27.41 31.56
C THR C 377 13.85 28.14 32.83
N THR C 378 13.17 27.82 33.92
CA THR C 378 13.34 28.56 35.17
C THR C 378 13.57 27.60 36.34
N ASP C 379 14.74 27.68 36.98
CA ASP C 379 14.99 26.88 38.17
C ASP C 379 14.13 27.40 39.30
N ARG C 380 13.48 26.49 40.02
CA ARG C 380 12.56 26.87 41.09
C ARG C 380 12.27 25.65 41.92
N GLU C 381 12.26 25.84 43.24
CA GLU C 381 11.89 24.76 44.13
C GLU C 381 10.36 24.67 44.05
N LEU C 382 9.87 23.63 43.45
CA LEU C 382 8.44 23.38 43.36
C LEU C 382 8.05 22.39 44.43
N THR C 383 6.82 22.50 44.92
CA THR C 383 6.31 21.54 45.89
C THR C 383 5.03 20.88 45.42
N THR C 384 4.11 21.64 44.80
CA THR C 384 2.81 21.10 44.37
C THR C 384 2.61 21.50 42.94
N VAL C 385 2.25 20.53 42.09
CA VAL C 385 2.03 20.79 40.65
C VAL C 385 0.69 20.25 40.22
N MET C 386 0.12 20.85 39.17
CA MET C 386 -1.18 20.45 38.66
C MET C 386 -1.03 20.18 37.16
N SER C 387 -1.72 19.15 36.66
CA SER C 387 -1.67 18.83 35.22
C SER C 387 -3.08 18.59 34.71
N ASN C 388 -3.49 19.30 33.66
CA ASN C 388 -4.85 19.20 33.14
C ASN C 388 -4.91 18.41 31.84
N SER C 389 -6.00 17.64 31.67
CA SER C 389 -6.23 16.90 30.43
C SER C 389 -7.71 17.02 30.08
N PHE C 390 -8.01 17.76 29.03
CA PHE C 390 -9.40 18.04 28.71
C PHE C 390 -9.73 17.49 27.32
N GLY C 391 -10.41 16.34 27.24
CA GLY C 391 -10.64 15.58 26.02
C GLY C 391 -11.90 15.84 25.21
N PHE C 392 -11.88 15.49 23.91
CA PHE C 392 -13.11 15.46 23.10
C PHE C 392 -14.19 14.71 23.77
N GLY C 393 -15.42 15.15 23.56
CA GLY C 393 -16.57 14.63 24.24
C GLY C 393 -16.80 15.30 25.59
N GLY C 394 -16.04 16.37 25.90
CA GLY C 394 -16.25 17.13 27.14
C GLY C 394 -15.85 16.34 28.35
N THR C 395 -14.77 15.58 28.25
CA THR C 395 -14.30 14.79 29.38
C THR C 395 -13.05 15.38 29.97
N ASN C 396 -13.05 15.63 31.28
CA ASN C 396 -11.98 16.38 31.92
C ASN C 396 -11.31 15.55 33.01
N ALA C 397 -9.98 15.65 33.09
CA ALA C 397 -9.22 15.10 34.21
C ALA C 397 -8.18 16.12 34.67
N THR C 398 -7.98 16.19 35.98
CA THR C 398 -6.89 16.97 36.56
C THR C 398 -6.20 16.17 37.61
N LEU C 399 -4.88 16.22 37.62
CA LEU C 399 -4.09 15.58 38.66
C LEU C 399 -3.29 16.63 39.41
N VAL C 400 -3.24 16.50 40.74
CA VAL C 400 -2.41 17.38 41.55
C VAL C 400 -1.43 16.51 42.30
N MET C 401 -0.15 16.84 42.19
CA MET C 401 0.93 16.02 42.75
C MET C 401 1.78 16.85 43.70
N ARG C 402 2.17 16.27 44.84
CA ARG C 402 2.91 17.04 45.82
C ARG C 402 4.09 16.25 46.36
N LYS C 403 5.24 16.89 46.51
CA LYS C 403 6.40 16.26 47.10
C LYS C 403 6.12 15.91 48.55
N LEU C 404 6.64 14.77 49.04
CA LEU C 404 6.61 14.44 50.46
C LEU C 404 7.87 14.92 51.15
N LYS C 405 7.78 15.13 52.47
CA LYS C 405 8.96 15.48 53.28
C LYS C 405 9.91 14.32 53.41
N ASP C 406 11.21 14.60 53.44
CA ASP C 406 12.20 13.54 53.51
C ASP C 406 13.06 13.70 54.74
N MET D 1 -19.84 1.90 54.43
CA MET D 1 -19.64 2.22 52.98
C MET D 1 -20.98 2.44 52.26
N LYS D 2 -21.03 3.42 51.35
CA LYS D 2 -22.27 3.66 50.57
C LYS D 2 -22.62 2.45 49.72
N ARG D 3 -23.92 2.17 49.63
CA ARG D 3 -24.45 1.03 48.92
C ARG D 3 -24.99 1.48 47.56
N ALA D 4 -24.86 0.60 46.57
CA ALA D 4 -25.24 0.91 45.20
C ALA D 4 -26.32 -0.03 44.75
N VAL D 5 -27.37 0.55 44.13
CA VAL D 5 -28.49 -0.22 43.62
C VAL D 5 -28.77 0.12 42.17
N ILE D 6 -29.50 -0.76 41.50
CA ILE D 6 -29.89 -0.54 40.13
C ILE D 6 -31.34 -0.10 40.12
N THR D 7 -31.61 1.05 39.52
CA THR D 7 -32.94 1.67 39.60
C THR D 7 -33.57 1.85 38.21
N GLY D 8 -32.91 1.39 37.16
CA GLY D 8 -33.47 1.50 35.83
C GLY D 8 -32.64 0.69 34.88
N LEU D 9 -33.27 0.19 33.83
CA LEU D 9 -32.53 -0.57 32.82
C LEU D 9 -32.98 -0.21 31.42
N GLY D 10 -32.11 -0.45 30.45
CA GLY D 10 -32.48 -0.22 29.04
C GLY D 10 -31.63 -1.14 28.20
N ILE D 11 -32.15 -1.60 27.07
CA ILE D 11 -31.43 -2.60 26.30
C ILE D 11 -31.93 -2.66 24.88
N VAL D 12 -30.98 -2.82 23.96
CA VAL D 12 -31.29 -3.12 22.56
C VAL D 12 -30.42 -4.33 22.23
N SER D 13 -31.06 -5.47 21.99
CA SER D 13 -30.30 -6.72 21.93
C SER D 13 -30.83 -7.58 20.77
N SER D 14 -30.07 -8.60 20.43
CA SER D 14 -30.54 -9.55 19.40
C SER D 14 -31.85 -10.23 19.78
N ILE D 15 -32.20 -10.26 21.06
CA ILE D 15 -33.44 -10.91 21.53
C ILE D 15 -34.52 -9.93 21.98
N GLY D 16 -34.34 -8.65 21.71
CA GLY D 16 -35.45 -7.71 21.95
C GLY D 16 -34.96 -6.28 22.04
N ASN D 17 -35.87 -5.37 21.72
CA ASN D 17 -35.54 -3.95 21.61
C ASN D 17 -35.89 -3.16 22.85
N ASN D 18 -36.33 -3.86 23.89
CA ASN D 18 -36.62 -3.26 25.17
C ASN D 18 -36.71 -4.38 26.20
N GLN D 19 -36.85 -4.06 27.48
CA GLN D 19 -36.82 -5.11 28.48
C GLN D 19 -38.03 -6.03 28.40
N GLN D 20 -39.17 -5.54 27.91
CA GLN D 20 -40.35 -6.40 27.81
C GLN D 20 -40.12 -7.47 26.75
N GLU D 21 -39.60 -7.08 25.58
CA GLU D 21 -39.31 -8.06 24.52
C GLU D 21 -38.21 -9.03 24.96
N VAL D 22 -37.18 -8.50 25.61
CA VAL D 22 -36.10 -9.36 26.12
C VAL D 22 -36.63 -10.38 27.14
N LEU D 23 -37.45 -9.93 28.08
CA LEU D 23 -38.04 -10.85 29.08
C LEU D 23 -38.79 -12.00 28.38
N ALA D 24 -39.61 -11.66 27.39
CA ALA D 24 -40.39 -12.69 26.66
C ALA D 24 -39.43 -13.66 25.97
N SER D 25 -38.36 -13.16 25.33
CA SER D 25 -37.45 -14.06 24.65
C SER D 25 -36.73 -14.97 25.64
N LEU D 26 -36.30 -14.40 26.78
CA LEU D 26 -35.61 -15.21 27.79
C LEU D 26 -36.51 -16.33 28.28
N ARG D 27 -37.77 -16.01 28.55
CA ARG D 27 -38.72 -17.03 29.03
C ARG D 27 -38.99 -18.11 27.98
N GLU D 28 -38.99 -17.72 26.71
CA GLU D 28 -39.24 -18.67 25.62
C GLU D 28 -38.02 -19.47 25.20
N GLY D 29 -36.85 -19.06 25.66
CA GLY D 29 -35.63 -19.64 25.08
C GLY D 29 -35.43 -19.30 23.61
N ARG D 30 -35.86 -18.10 23.20
CA ARG D 30 -35.86 -17.73 21.79
C ARG D 30 -34.47 -17.26 21.32
N SER D 31 -34.03 -17.77 20.19
CA SER D 31 -32.77 -17.35 19.60
C SER D 31 -32.89 -15.99 18.93
N GLY D 32 -31.83 -15.21 19.09
CA GLY D 32 -31.71 -13.95 18.36
C GLY D 32 -30.78 -14.04 17.15
N ILE D 33 -30.38 -15.25 16.76
CA ILE D 33 -29.34 -15.41 15.72
C ILE D 33 -29.96 -15.63 14.35
N THR D 34 -29.44 -14.92 13.36
CA THR D 34 -29.91 -15.07 11.99
C THR D 34 -28.76 -15.23 11.03
N PHE D 35 -29.07 -15.68 9.83
CA PHE D 35 -28.09 -15.68 8.72
C PHE D 35 -27.77 -14.25 8.29
N SER D 36 -26.49 -14.00 8.02
CA SER D 36 -26.06 -12.69 7.56
C SER D 36 -25.47 -12.76 6.16
N GLN D 37 -26.17 -12.21 5.17
CA GLN D 37 -25.62 -12.04 3.83
C GLN D 37 -24.39 -11.14 3.85
N GLU D 38 -24.37 -10.13 4.72
CA GLU D 38 -23.21 -9.23 4.79
C GLU D 38 -21.94 -10.00 5.16
N LEU D 39 -22.03 -10.84 6.19
CA LEU D 39 -20.84 -11.60 6.59
C LEU D 39 -20.42 -12.53 5.47
N LYS D 40 -21.38 -13.23 4.86
CA LYS D 40 -21.05 -14.15 3.77
C LYS D 40 -20.39 -13.39 2.62
N ASP D 41 -20.96 -12.25 2.24
CA ASP D 41 -20.45 -11.51 1.07
C ASP D 41 -19.02 -11.03 1.30
N SER D 42 -18.61 -10.82 2.55
CA SER D 42 -17.28 -10.29 2.84
C SER D 42 -16.21 -11.36 2.68
N GLY D 43 -16.61 -12.64 2.57
CA GLY D 43 -15.62 -13.73 2.42
C GLY D 43 -15.41 -14.50 3.70
N MET D 44 -16.17 -14.16 4.75
CA MET D 44 -16.04 -14.86 6.01
C MET D 44 -16.53 -16.31 5.94
N ARG D 45 -16.07 -17.13 6.89
CA ARG D 45 -16.57 -18.49 7.04
C ARG D 45 -17.78 -18.55 7.95
N SER D 46 -17.89 -17.59 8.88
CA SER D 46 -19.03 -17.52 9.78
C SER D 46 -20.07 -16.61 9.15
N HIS D 47 -21.30 -17.15 8.93
CA HIS D 47 -22.33 -16.38 8.24
C HIS D 47 -23.54 -16.14 9.10
N VAL D 48 -23.33 -16.10 10.43
CA VAL D 48 -24.45 -15.95 11.36
C VAL D 48 -24.12 -14.87 12.35
N TRP D 49 -25.14 -14.19 12.86
CA TRP D 49 -24.91 -13.13 13.83
C TRP D 49 -26.14 -12.82 14.65
N GLY D 50 -25.90 -12.18 15.80
CA GLY D 50 -26.97 -11.74 16.67
C GLY D 50 -27.25 -10.27 16.39
N ASN D 51 -28.10 -10.04 15.40
CA ASN D 51 -28.35 -8.69 14.93
C ASN D 51 -29.45 -7.99 15.71
N VAL D 52 -29.34 -6.66 15.77
CA VAL D 52 -30.41 -5.84 16.34
C VAL D 52 -31.46 -5.65 15.25
N LYS D 53 -32.71 -6.01 15.57
CA LYS D 53 -33.79 -6.00 14.57
C LYS D 53 -34.63 -4.79 14.87
N LEU D 54 -34.10 -3.64 14.52
CA LEU D 54 -34.69 -2.34 14.84
C LEU D 54 -34.27 -1.36 13.78
N ASP D 55 -35.25 -0.67 13.21
CA ASP D 55 -34.93 0.40 12.29
C ASP D 55 -34.66 1.64 13.15
N THR D 56 -33.40 2.07 13.23
CA THR D 56 -33.06 3.19 14.12
C THR D 56 -33.23 4.55 13.42
N THR D 57 -33.67 4.55 12.17
CA THR D 57 -33.85 5.81 11.43
C THR D 57 -34.75 6.78 12.18
N GLY D 58 -34.27 7.98 12.39
CA GLY D 58 -35.09 9.03 13.02
C GLY D 58 -35.28 8.92 14.52
N LEU D 59 -34.68 7.92 15.18
CA LEU D 59 -34.89 7.78 16.63
C LEU D 59 -34.06 8.73 17.46
N ILE D 60 -33.01 9.26 16.85
CA ILE D 60 -32.08 10.17 17.53
C ILE D 60 -32.01 11.46 16.68
N ASP D 61 -32.03 12.61 17.35
CA ASP D 61 -32.01 13.89 16.65
C ASP D 61 -30.80 13.98 15.71
N ARG D 62 -31.00 14.59 14.53
CA ARG D 62 -29.94 14.72 13.52
C ARG D 62 -28.65 15.28 14.09
N LYS D 63 -28.73 16.33 14.91
CA LYS D 63 -27.51 16.99 15.38
C LYS D 63 -26.77 16.20 16.45
N VAL D 64 -27.46 15.22 17.02
CA VAL D 64 -26.84 14.29 17.94
C VAL D 64 -26.28 13.07 17.23
N VAL D 65 -27.07 12.47 16.34
CA VAL D 65 -26.69 11.22 15.72
C VAL D 65 -25.54 11.41 14.72
N ARG D 66 -25.33 12.64 14.24
CA ARG D 66 -24.27 12.85 13.24
C ARG D 66 -22.89 12.48 13.79
N PHE D 67 -22.73 12.46 15.11
CA PHE D 67 -21.45 12.16 15.72
C PHE D 67 -21.27 10.68 15.99
N MET D 68 -22.31 9.86 15.78
CA MET D 68 -22.38 8.52 16.37
C MET D 68 -22.13 7.37 15.40
N SER D 69 -21.41 6.37 15.88
CA SER D 69 -21.37 5.06 15.26
C SER D 69 -22.49 4.20 15.84
N ASP D 70 -22.68 2.98 15.31
CA ASP D 70 -23.77 2.13 15.84
C ASP D 70 -23.61 1.78 17.29
N ALA D 71 -22.38 1.60 17.80
CA ALA D 71 -22.24 1.27 19.24
C ALA D 71 -22.87 2.40 20.06
N SER D 72 -22.63 3.66 19.65
CA SER D 72 -23.19 4.80 20.35
C SER D 72 -24.69 4.91 20.16
N ILE D 73 -25.19 4.60 18.96
CA ILE D 73 -26.63 4.58 18.75
C ILE D 73 -27.30 3.60 19.71
N TYR D 74 -26.80 2.37 19.76
CA TYR D 74 -27.43 1.37 20.61
C TYR D 74 -27.33 1.76 22.09
N ALA D 75 -26.18 2.27 22.50
CA ALA D 75 -26.02 2.70 23.89
C ALA D 75 -26.96 3.87 24.21
N PHE D 76 -27.09 4.82 23.28
CA PHE D 76 -27.94 5.99 23.49
C PHE D 76 -29.40 5.55 23.67
N LEU D 77 -29.88 4.68 22.79
CA LEU D 77 -31.27 4.23 22.88
C LEU D 77 -31.48 3.49 24.19
N SER D 78 -30.49 2.69 24.59
CA SER D 78 -30.58 1.97 25.88
C SER D 78 -30.60 2.96 27.04
N MET D 79 -29.81 4.03 26.95
CA MET D 79 -29.82 5.05 28.00
C MET D 79 -31.15 5.79 28.07
N GLU D 80 -31.72 6.14 26.94
CA GLU D 80 -33.08 6.73 26.95
C GLU D 80 -34.05 5.81 27.65
N GLN D 81 -34.02 4.52 27.34
CA GLN D 81 -34.90 3.58 28.01
C GLN D 81 -34.66 3.54 29.52
N ALA D 82 -33.39 3.53 29.92
CA ALA D 82 -33.02 3.41 31.33
C ALA D 82 -33.45 4.63 32.12
N ILE D 83 -33.28 5.82 31.53
CA ILE D 83 -33.74 7.05 32.18
C ILE D 83 -35.24 7.00 32.45
N ALA D 84 -36.02 6.61 31.44
CA ALA D 84 -37.49 6.54 31.58
C ALA D 84 -37.82 5.48 32.64
N ASP D 85 -37.18 4.31 32.54
CA ASP D 85 -37.45 3.21 33.46
C ASP D 85 -37.07 3.57 34.90
N ALA D 86 -36.10 4.46 35.07
CA ALA D 86 -35.69 4.91 36.40
C ALA D 86 -36.63 5.99 36.92
N GLY D 87 -37.46 6.58 36.06
CA GLY D 87 -38.39 7.66 36.47
C GLY D 87 -37.66 8.99 36.62
N LEU D 88 -36.53 9.15 35.91
CA LEU D 88 -35.72 10.38 36.01
C LEU D 88 -36.09 11.37 34.90
N SER D 89 -36.16 12.66 35.23
CA SER D 89 -36.41 13.73 34.28
C SER D 89 -35.20 14.66 34.23
N PRO D 90 -35.07 15.45 33.14
CA PRO D 90 -33.88 16.30 32.97
C PRO D 90 -33.50 17.14 34.19
N GLU D 91 -34.48 17.72 34.87
CA GLU D 91 -34.14 18.53 36.06
C GLU D 91 -33.29 17.78 37.05
N ALA D 92 -33.45 16.46 37.11
CA ALA D 92 -32.77 15.63 38.11
C ALA D 92 -31.41 15.11 37.67
N TYR D 93 -31.24 14.81 36.37
CA TYR D 93 -30.02 14.16 35.96
C TYR D 93 -29.13 15.04 35.07
N GLN D 94 -29.68 16.10 34.45
CA GLN D 94 -28.87 16.97 33.59
C GLN D 94 -28.23 18.08 34.37
N ASN D 95 -27.04 18.50 33.89
CA ASN D 95 -26.35 19.62 34.53
C ASN D 95 -26.14 19.42 36.02
N ASN D 96 -25.82 18.17 36.41
CA ASN D 96 -25.77 17.79 37.82
C ASN D 96 -24.42 17.12 38.06
N PRO D 97 -23.49 17.80 38.76
CA PRO D 97 -22.16 17.22 38.98
C PRO D 97 -22.16 15.86 39.67
N ARG D 98 -23.27 15.48 40.32
CA ARG D 98 -23.30 14.21 41.04
C ARG D 98 -23.84 13.06 40.18
N VAL D 99 -24.03 13.32 38.86
CA VAL D 99 -24.54 12.31 37.97
C VAL D 99 -23.54 12.11 36.83
N GLY D 100 -23.12 10.85 36.62
CA GLY D 100 -22.07 10.54 35.69
C GLY D 100 -22.45 9.46 34.69
N LEU D 101 -21.46 9.09 33.87
CA LEU D 101 -21.68 8.10 32.80
C LEU D 101 -20.38 7.35 32.56
N ILE D 102 -20.41 6.03 32.68
CA ILE D 102 -19.25 5.19 32.37
C ILE D 102 -19.75 4.10 31.45
N ALA D 103 -19.36 4.18 30.19
CA ALA D 103 -19.92 3.23 29.20
C ALA D 103 -18.95 3.10 28.07
N GLY D 104 -18.76 1.88 27.57
CA GLY D 104 -17.72 1.63 26.61
C GLY D 104 -18.13 0.66 25.52
N SER D 105 -17.19 0.44 24.62
CA SER D 105 -17.31 -0.60 23.60
C SER D 105 -16.03 -1.41 23.58
N GLY D 106 -16.09 -2.61 23.03
CA GLY D 106 -14.88 -3.44 22.92
C GLY D 106 -14.01 -3.01 21.76
N GLY D 107 -14.64 -2.56 20.68
CA GLY D 107 -13.92 -2.26 19.44
C GLY D 107 -13.95 -0.85 18.90
N GLY D 108 -14.72 0.06 19.51
CA GLY D 108 -14.92 1.41 18.93
C GLY D 108 -15.80 1.32 17.70
N SER D 109 -15.28 1.75 16.55
CA SER D 109 -16.00 1.55 15.29
C SER D 109 -15.04 1.20 14.17
N PRO D 110 -14.72 -0.09 14.01
CA PRO D 110 -13.97 -0.48 12.81
C PRO D 110 -14.67 -0.02 11.54
N ARG D 111 -16.00 -0.02 11.50
CA ARG D 111 -16.68 0.40 10.29
C ARG D 111 -16.32 1.86 9.94
N PHE D 112 -16.38 2.75 10.91
CA PHE D 112 -16.05 4.15 10.59
C PHE D 112 -14.59 4.44 10.43
N GLN D 113 -13.76 3.67 11.09
CA GLN D 113 -12.34 3.80 10.85
C GLN D 113 -12.05 3.44 9.40
N VAL D 114 -12.61 2.33 8.96
CA VAL D 114 -12.42 1.88 7.56
C VAL D 114 -13.09 2.86 6.57
N PHE D 115 -14.26 3.36 6.90
CA PHE D 115 -14.85 4.39 6.08
C PHE D 115 -13.91 5.57 5.91
N GLY D 116 -13.34 6.06 7.01
CA GLY D 116 -12.44 7.22 6.97
C GLY D 116 -11.24 6.92 6.07
N ALA D 117 -10.63 5.75 6.25
CA ALA D 117 -9.41 5.44 5.46
C ALA D 117 -9.77 5.24 3.99
N ASP D 118 -10.91 4.61 3.72
CA ASP D 118 -11.32 4.41 2.33
C ASP D 118 -11.63 5.75 1.65
N ALA D 119 -12.30 6.64 2.38
CA ALA D 119 -12.63 7.95 1.86
C ALA D 119 -11.38 8.75 1.59
N MET D 120 -10.46 8.74 2.55
CA MET D 120 -9.21 9.50 2.43
C MET D 120 -8.40 9.05 1.22
N ARG D 121 -8.43 7.76 0.94
CA ARG D 121 -7.65 7.20 -0.14
C ARG D 121 -8.28 7.40 -1.52
N GLY D 122 -9.50 7.95 -1.57
CA GLY D 122 -10.15 8.30 -2.83
C GLY D 122 -9.78 9.70 -3.30
N PRO D 123 -10.35 10.12 -4.42
CA PRO D 123 -9.94 11.37 -5.05
C PRO D 123 -10.26 12.64 -4.26
N ARG D 124 -11.20 12.58 -3.33
CA ARG D 124 -11.62 13.75 -2.59
C ARG D 124 -10.99 13.90 -1.19
N GLY D 125 -10.21 12.90 -0.75
CA GLY D 125 -9.38 13.08 0.44
C GLY D 125 -10.18 13.55 1.63
N LEU D 126 -9.68 14.60 2.28
CA LEU D 126 -10.29 15.04 3.55
C LEU D 126 -11.76 15.39 3.40
N LYS D 127 -12.15 15.90 2.22
CA LYS D 127 -13.54 16.29 2.03
C LYS D 127 -14.46 15.09 2.04
N ALA D 128 -13.97 13.94 1.56
CA ALA D 128 -14.76 12.72 1.61
C ALA D 128 -14.86 12.14 3.03
N VAL D 129 -13.80 12.31 3.82
CA VAL D 129 -13.79 11.83 5.18
C VAL D 129 -14.85 12.57 6.00
N GLY D 130 -14.87 13.89 5.89
CA GLY D 130 -15.83 14.68 6.65
C GLY D 130 -15.38 14.87 8.09
N PRO D 131 -16.10 15.71 8.86
CA PRO D 131 -15.65 16.13 10.19
C PRO D 131 -16.14 15.27 11.34
N TYR D 132 -16.80 14.13 11.05
CA TYR D 132 -17.42 13.32 12.13
C TYR D 132 -16.77 11.99 12.46
N VAL D 133 -15.67 11.65 11.80
CA VAL D 133 -15.10 10.33 12.01
C VAL D 133 -14.43 10.14 13.36
N VAL D 134 -13.81 11.18 13.95
CA VAL D 134 -13.17 10.94 15.27
C VAL D 134 -14.14 10.52 16.32
N THR D 135 -15.29 11.19 16.42
CA THR D 135 -16.26 10.81 17.44
C THR D 135 -16.86 9.45 17.17
N LYS D 136 -16.93 9.05 15.92
CA LYS D 136 -17.47 7.75 15.59
C LYS D 136 -16.49 6.65 15.90
N ALA D 137 -15.22 6.89 15.60
CA ALA D 137 -14.21 5.86 15.65
C ALA D 137 -13.34 5.79 16.92
N MET D 138 -13.32 6.85 17.74
CA MET D 138 -12.40 6.85 18.88
C MET D 138 -12.93 5.85 19.89
N ALA D 139 -12.03 5.33 20.72
CA ALA D 139 -12.37 4.29 21.69
C ALA D 139 -13.45 4.77 22.68
N SER D 140 -13.49 6.06 22.96
CA SER D 140 -14.43 6.62 23.94
C SER D 140 -15.73 7.11 23.29
N GLY D 141 -16.01 6.73 22.05
CA GLY D 141 -17.18 7.25 21.37
C GLY D 141 -18.44 7.04 22.18
N VAL D 142 -18.63 5.85 22.75
CA VAL D 142 -19.88 5.59 23.44
C VAL D 142 -20.08 6.55 24.63
N SER D 143 -19.07 6.84 25.40
CA SER D 143 -19.29 7.79 26.51
C SER D 143 -19.41 9.23 25.98
N ALA D 144 -18.55 9.62 25.04
CA ALA D 144 -18.56 10.98 24.54
C ALA D 144 -19.91 11.32 23.90
N CYS D 145 -20.42 10.41 23.07
CA CYS D 145 -21.62 10.67 22.31
C CYS D 145 -22.87 10.66 23.12
N LEU D 146 -22.79 10.15 24.36
CA LEU D 146 -23.95 10.16 25.24
C LEU D 146 -23.85 11.29 26.27
N ALA D 147 -22.65 11.52 26.80
CA ALA D 147 -22.54 12.49 27.91
C ALA D 147 -22.93 13.88 27.42
N THR D 148 -22.61 14.16 26.19
CA THR D 148 -22.87 15.45 25.64
C THR D 148 -24.43 15.74 25.49
N PRO D 149 -25.17 14.90 24.74
CA PRO D 149 -26.62 15.18 24.61
C PRO D 149 -27.41 15.01 25.89
N PHE D 150 -26.97 14.13 26.77
CA PHE D 150 -27.68 13.98 28.05
C PHE D 150 -27.20 14.95 29.13
N LYS D 151 -26.33 15.89 28.73
CA LYS D 151 -25.90 16.98 29.61
C LYS D 151 -25.31 16.46 30.93
N ILE D 152 -24.49 15.42 30.84
CA ILE D 152 -23.89 14.84 32.02
C ILE D 152 -22.76 15.74 32.52
N HIS D 153 -22.73 16.02 33.82
CA HIS D 153 -21.68 16.86 34.40
C HIS D 153 -20.69 16.10 35.31
N GLY D 154 -21.00 14.88 35.72
CA GLY D 154 -20.12 14.11 36.61
C GLY D 154 -19.06 13.36 35.84
N VAL D 155 -18.73 12.17 36.31
CA VAL D 155 -17.71 11.41 35.61
C VAL D 155 -18.16 11.08 34.18
N ASN D 156 -17.19 10.97 33.26
CA ASN D 156 -17.50 10.71 31.85
C ASN D 156 -16.28 10.05 31.25
N TYR D 157 -16.33 8.73 31.07
CA TYR D 157 -15.29 8.04 30.33
C TYR D 157 -15.79 6.67 29.95
N SER D 158 -14.96 5.97 29.14
CA SER D 158 -15.27 4.60 28.72
C SER D 158 -14.28 3.67 29.40
N ILE D 159 -14.69 2.50 29.81
CA ILE D 159 -13.73 1.44 30.11
C ILE D 159 -13.87 0.44 28.99
N SER D 160 -12.76 -0.15 28.59
CA SER D 160 -12.77 -1.26 27.61
C SER D 160 -11.94 -2.41 28.18
N SER D 161 -12.43 -3.61 27.96
CA SER D 161 -11.78 -4.81 28.47
C SER D 161 -12.39 -5.98 27.71
N ALA D 162 -12.54 -5.80 26.41
CA ALA D 162 -13.06 -6.87 25.55
C ALA D 162 -14.41 -7.36 26.06
N CYS D 163 -14.59 -8.67 26.28
CA CYS D 163 -15.87 -9.19 26.72
C CYS D 163 -16.31 -8.71 28.09
N ALA D 164 -15.38 -8.17 28.89
CA ALA D 164 -15.71 -7.69 30.24
C ALA D 164 -16.05 -6.23 30.26
N THR D 165 -15.98 -5.53 29.10
CA THR D 165 -16.06 -4.05 29.02
C THR D 165 -17.17 -3.51 29.90
N SER D 166 -18.42 -3.87 29.60
CA SER D 166 -19.53 -3.15 30.26
C SER D 166 -19.81 -3.69 31.66
N ALA D 167 -19.22 -4.85 32.01
CA ALA D 167 -19.24 -5.32 33.40
C ALA D 167 -18.28 -4.45 34.26
N HIS D 168 -17.07 -4.17 33.73
CA HIS D 168 -16.19 -3.26 34.46
C HIS D 168 -16.80 -1.85 34.51
N CYS D 169 -17.55 -1.45 33.49
CA CYS D 169 -18.17 -0.12 33.56
C CYS D 169 -19.14 -0.08 34.75
N ILE D 170 -19.97 -1.13 34.90
CA ILE D 170 -20.89 -1.17 36.04
C ILE D 170 -20.13 -1.21 37.36
N GLY D 171 -19.10 -2.04 37.45
CA GLY D 171 -18.32 -2.09 38.70
C GLY D 171 -17.68 -0.75 39.05
N ASN D 172 -17.12 -0.08 38.05
CA ASN D 172 -16.54 1.23 38.30
C ASN D 172 -17.63 2.25 38.72
N ALA D 173 -18.83 2.14 38.17
CA ALA D 173 -19.91 3.01 38.61
C ALA D 173 -20.21 2.74 40.09
N VAL D 174 -20.25 1.46 40.49
CA VAL D 174 -20.43 1.13 41.89
C VAL D 174 -19.31 1.76 42.75
N GLU D 175 -18.05 1.71 42.28
CA GLU D 175 -16.97 2.37 43.01
C GLU D 175 -17.14 3.86 43.17
N GLN D 176 -17.68 4.54 42.15
CA GLN D 176 -17.94 5.95 42.29
C GLN D 176 -18.95 6.23 43.39
N ILE D 177 -19.99 5.39 43.49
CA ILE D 177 -20.97 5.54 44.56
C ILE D 177 -20.27 5.26 45.91
N GLN D 178 -19.48 4.18 45.97
CA GLN D 178 -18.80 3.83 47.22
C GLN D 178 -17.85 4.91 47.71
N LEU D 179 -17.18 5.58 46.80
CA LEU D 179 -16.28 6.65 47.16
C LEU D 179 -17.00 7.95 47.50
N GLY D 180 -18.32 7.95 47.38
CA GLY D 180 -19.10 9.14 47.70
C GLY D 180 -19.04 10.21 46.62
N LYS D 181 -18.52 9.87 45.43
CA LYS D 181 -18.26 10.90 44.42
C LYS D 181 -19.49 11.20 43.55
N GLN D 182 -20.39 10.22 43.40
CA GLN D 182 -21.54 10.37 42.53
C GLN D 182 -22.75 9.80 43.24
N ASP D 183 -23.93 10.36 42.92
CA ASP D 183 -25.21 9.80 43.38
C ASP D 183 -25.82 8.85 42.37
N ILE D 184 -25.61 9.11 41.07
CA ILE D 184 -26.09 8.24 40.00
C ILE D 184 -24.99 8.15 38.98
N VAL D 185 -24.73 6.93 38.48
CA VAL D 185 -23.90 6.77 37.30
C VAL D 185 -24.62 5.86 36.33
N PHE D 186 -24.80 6.33 35.12
CA PHE D 186 -25.32 5.47 34.04
C PHE D 186 -24.17 4.61 33.58
N ALA D 187 -24.34 3.29 33.54
CA ALA D 187 -23.23 2.40 33.20
C ALA D 187 -23.70 1.40 32.17
N GLY D 188 -22.84 1.10 31.21
CA GLY D 188 -23.25 0.21 30.15
C GLY D 188 -22.30 0.19 29.00
N GLY D 189 -22.82 -0.04 27.81
CA GLY D 189 -21.95 -0.20 26.67
C GLY D 189 -22.72 -0.43 25.40
N GLY D 190 -21.96 -0.49 24.31
CA GLY D 190 -22.55 -0.70 23.01
C GLY D 190 -21.55 -1.38 22.13
N GLU D 191 -22.03 -2.02 21.07
CA GLU D 191 -21.12 -2.64 20.10
C GLU D 191 -21.79 -2.68 18.74
N GLU D 192 -21.09 -2.22 17.72
CA GLU D 192 -21.65 -2.32 16.37
C GLU D 192 -21.45 -3.76 15.88
N LEU D 193 -22.17 -4.09 14.82
CA LEU D 193 -22.05 -5.43 14.22
C LEU D 193 -21.78 -5.22 12.74
N CYS D 194 -20.63 -5.71 12.27
CA CYS D 194 -20.13 -5.35 10.94
C CYS D 194 -19.11 -6.38 10.52
N TRP D 195 -18.98 -6.62 9.22
CA TRP D 195 -17.94 -7.51 8.75
C TRP D 195 -16.55 -6.96 9.06
N GLU D 196 -16.40 -5.64 9.08
CA GLU D 196 -15.07 -5.03 9.28
C GLU D 196 -14.45 -5.52 10.56
N MET D 197 -15.25 -5.62 11.62
CA MET D 197 -14.77 -6.17 12.89
C MET D 197 -14.89 -7.69 12.97
N ALA D 198 -16.01 -8.23 12.49
CA ALA D 198 -16.23 -9.67 12.65
C ALA D 198 -15.15 -10.47 11.93
N CYS D 199 -14.63 -9.98 10.80
CA CYS D 199 -13.65 -10.78 10.08
C CYS D 199 -12.39 -10.98 10.90
N GLU D 200 -12.09 -10.07 11.83
CA GLU D 200 -10.90 -10.21 12.68
C GLU D 200 -11.03 -11.42 13.59
N PHE D 201 -12.24 -11.63 14.10
CA PHE D 201 -12.52 -12.76 14.98
C PHE D 201 -12.56 -14.08 14.17
N ASP D 202 -13.13 -14.03 12.96
CA ASP D 202 -13.14 -15.24 12.11
C ASP D 202 -11.70 -15.60 11.75
N ALA D 203 -10.84 -14.59 11.50
CA ALA D 203 -9.47 -14.88 11.09
C ALA D 203 -8.63 -15.54 12.19
N MET D 204 -9.07 -15.41 13.44
CA MET D 204 -8.42 -16.12 14.53
C MET D 204 -9.14 -17.41 14.92
N GLY D 205 -10.14 -17.78 14.12
CA GLY D 205 -10.87 -19.05 14.34
C GLY D 205 -11.84 -19.01 15.52
N ALA D 206 -12.23 -17.82 15.97
CA ALA D 206 -13.04 -17.68 17.18
C ALA D 206 -14.53 -17.89 16.94
N LEU D 207 -14.98 -17.75 15.69
CA LEU D 207 -16.42 -17.77 15.36
C LEU D 207 -16.94 -19.11 14.88
N SER D 208 -18.21 -19.38 15.19
CA SER D 208 -18.87 -20.57 14.69
C SER D 208 -18.96 -20.57 13.17
N THR D 209 -18.64 -21.71 12.54
CA THR D 209 -18.64 -21.79 11.08
C THR D 209 -19.38 -23.01 10.53
N LYS D 210 -19.73 -23.97 11.38
CA LYS D 210 -20.28 -25.26 10.92
C LYS D 210 -21.82 -25.29 10.85
N TYR D 211 -22.48 -24.21 11.30
CA TYR D 211 -23.91 -24.21 11.47
C TYR D 211 -24.60 -23.11 10.67
N ASN D 212 -23.98 -22.63 9.59
CA ASN D 212 -24.55 -21.51 8.86
C ASN D 212 -25.90 -21.80 8.24
N ASP D 213 -26.17 -23.08 7.95
CA ASP D 213 -27.46 -23.46 7.40
C ASP D 213 -28.57 -23.54 8.45
N THR D 214 -28.20 -23.54 9.73
CA THR D 214 -29.17 -23.60 10.84
C THR D 214 -28.75 -22.55 11.89
N PRO D 215 -28.94 -21.26 11.57
CA PRO D 215 -28.32 -20.23 12.40
C PRO D 215 -28.69 -20.29 13.88
N GLU D 216 -29.92 -20.67 14.21
CA GLU D 216 -30.36 -20.68 15.58
C GLU D 216 -29.69 -21.77 16.42
N LYS D 217 -28.99 -22.69 15.74
CA LYS D 217 -28.30 -23.78 16.44
C LYS D 217 -26.78 -23.55 16.55
N ALA D 218 -26.27 -22.47 15.98
CA ALA D 218 -24.81 -22.22 15.96
C ALA D 218 -24.21 -21.97 17.36
N SER D 219 -24.92 -21.17 18.17
CA SER D 219 -24.47 -20.81 19.51
C SER D 219 -25.01 -21.86 20.46
N ARG D 220 -24.12 -22.58 21.13
CA ARG D 220 -24.53 -23.84 21.78
C ARG D 220 -23.59 -24.15 22.93
N THR D 221 -23.49 -23.19 23.84
CA THR D 221 -22.61 -23.30 24.98
C THR D 221 -22.85 -24.64 25.70
N TYR D 222 -21.75 -25.31 26.01
CA TYR D 222 -21.70 -26.62 26.72
C TYR D 222 -22.07 -27.81 25.87
N ASP D 223 -22.55 -27.59 24.66
CA ASP D 223 -22.79 -28.72 23.78
C ASP D 223 -21.47 -29.31 23.27
N ALA D 224 -21.42 -30.63 23.12
CA ALA D 224 -20.19 -31.28 22.73
C ALA D 224 -19.68 -30.88 21.35
N HIS D 225 -20.55 -30.36 20.48
CA HIS D 225 -20.16 -29.99 19.13
C HIS D 225 -20.13 -28.49 18.89
N ARG D 226 -20.00 -27.74 19.97
CA ARG D 226 -19.79 -26.31 19.82
C ARG D 226 -18.49 -26.02 19.05
N ASP D 227 -18.47 -24.88 18.34
CA ASP D 227 -17.33 -24.61 17.46
C ASP D 227 -17.03 -23.11 17.37
N GLY D 228 -17.28 -22.38 18.45
CA GLY D 228 -16.98 -20.97 18.46
C GLY D 228 -18.19 -20.10 18.72
N PHE D 229 -17.94 -18.84 19.01
CA PHE D 229 -19.07 -17.97 19.35
C PHE D 229 -19.74 -17.37 18.11
N VAL D 230 -20.94 -16.83 18.33
CA VAL D 230 -21.67 -16.15 17.28
C VAL D 230 -21.62 -14.67 17.62
N ILE D 231 -21.04 -13.87 16.74
CA ILE D 231 -20.87 -12.44 17.06
C ILE D 231 -22.22 -11.72 17.05
N ALA D 232 -22.36 -10.69 17.88
CA ALA D 232 -23.58 -9.96 18.00
C ALA D 232 -23.29 -8.49 18.25
N GLY D 233 -24.31 -7.66 18.10
CA GLY D 233 -24.21 -6.23 18.41
C GLY D 233 -25.36 -5.82 19.30
N GLY D 234 -25.32 -4.59 19.81
CA GLY D 234 -26.40 -4.06 20.59
C GLY D 234 -25.88 -3.15 21.67
N GLY D 235 -26.76 -2.84 22.62
CA GLY D 235 -26.36 -1.92 23.71
C GLY D 235 -27.13 -2.28 24.98
N GLY D 236 -26.66 -1.73 26.09
CA GLY D 236 -27.43 -1.81 27.32
C GLY D 236 -26.96 -0.70 28.25
N MET D 237 -27.84 -0.31 29.18
CA MET D 237 -27.48 0.70 30.16
C MET D 237 -28.25 0.40 31.42
N VAL D 238 -27.58 0.56 32.56
CA VAL D 238 -28.27 0.50 33.83
C VAL D 238 -28.04 1.80 34.60
N VAL D 239 -28.98 2.13 35.49
CA VAL D 239 -28.82 3.29 36.35
C VAL D 239 -28.32 2.79 37.70
N VAL D 240 -27.06 3.11 38.01
CA VAL D 240 -26.44 2.74 39.28
C VAL D 240 -26.60 3.93 40.24
N GLU D 241 -27.21 3.71 41.40
CA GLU D 241 -27.61 4.83 42.23
C GLU D 241 -27.28 4.55 43.69
N GLU D 242 -26.88 5.59 44.41
CA GLU D 242 -26.63 5.43 45.84
C GLU D 242 -27.95 5.10 46.53
N LEU D 243 -27.90 4.18 47.49
CA LEU D 243 -29.13 3.64 48.09
C LEU D 243 -30.02 4.70 48.74
N GLU D 244 -29.45 5.56 49.61
CA GLU D 244 -30.33 6.56 50.25
C GLU D 244 -30.96 7.51 49.26
N HIS D 245 -30.22 7.85 48.20
CA HIS D 245 -30.75 8.74 47.17
C HIS D 245 -31.93 8.06 46.47
N ALA D 246 -31.79 6.77 46.17
CA ALA D 246 -32.85 6.02 45.49
C ALA D 246 -34.10 5.92 46.40
N LEU D 247 -33.90 5.59 47.67
CA LEU D 247 -35.04 5.47 48.57
C LEU D 247 -35.74 6.80 48.75
N ALA D 248 -34.97 7.87 48.84
CA ALA D 248 -35.58 9.17 49.14
C ALA D 248 -36.51 9.64 48.03
N ARG D 249 -36.24 9.22 46.78
CA ARG D 249 -37.12 9.59 45.68
C ARG D 249 -38.16 8.53 45.33
N GLY D 250 -38.24 7.47 46.12
CA GLY D 250 -39.18 6.41 45.82
C GLY D 250 -38.86 5.68 44.52
N ALA D 251 -37.57 5.50 44.24
CA ALA D 251 -37.17 4.74 43.06
C ALA D 251 -37.68 3.31 43.10
N HIS D 252 -37.86 2.74 41.91
CA HIS D 252 -37.99 1.29 41.84
C HIS D 252 -36.58 0.70 41.84
N ILE D 253 -36.29 -0.16 42.80
CA ILE D 253 -34.97 -0.77 42.95
C ILE D 253 -35.06 -2.22 42.51
N TYR D 254 -34.32 -2.56 41.46
CA TYR D 254 -34.26 -3.97 41.01
C TYR D 254 -33.46 -4.81 42.01
N ALA D 255 -32.27 -4.33 42.35
CA ALA D 255 -31.30 -5.10 43.14
C ALA D 255 -30.22 -4.19 43.66
N GLU D 256 -29.53 -4.65 44.69
CA GLU D 256 -28.30 -4.05 45.14
C GLU D 256 -27.12 -4.76 44.47
N ILE D 257 -26.08 -4.00 44.13
CA ILE D 257 -24.84 -4.64 43.68
C ILE D 257 -24.06 -4.92 44.93
N VAL D 258 -24.09 -6.18 45.34
CA VAL D 258 -23.45 -6.55 46.60
C VAL D 258 -22.03 -7.11 46.42
N GLY D 259 -21.62 -7.37 45.18
CA GLY D 259 -20.26 -7.82 44.92
C GLY D 259 -19.81 -7.42 43.52
N TYR D 260 -18.52 -7.12 43.43
CA TYR D 260 -17.90 -6.79 42.17
C TYR D 260 -16.47 -7.31 42.23
N GLY D 261 -16.19 -8.27 41.37
CA GLY D 261 -14.85 -8.82 41.27
C GLY D 261 -14.20 -8.31 39.98
N ALA D 262 -12.92 -8.02 40.03
CA ALA D 262 -12.15 -7.64 38.82
C ALA D 262 -10.75 -8.18 39.04
N THR D 263 -10.33 -9.08 38.17
CA THR D 263 -9.00 -9.69 38.30
C THR D 263 -8.39 -9.85 36.93
N SER D 264 -7.18 -10.42 36.91
CA SER D 264 -6.43 -10.61 35.68
C SER D 264 -5.77 -11.98 35.75
N ASP D 265 -5.65 -12.63 34.60
CA ASP D 265 -5.03 -13.95 34.56
C ASP D 265 -3.52 -13.89 34.52
N GLY D 266 -2.98 -12.90 33.81
CA GLY D 266 -1.51 -12.80 33.66
C GLY D 266 -0.91 -14.03 32.98
N ALA D 267 -1.60 -14.53 31.96
CA ALA D 267 -1.28 -15.87 31.41
C ALA D 267 -1.39 -15.88 29.88
N ASP D 268 -2.58 -16.10 29.32
CA ASP D 268 -2.75 -16.24 27.85
C ASP D 268 -3.53 -15.07 27.25
N MET D 269 -3.22 -14.69 26.01
CA MET D 269 -3.85 -13.52 25.38
C MET D 269 -5.31 -13.72 25.00
N VAL D 270 -5.70 -14.95 24.64
CA VAL D 270 -7.08 -15.15 24.21
C VAL D 270 -7.86 -16.20 25.02
N ALA D 271 -7.13 -17.15 25.60
CA ALA D 271 -7.76 -18.23 26.38
C ALA D 271 -7.72 -17.92 27.88
N PRO D 272 -8.77 -18.28 28.62
CA PRO D 272 -8.78 -18.05 30.08
C PRO D 272 -7.89 -18.99 30.87
N SER D 273 -7.36 -18.54 32.01
CA SER D 273 -6.54 -19.44 32.87
C SER D 273 -7.36 -20.24 33.89
N GLY D 274 -8.56 -19.78 34.25
CA GLY D 274 -9.31 -20.47 35.32
C GLY D 274 -8.96 -19.92 36.70
N GLU D 275 -7.67 -19.85 37.03
CA GLU D 275 -7.19 -19.29 38.29
C GLU D 275 -7.72 -17.84 38.52
N GLY D 276 -7.64 -17.00 37.48
CA GLY D 276 -8.11 -15.62 37.56
C GLY D 276 -9.62 -15.57 37.81
N ALA D 277 -10.35 -16.45 37.11
CA ALA D 277 -11.81 -16.53 37.28
C ALA D 277 -12.24 -16.97 38.68
N VAL D 278 -11.52 -17.93 39.25
CA VAL D 278 -11.82 -18.33 40.64
C VAL D 278 -11.65 -17.14 41.59
N ARG D 279 -10.54 -16.41 41.49
CA ARG D 279 -10.34 -15.25 42.35
C ARG D 279 -11.41 -14.18 42.13
N CYS D 280 -11.84 -14.04 40.89
CA CYS D 280 -12.80 -13.01 40.56
C CYS D 280 -14.17 -13.33 41.17
N MET D 281 -14.62 -14.57 41.01
CA MET D 281 -15.89 -14.97 41.62
C MET D 281 -15.81 -14.88 43.14
N LYS D 282 -14.71 -15.37 43.73
CA LYS D 282 -14.59 -15.27 45.19
C LYS D 282 -14.58 -13.82 45.68
N MET D 283 -13.96 -12.93 44.91
CA MET D 283 -13.94 -11.53 45.28
C MET D 283 -15.34 -10.93 45.28
N ALA D 284 -16.13 -11.26 44.26
CA ALA D 284 -17.50 -10.77 44.17
C ALA D 284 -18.38 -11.33 45.28
N MET D 285 -18.05 -12.53 45.79
CA MET D 285 -18.90 -13.19 46.79
C MET D 285 -18.48 -12.86 48.21
N HIS D 286 -17.35 -12.21 48.37
CA HIS D 286 -16.79 -12.05 49.70
C HIS D 286 -17.73 -11.17 50.56
N GLY D 287 -18.08 -11.67 51.74
CA GLY D 287 -19.00 -10.91 52.60
C GLY D 287 -20.48 -11.01 52.25
N VAL D 288 -20.82 -11.69 51.15
CA VAL D 288 -22.22 -11.84 50.76
C VAL D 288 -22.80 -12.99 51.57
N ASP D 289 -23.78 -12.70 52.43
CA ASP D 289 -24.21 -13.72 53.42
C ASP D 289 -25.36 -14.62 52.97
N THR D 290 -25.62 -14.61 51.68
CA THR D 290 -26.63 -15.46 51.06
C THR D 290 -26.00 -16.25 49.94
N PRO D 291 -26.56 -17.44 49.65
CA PRO D 291 -26.00 -18.24 48.55
C PRO D 291 -26.30 -17.65 47.19
N ILE D 292 -25.47 -17.99 46.22
CA ILE D 292 -25.75 -17.61 44.84
C ILE D 292 -26.81 -18.58 44.31
N ASP D 293 -27.96 -18.04 43.89
CA ASP D 293 -29.07 -18.90 43.42
C ASP D 293 -28.96 -19.18 41.92
N TYR D 294 -28.36 -18.28 41.17
CA TYR D 294 -28.31 -18.41 39.73
C TYR D 294 -27.04 -17.73 39.26
N LEU D 295 -26.38 -18.38 38.31
CA LEU D 295 -25.16 -17.86 37.71
C LEU D 295 -25.32 -17.78 36.19
N ASN D 296 -25.22 -16.56 35.66
CA ASN D 296 -25.25 -16.32 34.21
C ASN D 296 -23.80 -16.41 33.75
N SER D 297 -23.45 -17.53 33.12
CA SER D 297 -22.05 -17.75 32.80
C SER D 297 -21.56 -16.88 31.66
N HIS D 298 -20.24 -16.73 31.59
CA HIS D 298 -19.63 -16.10 30.45
C HIS D 298 -19.89 -16.92 29.18
N GLY D 299 -19.66 -18.23 29.29
CA GLY D 299 -20.08 -19.23 28.31
C GLY D 299 -20.35 -18.81 26.87
N THR D 300 -19.29 -18.68 26.09
CA THR D 300 -19.44 -18.11 24.72
C THR D 300 -19.69 -19.15 23.62
N SER D 301 -19.61 -20.45 23.95
CA SER D 301 -19.77 -21.55 22.98
C SER D 301 -18.46 -21.93 22.32
N THR D 302 -17.38 -21.79 23.07
CA THR D 302 -16.02 -22.09 22.59
C THR D 302 -15.55 -23.38 23.27
N PRO D 303 -14.90 -24.28 22.51
CA PRO D 303 -14.42 -25.52 23.15
C PRO D 303 -13.64 -25.38 24.48
N VAL D 304 -12.59 -24.56 24.49
CA VAL D 304 -11.74 -24.44 25.67
C VAL D 304 -12.41 -23.59 26.77
N GLY D 305 -12.94 -22.44 26.36
CA GLY D 305 -13.44 -21.49 27.33
C GLY D 305 -14.59 -21.98 28.16
N ASP D 306 -15.54 -22.69 27.53
CA ASP D 306 -16.74 -23.05 28.25
C ASP D 306 -16.38 -23.93 29.44
N VAL D 307 -15.53 -24.92 29.21
CA VAL D 307 -15.19 -25.85 30.29
C VAL D 307 -14.16 -25.30 31.29
N LYS D 308 -13.35 -24.34 30.86
CA LYS D 308 -12.48 -23.66 31.81
C LYS D 308 -13.30 -22.94 32.87
N GLU D 309 -14.35 -22.26 32.44
CA GLU D 309 -15.23 -21.59 33.40
C GLU D 309 -15.96 -22.57 34.31
N LEU D 310 -16.43 -23.69 33.76
CA LEU D 310 -17.08 -24.70 34.62
C LEU D 310 -16.13 -25.24 35.67
N ALA D 311 -14.87 -25.45 35.28
CA ALA D 311 -13.87 -25.91 36.26
C ALA D 311 -13.68 -24.86 37.36
N ALA D 312 -13.66 -23.58 36.99
CA ALA D 312 -13.55 -22.52 37.98
C ALA D 312 -14.77 -22.48 38.89
N ILE D 313 -15.95 -22.64 38.32
CA ILE D 313 -17.20 -22.71 39.10
C ILE D 313 -17.17 -23.87 40.12
N ARG D 314 -16.74 -25.04 39.68
CA ARG D 314 -16.60 -26.17 40.61
C ARG D 314 -15.65 -25.85 41.76
N GLU D 315 -14.55 -25.17 41.45
CA GLU D 315 -13.58 -24.84 42.50
C GLU D 315 -14.17 -23.87 43.52
N VAL D 316 -14.92 -22.87 43.03
CA VAL D 316 -15.50 -21.87 43.89
C VAL D 316 -16.57 -22.49 44.80
N PHE D 317 -17.48 -23.26 44.21
CA PHE D 317 -18.71 -23.67 44.91
C PHE D 317 -18.67 -25.06 45.52
N GLY D 318 -17.81 -25.91 44.99
CA GLY D 318 -17.71 -27.29 45.47
C GLY D 318 -18.98 -28.01 45.08
N ASP D 319 -19.51 -28.82 45.99
CA ASP D 319 -20.68 -29.65 45.67
C ASP D 319 -21.98 -28.84 45.61
N LYS D 320 -21.95 -27.62 46.13
CA LYS D 320 -23.15 -26.78 46.21
C LYS D 320 -23.08 -25.58 45.27
N SER D 321 -23.12 -25.88 43.99
CA SER D 321 -23.06 -24.87 42.94
C SER D 321 -24.45 -24.34 42.54
N PRO D 322 -24.49 -23.10 42.06
CA PRO D 322 -25.80 -22.54 41.70
C PRO D 322 -26.38 -23.14 40.41
N ALA D 323 -27.65 -22.85 40.13
CA ALA D 323 -28.19 -23.10 38.80
C ALA D 323 -27.39 -22.23 37.82
N ILE D 324 -27.08 -22.77 36.65
CA ILE D 324 -26.27 -22.05 35.65
C ILE D 324 -26.99 -22.04 34.30
N SER D 325 -26.97 -20.92 33.60
CA SER D 325 -27.27 -21.00 32.17
C SER D 325 -26.42 -19.99 31.43
N ALA D 326 -26.14 -20.30 30.16
CA ALA D 326 -25.39 -19.42 29.29
C ALA D 326 -26.36 -18.78 28.30
N THR D 327 -26.72 -17.54 28.56
CA THR D 327 -27.66 -16.88 27.68
C THR D 327 -27.06 -16.57 26.32
N LYS D 328 -25.73 -16.69 26.13
CA LYS D 328 -25.17 -16.46 24.81
C LYS D 328 -25.65 -17.50 23.79
N ALA D 329 -26.11 -18.65 24.28
CA ALA D 329 -26.63 -19.64 23.35
C ALA D 329 -27.86 -19.10 22.63
N MET D 330 -28.63 -18.19 23.29
CA MET D 330 -29.74 -17.47 22.63
C MET D 330 -29.27 -16.21 21.91
N THR D 331 -28.39 -15.45 22.55
CA THR D 331 -28.18 -14.05 22.12
C THR D 331 -26.95 -13.84 21.25
N GLY D 332 -26.01 -14.79 21.25
CA GLY D 332 -24.69 -14.51 20.68
C GLY D 332 -23.90 -13.62 21.62
N HIS D 333 -22.69 -13.30 21.19
CA HIS D 333 -21.71 -12.60 22.01
C HIS D 333 -21.57 -11.16 21.54
N SER D 334 -22.11 -10.21 22.31
CA SER D 334 -22.12 -8.81 21.89
C SER D 334 -20.92 -8.03 22.41
N LEU D 335 -19.86 -8.73 22.83
CA LEU D 335 -18.53 -8.13 23.03
C LEU D 335 -18.65 -7.02 24.09
N GLY D 336 -18.41 -5.75 23.74
CA GLY D 336 -18.48 -4.68 24.73
C GLY D 336 -19.85 -4.52 25.38
N ALA D 337 -20.91 -4.97 24.72
CA ALA D 337 -22.25 -4.84 25.28
C ALA D 337 -22.64 -6.04 26.15
N ALA D 338 -21.83 -7.09 26.18
CA ALA D 338 -22.25 -8.33 26.77
C ALA D 338 -22.42 -8.19 28.28
N GLY D 339 -21.52 -7.49 28.95
CA GLY D 339 -21.54 -7.45 30.42
C GLY D 339 -22.84 -6.81 30.90
N VAL D 340 -23.19 -5.65 30.34
CA VAL D 340 -24.39 -4.96 30.78
C VAL D 340 -25.65 -5.71 30.30
N GLN D 341 -25.63 -6.27 29.08
CA GLN D 341 -26.82 -7.01 28.67
C GLN D 341 -27.08 -8.21 29.53
N GLU D 342 -26.01 -8.91 29.89
CA GLU D 342 -26.15 -10.10 30.73
C GLU D 342 -26.47 -9.75 32.19
N ALA D 343 -26.00 -8.59 32.67
CA ALA D 343 -26.45 -8.10 33.97
C ALA D 343 -27.94 -7.83 33.88
N ILE D 344 -28.41 -7.24 32.78
CA ILE D 344 -29.84 -7.03 32.60
C ILE D 344 -30.62 -8.33 32.54
N TYR D 345 -30.14 -9.33 31.78
CA TYR D 345 -30.88 -10.59 31.74
C TYR D 345 -30.97 -11.16 33.16
N SER D 346 -29.87 -11.08 33.90
CA SER D 346 -29.83 -11.60 35.27
C SER D 346 -30.79 -10.83 36.19
N LEU D 347 -30.87 -9.51 36.03
CA LEU D 347 -31.79 -8.70 36.82
C LEU D 347 -33.22 -9.04 36.44
N LEU D 348 -33.49 -9.32 35.16
CA LEU D 348 -34.87 -9.69 34.77
C LEU D 348 -35.26 -11.04 35.35
N MET D 349 -34.31 -11.96 35.41
CA MET D 349 -34.56 -13.27 36.06
C MET D 349 -34.84 -13.09 37.55
N LEU D 350 -34.05 -12.23 38.19
CA LEU D 350 -34.25 -11.95 39.61
C LEU D 350 -35.61 -11.26 39.84
N GLU D 351 -35.92 -10.27 39.00
CA GLU D 351 -37.16 -9.49 39.15
C GLU D 351 -38.43 -10.30 38.88
N HIS D 352 -38.35 -11.24 37.95
CA HIS D 352 -39.54 -11.98 37.48
C HIS D 352 -39.52 -13.44 37.91
N GLY D 353 -38.52 -13.83 38.69
CA GLY D 353 -38.53 -15.16 39.36
C GLY D 353 -38.46 -16.34 38.40
N PHE D 354 -37.46 -16.34 37.52
CA PHE D 354 -37.26 -17.48 36.66
C PHE D 354 -35.81 -17.59 36.26
N ILE D 355 -35.43 -18.79 35.82
CA ILE D 355 -34.14 -19.02 35.23
C ILE D 355 -34.32 -19.28 33.73
N ALA D 356 -33.62 -18.48 32.90
CA ALA D 356 -33.63 -18.66 31.45
C ALA D 356 -32.85 -19.90 31.08
N PRO D 357 -33.30 -20.63 30.05
CA PRO D 357 -32.64 -21.90 29.68
C PRO D 357 -31.31 -21.70 28.98
N SER D 358 -30.39 -22.66 29.16
CA SER D 358 -29.18 -22.77 28.38
C SER D 358 -29.55 -23.63 27.19
N ILE D 359 -29.76 -23.00 26.02
CA ILE D 359 -30.35 -23.72 24.90
C ILE D 359 -29.32 -24.44 24.04
N ASN D 360 -29.82 -25.28 23.13
CA ASN D 360 -29.00 -25.97 22.13
C ASN D 360 -28.01 -27.02 22.69
N ILE D 361 -28.25 -27.52 23.90
CA ILE D 361 -27.40 -28.59 24.42
C ILE D 361 -27.98 -29.92 24.01
N GLU D 362 -27.51 -30.42 22.88
CA GLU D 362 -27.99 -31.70 22.36
C GLU D 362 -27.23 -32.84 23.00
N GLU D 363 -25.97 -32.60 23.30
CA GLU D 363 -25.12 -33.54 24.01
C GLU D 363 -24.23 -32.76 24.97
N LEU D 364 -24.48 -32.95 26.25
CA LEU D 364 -23.75 -32.18 27.27
C LEU D 364 -22.29 -32.60 27.29
N ASP D 365 -21.41 -31.62 27.32
CA ASP D 365 -19.99 -31.86 27.39
C ASP D 365 -19.65 -32.73 28.59
N GLU D 366 -18.74 -33.68 28.36
CA GLU D 366 -18.25 -34.58 29.42
C GLU D 366 -17.74 -33.76 30.59
N GLN D 367 -16.97 -32.71 30.29
CA GLN D 367 -16.34 -31.90 31.33
C GLN D 367 -17.36 -31.00 32.01
N ALA D 368 -18.65 -31.19 31.70
CA ALA D 368 -19.72 -30.36 32.27
C ALA D 368 -20.62 -31.13 33.24
N ALA D 369 -20.12 -32.26 33.75
CA ALA D 369 -20.88 -33.15 34.64
C ALA D 369 -20.92 -32.66 36.08
N GLY D 370 -21.99 -33.00 36.80
CA GLY D 370 -22.07 -32.70 38.23
C GLY D 370 -22.41 -31.25 38.57
N LEU D 371 -22.87 -30.51 37.58
CA LEU D 371 -23.33 -29.14 37.79
C LEU D 371 -24.80 -29.05 37.43
N ASN D 372 -25.43 -27.93 37.73
CA ASN D 372 -26.85 -27.76 37.48
C ASN D 372 -27.05 -26.77 36.35
N ILE D 373 -26.76 -27.22 35.14
CA ILE D 373 -26.96 -26.42 33.95
C ILE D 373 -28.43 -26.55 33.56
N VAL D 374 -29.13 -25.42 33.61
CA VAL D 374 -30.59 -25.40 33.41
C VAL D 374 -30.87 -25.29 31.94
N THR D 375 -31.66 -26.22 31.40
CA THR D 375 -31.90 -26.31 29.97
C THR D 375 -33.35 -26.05 29.56
N GLU D 376 -34.21 -25.80 30.55
CA GLU D 376 -35.61 -25.45 30.30
C GLU D 376 -35.95 -24.30 31.22
N THR D 377 -36.77 -23.37 30.74
CA THR D 377 -37.20 -22.25 31.58
C THR D 377 -37.79 -22.76 32.87
N THR D 378 -37.30 -22.22 33.99
CA THR D 378 -37.67 -22.75 35.30
C THR D 378 -38.11 -21.61 36.20
N ASP D 379 -39.36 -21.63 36.65
CA ASP D 379 -39.79 -20.62 37.61
C ASP D 379 -39.16 -20.92 38.96
N ARG D 380 -38.62 -19.90 39.59
CA ARG D 380 -37.93 -20.06 40.84
C ARG D 380 -37.79 -18.70 41.51
N GLU D 381 -38.03 -18.66 42.83
CA GLU D 381 -37.78 -17.45 43.59
C GLU D 381 -36.30 -17.25 43.87
N LEU D 382 -35.70 -16.34 43.14
CA LEU D 382 -34.28 -16.06 43.26
C LEU D 382 -34.09 -14.89 44.18
N THR D 383 -32.98 -14.91 44.90
CA THR D 383 -32.62 -13.77 45.75
C THR D 383 -31.28 -13.13 45.38
N THR D 384 -30.31 -13.96 45.02
CA THR D 384 -28.96 -13.49 44.74
C THR D 384 -28.50 -14.12 43.44
N VAL D 385 -28.01 -13.30 42.51
CA VAL D 385 -27.57 -13.83 41.22
C VAL D 385 -26.16 -13.30 40.91
N MET D 386 -25.45 -14.05 40.06
CA MET D 386 -24.07 -13.72 39.70
C MET D 386 -23.94 -13.75 38.20
N SER D 387 -23.15 -12.82 37.65
CA SER D 387 -22.91 -12.81 36.22
C SER D 387 -21.40 -12.64 35.96
N ASN D 388 -20.85 -13.54 35.14
CA ASN D 388 -19.39 -13.54 34.82
C ASN D 388 -19.09 -13.00 33.44
N SER D 389 -17.99 -12.24 33.34
CA SER D 389 -17.54 -11.72 32.03
C SER D 389 -16.03 -11.87 31.99
N PHE D 390 -15.53 -12.76 31.16
CA PHE D 390 -14.10 -13.06 31.15
C PHE D 390 -13.53 -12.79 29.77
N GLY D 391 -12.85 -11.64 29.59
CA GLY D 391 -12.44 -11.12 28.27
C GLY D 391 -11.05 -11.51 27.79
N PHE D 392 -10.82 -11.42 26.46
CA PHE D 392 -9.46 -11.50 25.90
C PHE D 392 -8.52 -10.61 26.64
N GLY D 393 -7.28 -11.08 26.76
CA GLY D 393 -6.28 -10.39 27.53
C GLY D 393 -6.32 -10.79 28.97
N GLY D 394 -7.11 -11.85 29.28
CA GLY D 394 -7.18 -12.37 30.62
C GLY D 394 -7.79 -11.42 31.62
N THR D 395 -8.79 -10.67 31.21
CA THR D 395 -9.42 -9.74 32.10
C THR D 395 -10.76 -10.23 32.57
N ASN D 396 -10.99 -10.22 33.87
CA ASN D 396 -12.19 -10.85 34.44
C ASN D 396 -13.01 -9.87 35.24
N ALA D 397 -14.34 -9.93 35.08
CA ALA D 397 -15.25 -9.19 35.92
C ALA D 397 -16.36 -10.14 36.37
N THR D 398 -16.82 -9.98 37.60
CA THR D 398 -18.00 -10.70 38.10
C THR D 398 -18.85 -9.71 38.86
N LEU D 399 -20.16 -9.77 38.64
CA LEU D 399 -21.09 -8.92 39.41
C LEU D 399 -22.03 -9.86 40.18
N VAL D 400 -22.32 -9.48 41.43
CA VAL D 400 -23.31 -10.18 42.23
C VAL D 400 -24.39 -9.18 42.61
N MET D 401 -25.63 -9.56 42.34
CA MET D 401 -26.78 -8.69 42.52
C MET D 401 -27.78 -9.38 43.42
N ARG D 402 -28.36 -8.62 44.35
CA ARG D 402 -29.24 -9.23 45.34
C ARG D 402 -30.44 -8.34 45.61
N LYS D 403 -31.61 -8.97 45.80
CA LYS D 403 -32.79 -8.19 46.18
C LYS D 403 -32.54 -7.45 47.46
N LEU D 404 -33.16 -6.27 47.60
CA LEU D 404 -33.22 -5.65 48.92
C LEU D 404 -34.24 -6.36 49.79
#